data_3ES1
# 
_entry.id   3ES1 
# 
_audit_conform.dict_name       mmcif_pdbx.dic 
_audit_conform.dict_version    5.398 
_audit_conform.dict_location   http://mmcif.pdb.org/dictionaries/ascii/mmcif_pdbx.dic 
# 
loop_
_database_2.database_id 
_database_2.database_code 
_database_2.pdbx_database_accession 
_database_2.pdbx_DOI 
PDB   3ES1         pdb_00003es1 10.2210/pdb3es1/pdb 
RCSB  RCSB049695   ?            ?                   
WWPDB D_1000049695 ?            ?                   
# 
loop_
_pdbx_audit_revision_history.ordinal 
_pdbx_audit_revision_history.data_content_type 
_pdbx_audit_revision_history.major_revision 
_pdbx_audit_revision_history.minor_revision 
_pdbx_audit_revision_history.revision_date 
1 'Structure model' 1 0 2008-10-14 
2 'Structure model' 1 1 2011-07-13 
3 'Structure model' 1 2 2017-10-25 
4 'Structure model' 1 3 2019-07-24 
5 'Structure model' 1 4 2023-02-01 
6 'Structure model' 1 5 2024-11-06 
# 
_pdbx_audit_revision_details.ordinal             1 
_pdbx_audit_revision_details.revision_ordinal    1 
_pdbx_audit_revision_details.data_content_type   'Structure model' 
_pdbx_audit_revision_details.provider            repository 
_pdbx_audit_revision_details.type                'Initial release' 
_pdbx_audit_revision_details.description         ? 
_pdbx_audit_revision_details.details             ? 
# 
loop_
_pdbx_audit_revision_group.ordinal 
_pdbx_audit_revision_group.revision_ordinal 
_pdbx_audit_revision_group.data_content_type 
_pdbx_audit_revision_group.group 
1  2 'Structure model' Advisory                    
2  2 'Structure model' 'Version format compliance' 
3  3 'Structure model' 'Refinement description'    
4  4 'Structure model' 'Data collection'           
5  4 'Structure model' 'Derived calculations'      
6  4 'Structure model' 'Refinement description'    
7  5 'Structure model' 'Database references'       
8  5 'Structure model' 'Derived calculations'      
9  6 'Structure model' 'Data collection'           
10 6 'Structure model' 'Structure summary'         
# 
loop_
_pdbx_audit_revision_category.ordinal 
_pdbx_audit_revision_category.revision_ordinal 
_pdbx_audit_revision_category.data_content_type 
_pdbx_audit_revision_category.category 
1  3 'Structure model' software                  
2  4 'Structure model' software                  
3  4 'Structure model' struct_conn               
4  5 'Structure model' database_2                
5  5 'Structure model' struct_ref_seq_dif        
6  5 'Structure model' struct_site               
7  6 'Structure model' chem_comp_atom            
8  6 'Structure model' chem_comp_bond            
9  6 'Structure model' pdbx_entry_details        
10 6 'Structure model' pdbx_modification_feature 
# 
loop_
_pdbx_audit_revision_item.ordinal 
_pdbx_audit_revision_item.revision_ordinal 
_pdbx_audit_revision_item.data_content_type 
_pdbx_audit_revision_item.item 
1  3 'Structure model' '_software.classification'                     
2  3 'Structure model' '_software.name'                               
3  4 'Structure model' '_software.classification'                     
4  4 'Structure model' '_software.contact_author'                     
5  4 'Structure model' '_software.contact_author_email'               
6  4 'Structure model' '_software.language'                           
7  4 'Structure model' '_software.location'                           
8  4 'Structure model' '_software.name'                               
9  4 'Structure model' '_software.type'                               
10 4 'Structure model' '_software.version'                            
11 4 'Structure model' '_struct_conn.pdbx_leaving_atom_flag'          
12 5 'Structure model' '_database_2.pdbx_DOI'                         
13 5 'Structure model' '_database_2.pdbx_database_accession'          
14 5 'Structure model' '_struct_ref_seq_dif.details'                  
15 5 'Structure model' '_struct_site.pdbx_auth_asym_id'               
16 5 'Structure model' '_struct_site.pdbx_auth_comp_id'               
17 5 'Structure model' '_struct_site.pdbx_auth_seq_id'                
18 6 'Structure model' '_pdbx_entry_details.has_protein_modification' 
# 
_pdbx_database_status.SG_entry                        Y 
_pdbx_database_status.entry_id                        3ES1 
_pdbx_database_status.deposit_site                    RCSB 
_pdbx_database_status.process_site                    RCSB 
_pdbx_database_status.recvd_initial_deposition_date   2008-10-03 
_pdbx_database_status.status_code                     REL 
_pdbx_database_status.status_code_sf                  REL 
_pdbx_database_status.status_code_mr                  ? 
_pdbx_database_status.pdb_format_compatible           Y 
_pdbx_database_status.status_code_cs                  ? 
_pdbx_database_status.methods_development_category    ? 
_pdbx_database_status.status_code_nmr_data            ? 
# 
_pdbx_database_related.db_name        TargetDB 
_pdbx_database_related.db_id          391033 
_pdbx_database_related.details        . 
_pdbx_database_related.content_type   unspecified 
# 
_audit_author.name           'Joint Center for Structural Genomics (JCSG)' 
_audit_author.pdbx_ordinal   1 
# 
_citation.id                        primary 
_citation.title                     
;Crystal structure of protein with a cupin-like fold and unknown function (YP_001165807.1) from NOVOSPHINGOBIUM AROMATICIVORANS DSM 12444 at 1.91 A resolution
;
_citation.journal_abbrev            'To be published' 
_citation.journal_volume            ? 
_citation.page_first                ? 
_citation.page_last                 ? 
_citation.year                      ? 
_citation.journal_id_ASTM           ? 
_citation.country                   ? 
_citation.journal_id_ISSN           ? 
_citation.journal_id_CSD            0353 
_citation.book_publisher            ? 
_citation.pdbx_database_id_PubMed   ? 
_citation.pdbx_database_id_DOI      ? 
# 
_citation_author.citation_id        primary 
_citation_author.name               'Joint Center for Structural Genomics (JCSG)' 
_citation_author.ordinal            1 
_citation_author.identifier_ORCID   ? 
# 
loop_
_entity.id 
_entity.type 
_entity.src_method 
_entity.pdbx_description 
_entity.formula_weight 
_entity.pdbx_number_of_molecules 
_entity.pdbx_ec 
_entity.pdbx_mutation 
_entity.pdbx_fragment 
_entity.details 
1 polymer     man 'Cupin 2, conserved barrel domain protein' 18955.590 1   ? ? ? ? 
2 non-polymer syn 'CHLORIDE ION'                             35.453    1   ? ? ? ? 
3 water       nat water                                      18.015    188 ? ? ? ? 
# 
_entity_poly.entity_id                      1 
_entity_poly.type                           'polypeptide(L)' 
_entity_poly.nstd_linkage                   no 
_entity_poly.nstd_monomer                   yes 
_entity_poly.pdbx_seq_one_letter_code       
;G(MSE)SEALSDSGLPPVQRVVTGHDAHGRAVFKSEDVTPTR(MSE)IPSGDASFLLVWTTATVPADNNDETDGRQREAG
LTLDGGSVIRVVD(MSE)LPGKESP(MSE)HRTNSIDYGIVLEGEIELELDDGAKRTVRQGGIIVQRGTNHLWRNTTDKP
CRIAFILIEAPAYLHNGQPLPEDKPDHK
;
_entity_poly.pdbx_seq_one_letter_code_can   
;GMSEALSDSGLPPVQRVVTGHDAHGRAVFKSEDVTPTRMIPSGDASFLLVWTTATVPADNNDETDGRQREAGLTLDGGSV
IRVVDMLPGKESPMHRTNSIDYGIVLEGEIELELDDGAKRTVRQGGIIVQRGTNHLWRNTTDKPCRIAFILIEAPAYLHN
GQPLPEDKPDHK
;
_entity_poly.pdbx_strand_id                 A 
_entity_poly.pdbx_target_identifier         391033 
# 
loop_
_pdbx_entity_nonpoly.entity_id 
_pdbx_entity_nonpoly.name 
_pdbx_entity_nonpoly.comp_id 
2 'CHLORIDE ION' CL  
3 water          HOH 
# 
loop_
_entity_poly_seq.entity_id 
_entity_poly_seq.num 
_entity_poly_seq.mon_id 
_entity_poly_seq.hetero 
1 1   GLY n 
1 2   MSE n 
1 3   SER n 
1 4   GLU n 
1 5   ALA n 
1 6   LEU n 
1 7   SER n 
1 8   ASP n 
1 9   SER n 
1 10  GLY n 
1 11  LEU n 
1 12  PRO n 
1 13  PRO n 
1 14  VAL n 
1 15  GLN n 
1 16  ARG n 
1 17  VAL n 
1 18  VAL n 
1 19  THR n 
1 20  GLY n 
1 21  HIS n 
1 22  ASP n 
1 23  ALA n 
1 24  HIS n 
1 25  GLY n 
1 26  ARG n 
1 27  ALA n 
1 28  VAL n 
1 29  PHE n 
1 30  LYS n 
1 31  SER n 
1 32  GLU n 
1 33  ASP n 
1 34  VAL n 
1 35  THR n 
1 36  PRO n 
1 37  THR n 
1 38  ARG n 
1 39  MSE n 
1 40  ILE n 
1 41  PRO n 
1 42  SER n 
1 43  GLY n 
1 44  ASP n 
1 45  ALA n 
1 46  SER n 
1 47  PHE n 
1 48  LEU n 
1 49  LEU n 
1 50  VAL n 
1 51  TRP n 
1 52  THR n 
1 53  THR n 
1 54  ALA n 
1 55  THR n 
1 56  VAL n 
1 57  PRO n 
1 58  ALA n 
1 59  ASP n 
1 60  ASN n 
1 61  ASN n 
1 62  ASP n 
1 63  GLU n 
1 64  THR n 
1 65  ASP n 
1 66  GLY n 
1 67  ARG n 
1 68  GLN n 
1 69  ARG n 
1 70  GLU n 
1 71  ALA n 
1 72  GLY n 
1 73  LEU n 
1 74  THR n 
1 75  LEU n 
1 76  ASP n 
1 77  GLY n 
1 78  GLY n 
1 79  SER n 
1 80  VAL n 
1 81  ILE n 
1 82  ARG n 
1 83  VAL n 
1 84  VAL n 
1 85  ASP n 
1 86  MSE n 
1 87  LEU n 
1 88  PRO n 
1 89  GLY n 
1 90  LYS n 
1 91  GLU n 
1 92  SER n 
1 93  PRO n 
1 94  MSE n 
1 95  HIS n 
1 96  ARG n 
1 97  THR n 
1 98  ASN n 
1 99  SER n 
1 100 ILE n 
1 101 ASP n 
1 102 TYR n 
1 103 GLY n 
1 104 ILE n 
1 105 VAL n 
1 106 LEU n 
1 107 GLU n 
1 108 GLY n 
1 109 GLU n 
1 110 ILE n 
1 111 GLU n 
1 112 LEU n 
1 113 GLU n 
1 114 LEU n 
1 115 ASP n 
1 116 ASP n 
1 117 GLY n 
1 118 ALA n 
1 119 LYS n 
1 120 ARG n 
1 121 THR n 
1 122 VAL n 
1 123 ARG n 
1 124 GLN n 
1 125 GLY n 
1 126 GLY n 
1 127 ILE n 
1 128 ILE n 
1 129 VAL n 
1 130 GLN n 
1 131 ARG n 
1 132 GLY n 
1 133 THR n 
1 134 ASN n 
1 135 HIS n 
1 136 LEU n 
1 137 TRP n 
1 138 ARG n 
1 139 ASN n 
1 140 THR n 
1 141 THR n 
1 142 ASP n 
1 143 LYS n 
1 144 PRO n 
1 145 CYS n 
1 146 ARG n 
1 147 ILE n 
1 148 ALA n 
1 149 PHE n 
1 150 ILE n 
1 151 LEU n 
1 152 ILE n 
1 153 GLU n 
1 154 ALA n 
1 155 PRO n 
1 156 ALA n 
1 157 TYR n 
1 158 LEU n 
1 159 HIS n 
1 160 ASN n 
1 161 GLY n 
1 162 GLN n 
1 163 PRO n 
1 164 LEU n 
1 165 PRO n 
1 166 GLU n 
1 167 ASP n 
1 168 LYS n 
1 169 PRO n 
1 170 ASP n 
1 171 HIS n 
1 172 LYS n 
# 
_entity_src_gen.entity_id                          1 
_entity_src_gen.pdbx_src_id                        1 
_entity_src_gen.pdbx_alt_source_flag               sample 
_entity_src_gen.pdbx_seq_type                      ? 
_entity_src_gen.pdbx_beg_seq_num                   ? 
_entity_src_gen.pdbx_end_seq_num                   ? 
_entity_src_gen.gene_src_common_name               ? 
_entity_src_gen.gene_src_genus                     ? 
_entity_src_gen.pdbx_gene_src_gene                 'YP_001165807.1, Saro_3421,' 
_entity_src_gen.gene_src_species                   ? 
_entity_src_gen.gene_src_strain                    ? 
_entity_src_gen.gene_src_tissue                    ? 
_entity_src_gen.gene_src_tissue_fraction           ? 
_entity_src_gen.gene_src_details                   ? 
_entity_src_gen.pdbx_gene_src_fragment             ? 
_entity_src_gen.pdbx_gene_src_scientific_name      'Novosphingobium aromaticivorans DSM 12444' 
_entity_src_gen.pdbx_gene_src_ncbi_taxonomy_id     279238 
_entity_src_gen.pdbx_gene_src_variant              ? 
_entity_src_gen.pdbx_gene_src_cell_line            ? 
_entity_src_gen.pdbx_gene_src_atcc                 ? 
_entity_src_gen.pdbx_gene_src_organ                ? 
_entity_src_gen.pdbx_gene_src_organelle            ? 
_entity_src_gen.pdbx_gene_src_cell                 ? 
_entity_src_gen.pdbx_gene_src_cellular_location    ? 
_entity_src_gen.host_org_common_name               ? 
_entity_src_gen.pdbx_host_org_scientific_name      'Escherichia Coli' 
_entity_src_gen.pdbx_host_org_ncbi_taxonomy_id     562 
_entity_src_gen.host_org_genus                     ? 
_entity_src_gen.pdbx_host_org_gene                 ? 
_entity_src_gen.pdbx_host_org_organ                ? 
_entity_src_gen.host_org_species                   ? 
_entity_src_gen.pdbx_host_org_tissue               ? 
_entity_src_gen.pdbx_host_org_tissue_fraction      ? 
_entity_src_gen.pdbx_host_org_strain               HK100 
_entity_src_gen.pdbx_host_org_variant              ? 
_entity_src_gen.pdbx_host_org_cell_line            ? 
_entity_src_gen.pdbx_host_org_atcc                 ? 
_entity_src_gen.pdbx_host_org_culture_collection   ? 
_entity_src_gen.pdbx_host_org_cell                 ? 
_entity_src_gen.pdbx_host_org_organelle            ? 
_entity_src_gen.pdbx_host_org_cellular_location    ? 
_entity_src_gen.pdbx_host_org_vector_type          Plasmid 
_entity_src_gen.pdbx_host_org_vector               ? 
_entity_src_gen.host_org_details                   ? 
_entity_src_gen.expression_system_id               ? 
_entity_src_gen.plasmid_name                       SpeedET 
_entity_src_gen.plasmid_details                    ? 
_entity_src_gen.pdbx_description                   ? 
# 
loop_
_chem_comp.id 
_chem_comp.type 
_chem_comp.mon_nstd_flag 
_chem_comp.name 
_chem_comp.pdbx_synonyms 
_chem_comp.formula 
_chem_comp.formula_weight 
ALA 'L-peptide linking' y ALANINE          ? 'C3 H7 N O2'     89.093  
ARG 'L-peptide linking' y ARGININE         ? 'C6 H15 N4 O2 1' 175.209 
ASN 'L-peptide linking' y ASPARAGINE       ? 'C4 H8 N2 O3'    132.118 
ASP 'L-peptide linking' y 'ASPARTIC ACID'  ? 'C4 H7 N O4'     133.103 
CL  non-polymer         . 'CHLORIDE ION'   ? 'Cl -1'          35.453  
CYS 'L-peptide linking' y CYSTEINE         ? 'C3 H7 N O2 S'   121.158 
GLN 'L-peptide linking' y GLUTAMINE        ? 'C5 H10 N2 O3'   146.144 
GLU 'L-peptide linking' y 'GLUTAMIC ACID'  ? 'C5 H9 N O4'     147.129 
GLY 'peptide linking'   y GLYCINE          ? 'C2 H5 N O2'     75.067  
HIS 'L-peptide linking' y HISTIDINE        ? 'C6 H10 N3 O2 1' 156.162 
HOH non-polymer         . WATER            ? 'H2 O'           18.015  
ILE 'L-peptide linking' y ISOLEUCINE       ? 'C6 H13 N O2'    131.173 
LEU 'L-peptide linking' y LEUCINE          ? 'C6 H13 N O2'    131.173 
LYS 'L-peptide linking' y LYSINE           ? 'C6 H15 N2 O2 1' 147.195 
MSE 'L-peptide linking' n SELENOMETHIONINE ? 'C5 H11 N O2 Se' 196.106 
PHE 'L-peptide linking' y PHENYLALANINE    ? 'C9 H11 N O2'    165.189 
PRO 'L-peptide linking' y PROLINE          ? 'C5 H9 N O2'     115.130 
SER 'L-peptide linking' y SERINE           ? 'C3 H7 N O3'     105.093 
THR 'L-peptide linking' y THREONINE        ? 'C4 H9 N O3'     119.119 
TRP 'L-peptide linking' y TRYPTOPHAN       ? 'C11 H12 N2 O2'  204.225 
TYR 'L-peptide linking' y TYROSINE         ? 'C9 H11 N O3'    181.189 
VAL 'L-peptide linking' y VALINE           ? 'C5 H11 N O2'    117.146 
# 
loop_
_pdbx_poly_seq_scheme.asym_id 
_pdbx_poly_seq_scheme.entity_id 
_pdbx_poly_seq_scheme.seq_id 
_pdbx_poly_seq_scheme.mon_id 
_pdbx_poly_seq_scheme.ndb_seq_num 
_pdbx_poly_seq_scheme.pdb_seq_num 
_pdbx_poly_seq_scheme.auth_seq_num 
_pdbx_poly_seq_scheme.pdb_mon_id 
_pdbx_poly_seq_scheme.auth_mon_id 
_pdbx_poly_seq_scheme.pdb_strand_id 
_pdbx_poly_seq_scheme.pdb_ins_code 
_pdbx_poly_seq_scheme.hetero 
A 1 1   GLY 1   0   ?   ?   ?   A . n 
A 1 2   MSE 2   1   ?   ?   ?   A . n 
A 1 3   SER 3   2   ?   ?   ?   A . n 
A 1 4   GLU 4   3   3   GLU GLU A . n 
A 1 5   ALA 5   4   4   ALA ALA A . n 
A 1 6   LEU 6   5   5   LEU LEU A . n 
A 1 7   SER 7   6   6   SER SER A . n 
A 1 8   ASP 8   7   7   ASP ASP A . n 
A 1 9   SER 9   8   8   SER SER A . n 
A 1 10  GLY 10  9   9   GLY GLY A . n 
A 1 11  LEU 11  10  10  LEU LEU A . n 
A 1 12  PRO 12  11  11  PRO PRO A . n 
A 1 13  PRO 13  12  12  PRO PRO A . n 
A 1 14  VAL 14  13  13  VAL VAL A . n 
A 1 15  GLN 15  14  14  GLN GLN A . n 
A 1 16  ARG 16  15  15  ARG ARG A . n 
A 1 17  VAL 17  16  16  VAL VAL A . n 
A 1 18  VAL 18  17  17  VAL VAL A . n 
A 1 19  THR 19  18  18  THR THR A . n 
A 1 20  GLY 20  19  19  GLY GLY A . n 
A 1 21  HIS 21  20  20  HIS HIS A . n 
A 1 22  ASP 22  21  21  ASP ASP A . n 
A 1 23  ALA 23  22  22  ALA ALA A . n 
A 1 24  HIS 24  23  23  HIS HIS A . n 
A 1 25  GLY 25  24  24  GLY GLY A . n 
A 1 26  ARG 26  25  25  ARG ARG A . n 
A 1 27  ALA 27  26  26  ALA ALA A . n 
A 1 28  VAL 28  27  27  VAL VAL A . n 
A 1 29  PHE 29  28  28  PHE PHE A . n 
A 1 30  LYS 30  29  29  LYS LYS A . n 
A 1 31  SER 31  30  30  SER SER A . n 
A 1 32  GLU 32  31  31  GLU GLU A . n 
A 1 33  ASP 33  32  32  ASP ASP A . n 
A 1 34  VAL 34  33  33  VAL VAL A . n 
A 1 35  THR 35  34  34  THR THR A . n 
A 1 36  PRO 36  35  35  PRO PRO A . n 
A 1 37  THR 37  36  36  THR THR A . n 
A 1 38  ARG 38  37  37  ARG ARG A . n 
A 1 39  MSE 39  38  38  MSE MSE A . n 
A 1 40  ILE 40  39  39  ILE ILE A . n 
A 1 41  PRO 41  40  40  PRO PRO A . n 
A 1 42  SER 42  41  41  SER SER A . n 
A 1 43  GLY 43  42  42  GLY GLY A . n 
A 1 44  ASP 44  43  43  ASP ASP A . n 
A 1 45  ALA 45  44  44  ALA ALA A . n 
A 1 46  SER 46  45  45  SER SER A . n 
A 1 47  PHE 47  46  46  PHE PHE A . n 
A 1 48  LEU 48  47  47  LEU LEU A . n 
A 1 49  LEU 49  48  48  LEU LEU A . n 
A 1 50  VAL 50  49  49  VAL VAL A . n 
A 1 51  TRP 51  50  50  TRP TRP A . n 
A 1 52  THR 52  51  51  THR THR A . n 
A 1 53  THR 53  52  52  THR THR A . n 
A 1 54  ALA 54  53  53  ALA ALA A . n 
A 1 55  THR 55  54  54  THR THR A . n 
A 1 56  VAL 56  55  55  VAL VAL A . n 
A 1 57  PRO 57  56  56  PRO PRO A . n 
A 1 58  ALA 58  57  57  ALA ALA A . n 
A 1 59  ASP 59  58  58  ASP ASP A . n 
A 1 60  ASN 60  59  59  ASN ASN A . n 
A 1 61  ASN 61  60  60  ASN ASN A . n 
A 1 62  ASP 62  61  61  ASP ASP A . n 
A 1 63  GLU 63  62  62  GLU GLU A . n 
A 1 64  THR 64  63  63  THR THR A . n 
A 1 65  ASP 65  64  64  ASP ASP A . n 
A 1 66  GLY 66  65  65  GLY GLY A . n 
A 1 67  ARG 67  66  66  ARG ARG A . n 
A 1 68  GLN 68  67  67  GLN GLN A . n 
A 1 69  ARG 69  68  68  ARG ARG A . n 
A 1 70  GLU 70  69  69  GLU GLU A . n 
A 1 71  ALA 71  70  70  ALA ALA A . n 
A 1 72  GLY 72  71  71  GLY GLY A . n 
A 1 73  LEU 73  72  72  LEU LEU A . n 
A 1 74  THR 74  73  73  THR THR A . n 
A 1 75  LEU 75  74  74  LEU LEU A . n 
A 1 76  ASP 76  75  75  ASP ASP A . n 
A 1 77  GLY 77  76  76  GLY GLY A . n 
A 1 78  GLY 78  77  77  GLY GLY A . n 
A 1 79  SER 79  78  78  SER SER A . n 
A 1 80  VAL 80  79  79  VAL VAL A . n 
A 1 81  ILE 81  80  80  ILE ILE A . n 
A 1 82  ARG 82  81  81  ARG ARG A . n 
A 1 83  VAL 83  82  82  VAL VAL A . n 
A 1 84  VAL 84  83  83  VAL VAL A . n 
A 1 85  ASP 85  84  84  ASP ASP A . n 
A 1 86  MSE 86  85  85  MSE MSE A . n 
A 1 87  LEU 87  86  86  LEU LEU A . n 
A 1 88  PRO 88  87  87  PRO PRO A . n 
A 1 89  GLY 89  88  88  GLY GLY A . n 
A 1 90  LYS 90  89  89  LYS LYS A . n 
A 1 91  GLU 91  90  90  GLU GLU A . n 
A 1 92  SER 92  91  91  SER SER A . n 
A 1 93  PRO 93  92  92  PRO PRO A . n 
A 1 94  MSE 94  93  93  MSE MSE A . n 
A 1 95  HIS 95  94  94  HIS HIS A . n 
A 1 96  ARG 96  95  95  ARG ARG A . n 
A 1 97  THR 97  96  96  THR THR A . n 
A 1 98  ASN 98  97  97  ASN ASN A . n 
A 1 99  SER 99  98  98  SER SER A . n 
A 1 100 ILE 100 99  99  ILE ILE A . n 
A 1 101 ASP 101 100 100 ASP ASP A . n 
A 1 102 TYR 102 101 101 TYR TYR A . n 
A 1 103 GLY 103 102 102 GLY GLY A . n 
A 1 104 ILE 104 103 103 ILE ILE A . n 
A 1 105 VAL 105 104 104 VAL VAL A . n 
A 1 106 LEU 106 105 105 LEU LEU A . n 
A 1 107 GLU 107 106 106 GLU GLU A . n 
A 1 108 GLY 108 107 107 GLY GLY A . n 
A 1 109 GLU 109 108 108 GLU GLU A . n 
A 1 110 ILE 110 109 109 ILE ILE A . n 
A 1 111 GLU 111 110 110 GLU GLU A . n 
A 1 112 LEU 112 111 111 LEU LEU A . n 
A 1 113 GLU 113 112 112 GLU GLU A . n 
A 1 114 LEU 114 113 113 LEU LEU A . n 
A 1 115 ASP 115 114 114 ASP ASP A . n 
A 1 116 ASP 116 115 115 ASP ASP A . n 
A 1 117 GLY 117 116 116 GLY GLY A . n 
A 1 118 ALA 118 117 117 ALA ALA A . n 
A 1 119 LYS 119 118 118 LYS LYS A . n 
A 1 120 ARG 120 119 119 ARG ARG A . n 
A 1 121 THR 121 120 120 THR THR A . n 
A 1 122 VAL 122 121 121 VAL VAL A . n 
A 1 123 ARG 123 122 122 ARG ARG A . n 
A 1 124 GLN 124 123 123 GLN GLN A . n 
A 1 125 GLY 125 124 124 GLY GLY A . n 
A 1 126 GLY 126 125 125 GLY GLY A . n 
A 1 127 ILE 127 126 126 ILE ILE A . n 
A 1 128 ILE 128 127 127 ILE ILE A . n 
A 1 129 VAL 129 128 128 VAL VAL A . n 
A 1 130 GLN 130 129 129 GLN GLN A . n 
A 1 131 ARG 131 130 130 ARG ARG A . n 
A 1 132 GLY 132 131 131 GLY GLY A . n 
A 1 133 THR 133 132 132 THR THR A . n 
A 1 134 ASN 134 133 133 ASN ASN A . n 
A 1 135 HIS 135 134 134 HIS HIS A . n 
A 1 136 LEU 136 135 135 LEU LEU A . n 
A 1 137 TRP 137 136 136 TRP TRP A . n 
A 1 138 ARG 138 137 137 ARG ARG A . n 
A 1 139 ASN 139 138 138 ASN ASN A . n 
A 1 140 THR 140 139 139 THR THR A . n 
A 1 141 THR 141 140 140 THR THR A . n 
A 1 142 ASP 142 141 141 ASP ASP A . n 
A 1 143 LYS 143 142 142 LYS LYS A . n 
A 1 144 PRO 144 143 143 PRO PRO A . n 
A 1 145 CYS 145 144 144 CYS CYS A . n 
A 1 146 ARG 146 145 145 ARG ARG A . n 
A 1 147 ILE 147 146 146 ILE ILE A . n 
A 1 148 ALA 148 147 147 ALA ALA A . n 
A 1 149 PHE 149 148 148 PHE PHE A . n 
A 1 150 ILE 150 149 149 ILE ILE A . n 
A 1 151 LEU 151 150 150 LEU LEU A . n 
A 1 152 ILE 152 151 151 ILE ILE A . n 
A 1 153 GLU 153 152 152 GLU GLU A . n 
A 1 154 ALA 154 153 153 ALA ALA A . n 
A 1 155 PRO 155 154 154 PRO PRO A . n 
A 1 156 ALA 156 155 155 ALA ALA A . n 
A 1 157 TYR 157 156 156 TYR TYR A . n 
A 1 158 LEU 158 157 157 LEU LEU A . n 
A 1 159 HIS 159 158 158 HIS HIS A . n 
A 1 160 ASN 160 159 159 ASN ASN A . n 
A 1 161 GLY 161 160 160 GLY GLY A . n 
A 1 162 GLN 162 161 161 GLN GLN A . n 
A 1 163 PRO 163 162 162 PRO PRO A . n 
A 1 164 LEU 164 163 163 LEU LEU A . n 
A 1 165 PRO 165 164 164 PRO PRO A . n 
A 1 166 GLU 166 165 165 GLU GLU A . n 
A 1 167 ASP 167 166 ?   ?   ?   A . n 
A 1 168 LYS 168 167 ?   ?   ?   A . n 
A 1 169 PRO 169 168 ?   ?   ?   A . n 
A 1 170 ASP 170 169 ?   ?   ?   A . n 
A 1 171 HIS 171 170 ?   ?   ?   A . n 
A 1 172 LYS 172 171 ?   ?   ?   A . n 
# 
loop_
_pdbx_nonpoly_scheme.asym_id 
_pdbx_nonpoly_scheme.entity_id 
_pdbx_nonpoly_scheme.mon_id 
_pdbx_nonpoly_scheme.ndb_seq_num 
_pdbx_nonpoly_scheme.pdb_seq_num 
_pdbx_nonpoly_scheme.auth_seq_num 
_pdbx_nonpoly_scheme.pdb_mon_id 
_pdbx_nonpoly_scheme.auth_mon_id 
_pdbx_nonpoly_scheme.pdb_strand_id 
_pdbx_nonpoly_scheme.pdb_ins_code 
B 2 CL  1   172 1   CL  CL  A . 
C 3 HOH 1   173 2   HOH HOH A . 
C 3 HOH 2   174 3   HOH HOH A . 
C 3 HOH 3   175 4   HOH HOH A . 
C 3 HOH 4   176 5   HOH HOH A . 
C 3 HOH 5   177 6   HOH HOH A . 
C 3 HOH 6   178 7   HOH HOH A . 
C 3 HOH 7   179 8   HOH HOH A . 
C 3 HOH 8   180 9   HOH HOH A . 
C 3 HOH 9   181 10  HOH HOH A . 
C 3 HOH 10  182 11  HOH HOH A . 
C 3 HOH 11  183 12  HOH HOH A . 
C 3 HOH 12  184 13  HOH HOH A . 
C 3 HOH 13  185 14  HOH HOH A . 
C 3 HOH 14  186 15  HOH HOH A . 
C 3 HOH 15  187 16  HOH HOH A . 
C 3 HOH 16  188 17  HOH HOH A . 
C 3 HOH 17  189 18  HOH HOH A . 
C 3 HOH 18  190 19  HOH HOH A . 
C 3 HOH 19  191 20  HOH HOH A . 
C 3 HOH 20  192 21  HOH HOH A . 
C 3 HOH 21  193 22  HOH HOH A . 
C 3 HOH 22  194 23  HOH HOH A . 
C 3 HOH 23  195 24  HOH HOH A . 
C 3 HOH 24  196 25  HOH HOH A . 
C 3 HOH 25  197 26  HOH HOH A . 
C 3 HOH 26  198 27  HOH HOH A . 
C 3 HOH 27  199 28  HOH HOH A . 
C 3 HOH 28  200 29  HOH HOH A . 
C 3 HOH 29  201 30  HOH HOH A . 
C 3 HOH 30  202 31  HOH HOH A . 
C 3 HOH 31  203 32  HOH HOH A . 
C 3 HOH 32  204 33  HOH HOH A . 
C 3 HOH 33  205 34  HOH HOH A . 
C 3 HOH 34  206 35  HOH HOH A . 
C 3 HOH 35  207 36  HOH HOH A . 
C 3 HOH 36  208 37  HOH HOH A . 
C 3 HOH 37  209 38  HOH HOH A . 
C 3 HOH 38  210 39  HOH HOH A . 
C 3 HOH 39  211 40  HOH HOH A . 
C 3 HOH 40  212 41  HOH HOH A . 
C 3 HOH 41  213 42  HOH HOH A . 
C 3 HOH 42  214 43  HOH HOH A . 
C 3 HOH 43  215 44  HOH HOH A . 
C 3 HOH 44  216 45  HOH HOH A . 
C 3 HOH 45  217 46  HOH HOH A . 
C 3 HOH 46  218 47  HOH HOH A . 
C 3 HOH 47  219 48  HOH HOH A . 
C 3 HOH 48  220 49  HOH HOH A . 
C 3 HOH 49  221 50  HOH HOH A . 
C 3 HOH 50  222 51  HOH HOH A . 
C 3 HOH 51  223 52  HOH HOH A . 
C 3 HOH 52  224 53  HOH HOH A . 
C 3 HOH 53  225 54  HOH HOH A . 
C 3 HOH 54  226 55  HOH HOH A . 
C 3 HOH 55  227 56  HOH HOH A . 
C 3 HOH 56  228 57  HOH HOH A . 
C 3 HOH 57  229 58  HOH HOH A . 
C 3 HOH 58  230 59  HOH HOH A . 
C 3 HOH 59  231 60  HOH HOH A . 
C 3 HOH 60  232 61  HOH HOH A . 
C 3 HOH 61  233 62  HOH HOH A . 
C 3 HOH 62  234 63  HOH HOH A . 
C 3 HOH 63  235 64  HOH HOH A . 
C 3 HOH 64  236 65  HOH HOH A . 
C 3 HOH 65  237 66  HOH HOH A . 
C 3 HOH 66  238 67  HOH HOH A . 
C 3 HOH 67  239 68  HOH HOH A . 
C 3 HOH 68  240 69  HOH HOH A . 
C 3 HOH 69  241 70  HOH HOH A . 
C 3 HOH 70  242 71  HOH HOH A . 
C 3 HOH 71  243 72  HOH HOH A . 
C 3 HOH 72  244 73  HOH HOH A . 
C 3 HOH 73  245 74  HOH HOH A . 
C 3 HOH 74  246 75  HOH HOH A . 
C 3 HOH 75  247 76  HOH HOH A . 
C 3 HOH 76  248 77  HOH HOH A . 
C 3 HOH 77  249 78  HOH HOH A . 
C 3 HOH 78  250 79  HOH HOH A . 
C 3 HOH 79  251 80  HOH HOH A . 
C 3 HOH 80  252 81  HOH HOH A . 
C 3 HOH 81  253 82  HOH HOH A . 
C 3 HOH 82  254 83  HOH HOH A . 
C 3 HOH 83  255 84  HOH HOH A . 
C 3 HOH 84  256 85  HOH HOH A . 
C 3 HOH 85  257 86  HOH HOH A . 
C 3 HOH 86  258 87  HOH HOH A . 
C 3 HOH 87  259 88  HOH HOH A . 
C 3 HOH 88  260 89  HOH HOH A . 
C 3 HOH 89  261 90  HOH HOH A . 
C 3 HOH 90  262 91  HOH HOH A . 
C 3 HOH 91  263 92  HOH HOH A . 
C 3 HOH 92  264 93  HOH HOH A . 
C 3 HOH 93  265 94  HOH HOH A . 
C 3 HOH 94  266 95  HOH HOH A . 
C 3 HOH 95  267 96  HOH HOH A . 
C 3 HOH 96  268 97  HOH HOH A . 
C 3 HOH 97  269 98  HOH HOH A . 
C 3 HOH 98  270 99  HOH HOH A . 
C 3 HOH 99  271 100 HOH HOH A . 
C 3 HOH 100 272 101 HOH HOH A . 
C 3 HOH 101 273 102 HOH HOH A . 
C 3 HOH 102 274 103 HOH HOH A . 
C 3 HOH 103 275 104 HOH HOH A . 
C 3 HOH 104 276 105 HOH HOH A . 
C 3 HOH 105 277 106 HOH HOH A . 
C 3 HOH 106 278 107 HOH HOH A . 
C 3 HOH 107 279 108 HOH HOH A . 
C 3 HOH 108 280 109 HOH HOH A . 
C 3 HOH 109 281 110 HOH HOH A . 
C 3 HOH 110 282 111 HOH HOH A . 
C 3 HOH 111 283 112 HOH HOH A . 
C 3 HOH 112 284 113 HOH HOH A . 
C 3 HOH 113 285 114 HOH HOH A . 
C 3 HOH 114 286 115 HOH HOH A . 
C 3 HOH 115 287 116 HOH HOH A . 
C 3 HOH 116 288 117 HOH HOH A . 
C 3 HOH 117 289 118 HOH HOH A . 
C 3 HOH 118 290 119 HOH HOH A . 
C 3 HOH 119 291 120 HOH HOH A . 
C 3 HOH 120 292 121 HOH HOH A . 
C 3 HOH 121 293 122 HOH HOH A . 
C 3 HOH 122 294 123 HOH HOH A . 
C 3 HOH 123 295 124 HOH HOH A . 
C 3 HOH 124 296 125 HOH HOH A . 
C 3 HOH 125 297 126 HOH HOH A . 
C 3 HOH 126 298 127 HOH HOH A . 
C 3 HOH 127 299 128 HOH HOH A . 
C 3 HOH 128 300 129 HOH HOH A . 
C 3 HOH 129 301 130 HOH HOH A . 
C 3 HOH 130 302 131 HOH HOH A . 
C 3 HOH 131 303 132 HOH HOH A . 
C 3 HOH 132 304 133 HOH HOH A . 
C 3 HOH 133 305 134 HOH HOH A . 
C 3 HOH 134 306 135 HOH HOH A . 
C 3 HOH 135 307 136 HOH HOH A . 
C 3 HOH 136 308 137 HOH HOH A . 
C 3 HOH 137 309 138 HOH HOH A . 
C 3 HOH 138 310 139 HOH HOH A . 
C 3 HOH 139 311 140 HOH HOH A . 
C 3 HOH 140 312 141 HOH HOH A . 
C 3 HOH 141 313 142 HOH HOH A . 
C 3 HOH 142 314 143 HOH HOH A . 
C 3 HOH 143 315 144 HOH HOH A . 
C 3 HOH 144 316 145 HOH HOH A . 
C 3 HOH 145 317 146 HOH HOH A . 
C 3 HOH 146 318 147 HOH HOH A . 
C 3 HOH 147 319 148 HOH HOH A . 
C 3 HOH 148 320 149 HOH HOH A . 
C 3 HOH 149 321 150 HOH HOH A . 
C 3 HOH 150 322 151 HOH HOH A . 
C 3 HOH 151 323 152 HOH HOH A . 
C 3 HOH 152 324 153 HOH HOH A . 
C 3 HOH 153 325 154 HOH HOH A . 
C 3 HOH 154 326 155 HOH HOH A . 
C 3 HOH 155 327 156 HOH HOH A . 
C 3 HOH 156 328 157 HOH HOH A . 
C 3 HOH 157 329 158 HOH HOH A . 
C 3 HOH 158 330 159 HOH HOH A . 
C 3 HOH 159 331 160 HOH HOH A . 
C 3 HOH 160 332 161 HOH HOH A . 
C 3 HOH 161 333 162 HOH HOH A . 
C 3 HOH 162 334 163 HOH HOH A . 
C 3 HOH 163 335 164 HOH HOH A . 
C 3 HOH 164 336 165 HOH HOH A . 
C 3 HOH 165 337 166 HOH HOH A . 
C 3 HOH 166 338 167 HOH HOH A . 
C 3 HOH 167 339 168 HOH HOH A . 
C 3 HOH 168 340 169 HOH HOH A . 
C 3 HOH 169 341 170 HOH HOH A . 
C 3 HOH 170 342 171 HOH HOH A . 
C 3 HOH 171 343 172 HOH HOH A . 
C 3 HOH 172 344 173 HOH HOH A . 
C 3 HOH 173 345 174 HOH HOH A . 
C 3 HOH 174 346 175 HOH HOH A . 
C 3 HOH 175 347 176 HOH HOH A . 
C 3 HOH 176 348 177 HOH HOH A . 
C 3 HOH 177 349 178 HOH HOH A . 
C 3 HOH 178 350 179 HOH HOH A . 
C 3 HOH 179 351 180 HOH HOH A . 
C 3 HOH 180 352 181 HOH HOH A . 
C 3 HOH 181 353 182 HOH HOH A . 
C 3 HOH 182 354 183 HOH HOH A . 
C 3 HOH 183 355 184 HOH HOH A . 
C 3 HOH 184 356 185 HOH HOH A . 
C 3 HOH 185 357 186 HOH HOH A . 
C 3 HOH 186 358 187 HOH HOH A . 
C 3 HOH 187 359 188 HOH HOH A . 
C 3 HOH 188 360 189 HOH HOH A . 
# 
loop_
_pdbx_unobs_or_zero_occ_atoms.id 
_pdbx_unobs_or_zero_occ_atoms.PDB_model_num 
_pdbx_unobs_or_zero_occ_atoms.polymer_flag 
_pdbx_unobs_or_zero_occ_atoms.occupancy_flag 
_pdbx_unobs_or_zero_occ_atoms.auth_asym_id 
_pdbx_unobs_or_zero_occ_atoms.auth_comp_id 
_pdbx_unobs_or_zero_occ_atoms.auth_seq_id 
_pdbx_unobs_or_zero_occ_atoms.PDB_ins_code 
_pdbx_unobs_or_zero_occ_atoms.auth_atom_id 
_pdbx_unobs_or_zero_occ_atoms.label_alt_id 
_pdbx_unobs_or_zero_occ_atoms.label_asym_id 
_pdbx_unobs_or_zero_occ_atoms.label_comp_id 
_pdbx_unobs_or_zero_occ_atoms.label_seq_id 
_pdbx_unobs_or_zero_occ_atoms.label_atom_id 
1  1 Y 1 A GLU 69  ? CG  ? A GLU 70  CG  
2  1 Y 1 A GLU 69  ? CD  ? A GLU 70  CD  
3  1 Y 1 A GLU 69  ? OE1 ? A GLU 70  OE1 
4  1 Y 1 A GLU 69  ? OE2 ? A GLU 70  OE2 
5  1 Y 1 A LYS 142 ? CE  ? A LYS 143 CE  
6  1 Y 1 A LYS 142 ? NZ  ? A LYS 143 NZ  
7  1 Y 1 A GLU 165 ? CG  ? A GLU 166 CG  
8  1 Y 1 A GLU 165 ? CD  ? A GLU 166 CD  
9  1 Y 1 A GLU 165 ? OE1 ? A GLU 166 OE1 
10 1 Y 1 A GLU 165 ? OE2 ? A GLU 166 OE2 
# 
loop_
_software.name 
_software.version 
_software.date 
_software.type 
_software.contact_author 
_software.contact_author_email 
_software.classification 
_software.location 
_software.language 
_software.citation_id 
_software.pdbx_ordinal 
REFMAC      5.4.0067 ?               program 'Garib N. Murshudov'         garib@ysbl.york.ac.uk                refinement        
http://www.ccp4.ac.uk/dist/html/refmac5.html                                Fortran_77 ? 1 
PHENIX      .        ?               package 'P.D. Adams'                 PDAdams@lbl.gov                      refinement        
http://www.phenix-online.org/                                               C++        ? 2 
SHELX       .        ?               package 'George M. Sheldrick'        gsheldr@shelx.uni-ac.gwdg.de         phasing           
http://shelx.uni-ac.gwdg.de/SHELX/                                          Fortran_77 ? 3 
MolProbity  3beta29  ?               package 'D.C. & J.S. Richardson lab' molprobity@kinemage.biochem.duke.edu 'model building'  
http://kinemage.biochem.duke.edu/molprobity/                                ?          ? 4 
XSCALE      .        ?               package 'Wolfgang Kabsch'            ?                                    'data scaling'    
http://www.mpimf-heidelberg.mpg.de/~kabsch/xds/html_doc/xscale_program.html ?          ? 5 
PDB_EXTRACT 3.006    'June 11, 2008' package PDB                          help@deposit.rcsb.org                'data extraction' 
http://sw-tools.pdb.org/apps/PDB_EXTRACT/                                   C++        ? 6 
XDS         .        ?               ?       ?                            ?                                    'data reduction'  ? 
?          ? 7 
SHARP       .        ?               ?       ?                            ?                                    phasing           ? 
?          ? 8 
# 
_cell.entry_id           3ES1 
_cell.length_a           78.330 
_cell.length_b           78.330 
_cell.length_c           107.320 
_cell.angle_alpha        90.000 
_cell.angle_beta         90.000 
_cell.angle_gamma        120.000 
_cell.pdbx_unique_axis   ? 
_cell.Z_PDB              12 
_cell.length_a_esd       ? 
_cell.length_b_esd       ? 
_cell.length_c_esd       ? 
_cell.angle_alpha_esd    ? 
_cell.angle_beta_esd     ? 
_cell.angle_gamma_esd    ? 
# 
_symmetry.entry_id                         3ES1 
_symmetry.Int_Tables_number                181 
_symmetry.space_group_name_H-M             'P 64 2 2' 
_symmetry.pdbx_full_space_group_name_H-M   ? 
_symmetry.cell_setting                     ? 
_symmetry.space_group_name_Hall            ? 
# 
_exptl.crystals_number   1 
_exptl.method            'X-RAY DIFFRACTION' 
_exptl.entry_id          3ES1 
# 
_exptl_crystal.id                    1 
_exptl_crystal.density_Matthews      2.51 
_exptl_crystal.density_meas          ? 
_exptl_crystal.density_percent_sol   50.94 
_exptl_crystal.description           ? 
_exptl_crystal.F_000                 ? 
_exptl_crystal.preparation           ? 
# 
_exptl_crystal_grow.crystal_id      1 
_exptl_crystal_grow.method          'VAPOR DIFFUSION, SITTING DROP' 
_exptl_crystal_grow.pH              6.9 
_exptl_crystal_grow.temp            277 
_exptl_crystal_grow.pdbx_details    
'0.2M NaThioCyanate, 20.0% PEG-3350, No Buffer pH 6.9, NANODROP, VAPOR DIFFUSION, SITTING DROP, temperature 277K' 
_exptl_crystal_grow.temp_details    ? 
_exptl_crystal_grow.pdbx_pH_range   ? 
# 
_diffrn.id                     1 
_diffrn.ambient_temp           100 
_diffrn.ambient_temp_details   ? 
_diffrn.crystal_id             1 
# 
_diffrn_detector.diffrn_id              1 
_diffrn_detector.detector               CCD 
_diffrn_detector.type                   'MARMOSAIC 325 mm CCD' 
_diffrn_detector.details                'Flat collimating mirror, toroid focusing mirror' 
_diffrn_detector.pdbx_collection_date   2008-08-11 
# 
_diffrn_radiation.diffrn_id                        1 
_diffrn_radiation.pdbx_monochromatic_or_laue_m_l   M 
_diffrn_radiation.monochromator                    'Double crystal monochromator' 
_diffrn_radiation.pdbx_diffrn_protocol             MAD 
_diffrn_radiation.wavelength_id                    1 
_diffrn_radiation.pdbx_scattering_type             x-ray 
# 
loop_
_diffrn_radiation_wavelength.id 
_diffrn_radiation_wavelength.wavelength 
_diffrn_radiation_wavelength.wt 
1 0.92522 1.0 
2 0.97932 1.0 
3 0.97879 1.0 
# 
_diffrn_source.diffrn_id                   1 
_diffrn_source.source                      SYNCHROTRON 
_diffrn_source.pdbx_synchrotron_beamline   BL9-2 
_diffrn_source.type                        'SSRL BEAMLINE BL9-2' 
_diffrn_source.pdbx_wavelength_list        0.92522,0.97932,0.97879 
_diffrn_source.pdbx_wavelength             ? 
_diffrn_source.pdbx_synchrotron_site       SSRL 
# 
_reflns.entry_id                     3ES1 
_reflns.d_resolution_high            1.91 
_reflns.d_resolution_low             28.665 
_reflns.number_obs                   15326 
_reflns.pdbx_Rmerge_I_obs            0.147 
_reflns.percent_possible_obs         98.000 
_reflns.B_iso_Wilson_estimate        22.050 
_reflns.observed_criterion_sigma_I   -3.00 
_reflns.observed_criterion_sigma_F   ? 
_reflns.number_all                   ? 
_reflns.pdbx_Rsym_value              ? 
_reflns.pdbx_netI_over_sigmaI        13.430 
_reflns.pdbx_redundancy              ? 
_reflns.R_free_details               ? 
_reflns.limit_h_max                  ? 
_reflns.limit_h_min                  ? 
_reflns.limit_k_max                  ? 
_reflns.limit_k_min                  ? 
_reflns.limit_l_max                  ? 
_reflns.limit_l_min                  ? 
_reflns.observed_criterion_F_max     ? 
_reflns.observed_criterion_F_min     ? 
_reflns.pdbx_chi_squared             ? 
_reflns.pdbx_scaling_rejects         ? 
_reflns.pdbx_ordinal                 1 
_reflns.pdbx_diffrn_id               1 
# 
loop_
_reflns_shell.d_res_high 
_reflns_shell.d_res_low 
_reflns_shell.number_measured_obs 
_reflns_shell.number_measured_all 
_reflns_shell.number_unique_obs 
_reflns_shell.Rmerge_I_obs 
_reflns_shell.meanI_over_sigI_obs 
_reflns_shell.pdbx_Rsym_value 
_reflns_shell.pdbx_chi_squared 
_reflns_shell.pdbx_redundancy 
_reflns_shell.percent_possible_obs 
_reflns_shell.number_unique_all 
_reflns_shell.percent_possible_all 
_reflns_shell.pdbx_ordinal 
_reflns_shell.pdbx_diffrn_id 
1.91 1.98   22127 ? 2830 0.011 2.1  ? ? ? ? ? 97.40 1  1 
1.98 2.06   22211 ? 2828 0.011 2.9  ? ? ? ? ? 97.60 2  1 
2.06 2.15   20841 ? 2666 0.011 4.0  ? ? ? ? ? 97.50 3  1 
2.15 2.26   21305 ? 2725 0.011 4.8  ? ? ? ? ? 97.80 4  1 
2.26 2.41   23369 ? 2972 0.011 5.9  ? ? ? ? ? 97.90 5  1 
2.41 2.59   21323 ? 2711 0.011 7.5  ? ? ? ? ? 98.20 6  1 
2.59 2.85   22057 ? 2808 0.011 10.7 ? ? ? ? ? 98.40 7  1 
2.85 3.26   22280 ? 2832 0.011 18.2 ? ? ? ? ? 98.50 8  1 
3.26 4.10   22138 ? 2828 0.011 33.0 ? ? ? ? ? 98.90 9  1 
4.10 28.665 22589 ? 2872 0.011 44.0 ? ? ? ? ? 98.20 10 1 
# 
_refine.entry_id                                 3ES1 
_refine.ls_d_res_high                            1.910 
_refine.ls_d_res_low                             28.665 
_refine.pdbx_ls_sigma_F                          0.00 
_refine.ls_percent_reflns_obs                    97.540 
_refine.ls_number_reflns_obs                     15326 
_refine.pdbx_ls_cross_valid_method               THROUGHOUT 
_refine.pdbx_R_Free_selection_details            RANDOM 
_refine.details                                  
;1.HYDROGENS HAVE BEEN ADDED IN THE RIDING POSITIONS.
 2.ATOM RECORD CONTAINS RESIDUAL B FACTORS ONLY.
 3.A MET-INHIBITION PROTOCOL WAS USED FOR SELENOMETHIONINE
 INCORPORATION DURING PROTEIN EXPRESSION. THE OCCUPANCY
 OF THE SE ATOMS IN THE MSE RESIDUES WAS REDUCED TO 0.75
 TO ACCOUNT FOR THE REDUCED SCATTERING POWER DUE TO PARTIAL
 S-MET INCORPORATION.
 4.ONE CHLORIDE ION FROM CRYSTALLIZATION WAS MODELED IN THE STRUCTURE.
;
_refine.ls_R_factor_obs                          0.172 
_refine.ls_R_factor_R_work                       0.170 
_refine.ls_R_factor_R_free                       0.205 
_refine.ls_percent_reflns_R_free                 5.000 
_refine.ls_number_reflns_R_free                  765 
_refine.B_iso_mean                               22.970 
_refine.aniso_B[1][1]                            0.960 
_refine.aniso_B[2][2]                            0.960 
_refine.aniso_B[3][3]                            -1.440 
_refine.aniso_B[1][2]                            0.480 
_refine.aniso_B[1][3]                            0.000 
_refine.aniso_B[2][3]                            0.000 
_refine.correlation_coeff_Fo_to_Fc               0.958 
_refine.correlation_coeff_Fo_to_Fc_free          0.944 
_refine.pdbx_overall_ESU_R                       0.136 
_refine.pdbx_overall_ESU_R_Free                  0.127 
_refine.overall_SU_ML                            0.087 
_refine.overall_SU_B                             5.399 
_refine.solvent_model_details                    MASK 
_refine.pdbx_solvent_vdw_probe_radii             1.200 
_refine.pdbx_solvent_ion_probe_radii             0.800 
_refine.pdbx_solvent_shrinkage_radii             0.800 
_refine.pdbx_method_to_determine_struct          MAD 
_refine.pdbx_stereochemistry_target_values       'MAXIMUM LIKELIHOOD WITH PHASES' 
_refine.B_iso_max                                55.37 
_refine.B_iso_min                                12.45 
_refine.occupancy_max                            1.00 
_refine.occupancy_min                            0.37 
_refine.pdbx_ls_sigma_I                          ? 
_refine.ls_number_reflns_all                     ? 
_refine.ls_R_factor_all                          ? 
_refine.ls_redundancy_reflns_obs                 ? 
_refine.pdbx_data_cutoff_high_absF               ? 
_refine.pdbx_data_cutoff_low_absF                ? 
_refine.ls_number_parameters                     ? 
_refine.ls_number_restraints                     ? 
_refine.ls_R_factor_R_free_error                 ? 
_refine.ls_R_factor_R_free_error_details         ? 
_refine.pdbx_starting_model                      ? 
_refine.pdbx_stereochem_target_val_spec_case     ? 
_refine.solvent_model_param_bsol                 ? 
_refine.solvent_model_param_ksol                 ? 
_refine.pdbx_isotropic_thermal_model             ? 
_refine.overall_SU_R_Cruickshank_DPI             ? 
_refine.overall_SU_R_free                        ? 
_refine.pdbx_data_cutoff_high_rms_absF           ? 
_refine.ls_wR_factor_R_free                      ? 
_refine.ls_wR_factor_R_work                      ? 
_refine.overall_FOM_free_R_set                   ? 
_refine.overall_FOM_work_R_set                   ? 
_refine.pdbx_overall_phase_error                 ? 
_refine.pdbx_refine_id                           'X-RAY DIFFRACTION' 
_refine.pdbx_TLS_residual_ADP_flag               'LIKELY RESIDUAL' 
_refine.pdbx_diffrn_id                           1 
_refine.pdbx_overall_SU_R_free_Cruickshank_DPI   ? 
_refine.pdbx_overall_SU_R_Blow_DPI               ? 
_refine.pdbx_overall_SU_R_free_Blow_DPI          ? 
# 
_refine_hist.pdbx_refine_id                   'X-RAY DIFFRACTION' 
_refine_hist.cycle_id                         LAST 
_refine_hist.pdbx_number_atoms_protein        1237 
_refine_hist.pdbx_number_atoms_nucleic_acid   0 
_refine_hist.pdbx_number_atoms_ligand         1 
_refine_hist.number_atoms_solvent             188 
_refine_hist.number_atoms_total               1426 
_refine_hist.d_res_high                       1.910 
_refine_hist.d_res_low                        28.665 
# 
loop_
_refine_ls_restr.type 
_refine_ls_restr.number 
_refine_ls_restr.dev_ideal 
_refine_ls_restr.dev_ideal_target 
_refine_ls_restr.weight 
_refine_ls_restr.pdbx_refine_id 
_refine_ls_restr.pdbx_restraint_function 
r_bond_refined_d       1299 0.017  0.021  ? 'X-RAY DIFFRACTION' ? 
r_bond_other_d         870  0.002  0.020  ? 'X-RAY DIFFRACTION' ? 
r_angle_refined_deg    1771 1.571  1.961  ? 'X-RAY DIFFRACTION' ? 
r_angle_other_deg      2124 1.413  3.000  ? 'X-RAY DIFFRACTION' ? 
r_dihedral_angle_1_deg 168  6.995  5.000  ? 'X-RAY DIFFRACTION' ? 
r_dihedral_angle_2_deg 59   34.891 23.729 ? 'X-RAY DIFFRACTION' ? 
r_dihedral_angle_3_deg 210  13.223 15.000 ? 'X-RAY DIFFRACTION' ? 
r_dihedral_angle_4_deg 12   18.022 15.000 ? 'X-RAY DIFFRACTION' ? 
r_chiral_restr         201  0.089  0.200  ? 'X-RAY DIFFRACTION' ? 
r_gen_planes_refined   1476 0.007  0.021  ? 'X-RAY DIFFRACTION' ? 
r_gen_planes_other     250  0.002  0.020  ? 'X-RAY DIFFRACTION' ? 
r_mcbond_it            831  0.815  1.500  ? 'X-RAY DIFFRACTION' ? 
r_mcbond_other         337  0.226  1.500  ? 'X-RAY DIFFRACTION' ? 
r_mcangle_it           1347 1.323  2.000  ? 'X-RAY DIFFRACTION' ? 
r_scbond_it            468  2.097  3.000  ? 'X-RAY DIFFRACTION' ? 
r_scangle_it           424  3.084  4.500  ? 'X-RAY DIFFRACTION' ? 
# 
_refine_ls_shell.d_res_high                       1.910 
_refine_ls_shell.d_res_low                        1.960 
_refine_ls_shell.pdbx_total_number_of_bins_used   20 
_refine_ls_shell.percent_reflns_obs               96.580 
_refine_ls_shell.number_reflns_R_work             1047 
_refine_ls_shell.R_factor_all                     ? 
_refine_ls_shell.R_factor_R_work                  0.205 
_refine_ls_shell.R_factor_R_free                  0.247 
_refine_ls_shell.percent_reflns_R_free            ? 
_refine_ls_shell.number_reflns_R_free             53 
_refine_ls_shell.R_factor_R_free_error            ? 
_refine_ls_shell.number_reflns_all                1100 
_refine_ls_shell.number_reflns_obs                ? 
_refine_ls_shell.redundancy_reflns_obs            ? 
_refine_ls_shell.pdbx_refine_id                   'X-RAY DIFFRACTION' 
# 
_struct.entry_id                  3ES1 
_struct.title                     
;Crystal structure of protein with a cupin-like fold and unknown function (YP_001165807.1) from NOVOSPHINGOBIUM AROMATICIVORANS DSM 12444 at 1.91 A resolution
;
_struct.pdbx_model_details        ? 
_struct.pdbx_CASP_flag            ? 
_struct.pdbx_model_type_details   ? 
# 
_struct_keywords.text            
;YP_001165807.1, protein with a cupin-like fold and unknown function, Structural Genomics, Joint Center for Structural Genomics, JCSG, Protein Structure Initiative, PSI-2, Cupin domain, unknown function
;
_struct_keywords.pdbx_keywords   'structural genomics, unknown function' 
_struct_keywords.entry_id        3ES1 
# 
loop_
_struct_asym.id 
_struct_asym.pdbx_blank_PDB_chainid_flag 
_struct_asym.pdbx_modified 
_struct_asym.entity_id 
_struct_asym.details 
A N N 1 ? 
B N N 2 ? 
C N N 3 ? 
# 
_struct_ref.id                         1 
_struct_ref.db_name                    UNP 
_struct_ref.db_code                    A4XEC0_NOVAD 
_struct_ref.pdbx_db_accession          A4XEC0 
_struct_ref.entity_id                  1 
_struct_ref.pdbx_seq_one_letter_code   
;MSEALSDSGLPPVQRVVTGHDAHGRAVFKSEDVTPTRMIPSGDASFLLVWTTATVPADNNDETDGRQREAGLTLDGGSVI
RVVDMLPGKESPMHRTNSIDYGIVLEGEIELELDDGAKRTVRQGGIIVQRGTNHLWRNTTDKPCRIAFILIEAPAYLHNG
QPLPEDKPDHK
;
_struct_ref.pdbx_align_begin           1 
_struct_ref.pdbx_db_isoform            ? 
# 
_struct_ref_seq.align_id                      1 
_struct_ref_seq.ref_id                        1 
_struct_ref_seq.pdbx_PDB_id_code              3ES1 
_struct_ref_seq.pdbx_strand_id                A 
_struct_ref_seq.seq_align_beg                 2 
_struct_ref_seq.pdbx_seq_align_beg_ins_code   ? 
_struct_ref_seq.seq_align_end                 172 
_struct_ref_seq.pdbx_seq_align_end_ins_code   ? 
_struct_ref_seq.pdbx_db_accession             A4XEC0 
_struct_ref_seq.db_align_beg                  1 
_struct_ref_seq.pdbx_db_align_beg_ins_code    ? 
_struct_ref_seq.db_align_end                  171 
_struct_ref_seq.pdbx_db_align_end_ins_code    ? 
_struct_ref_seq.pdbx_auth_seq_align_beg       1 
_struct_ref_seq.pdbx_auth_seq_align_end       171 
# 
_struct_ref_seq_dif.align_id                     1 
_struct_ref_seq_dif.pdbx_pdb_id_code             3ES1 
_struct_ref_seq_dif.mon_id                       GLY 
_struct_ref_seq_dif.pdbx_pdb_strand_id           A 
_struct_ref_seq_dif.seq_num                      1 
_struct_ref_seq_dif.pdbx_pdb_ins_code            ? 
_struct_ref_seq_dif.pdbx_seq_db_name             UNP 
_struct_ref_seq_dif.pdbx_seq_db_accession_code   A4XEC0 
_struct_ref_seq_dif.db_mon_id                    ? 
_struct_ref_seq_dif.pdbx_seq_db_seq_num          ? 
_struct_ref_seq_dif.details                      'expression tag' 
_struct_ref_seq_dif.pdbx_auth_seq_num            0 
_struct_ref_seq_dif.pdbx_ordinal                 1 
# 
_pdbx_struct_assembly.id                   1 
_pdbx_struct_assembly.details              author_and_software_defined_assembly 
_pdbx_struct_assembly.method_details       PISA 
_pdbx_struct_assembly.oligomeric_details   dimeric 
_pdbx_struct_assembly.oligomeric_count     2 
# 
loop_
_pdbx_struct_assembly_prop.biol_id 
_pdbx_struct_assembly_prop.type 
_pdbx_struct_assembly_prop.value 
_pdbx_struct_assembly_prop.details 
1 'ABSA (A^2)' 6350  ? 
1 MORE         -52   ? 
1 'SSA (A^2)'  14210 ? 
# 
_pdbx_struct_assembly_gen.assembly_id       1 
_pdbx_struct_assembly_gen.oper_expression   1,2 
_pdbx_struct_assembly_gen.asym_id_list      A,B,C 
# 
loop_
_pdbx_struct_oper_list.id 
_pdbx_struct_oper_list.type 
_pdbx_struct_oper_list.name 
_pdbx_struct_oper_list.symmetry_operation 
_pdbx_struct_oper_list.matrix[1][1] 
_pdbx_struct_oper_list.matrix[1][2] 
_pdbx_struct_oper_list.matrix[1][3] 
_pdbx_struct_oper_list.vector[1] 
_pdbx_struct_oper_list.matrix[2][1] 
_pdbx_struct_oper_list.matrix[2][2] 
_pdbx_struct_oper_list.matrix[2][3] 
_pdbx_struct_oper_list.vector[2] 
_pdbx_struct_oper_list.matrix[3][1] 
_pdbx_struct_oper_list.matrix[3][2] 
_pdbx_struct_oper_list.matrix[3][3] 
_pdbx_struct_oper_list.vector[3] 
1 'identity operation'         1_555  x,y,z            1.0000000000  0.0000000000 0.0000000000  0.0000000000   0.0000000000 1.0000000000 0.0000000000  0.0000000000  0.0000000000  0.0000000000  1.0000000000  0.0000000000  
2 'crystal symmetry operation' 10_665 -y+1,-x+1,-z+1/3 -0.9999999106 0.0003815854 -0.0001824920 -15.9438500365 0.0003815854 0.6277101860 -0.7784470289 -2.3599208202 -0.0001824920 -0.7784470289 -0.6277102754 -4.9423415538 
# 
_struct_biol.id   1 
# 
loop_
_struct_conf.conf_type_id 
_struct_conf.id 
_struct_conf.pdbx_PDB_helix_id 
_struct_conf.beg_label_comp_id 
_struct_conf.beg_label_asym_id 
_struct_conf.beg_label_seq_id 
_struct_conf.pdbx_beg_PDB_ins_code 
_struct_conf.end_label_comp_id 
_struct_conf.end_label_asym_id 
_struct_conf.end_label_seq_id 
_struct_conf.pdbx_end_PDB_ins_code 
_struct_conf.beg_auth_comp_id 
_struct_conf.beg_auth_asym_id 
_struct_conf.beg_auth_seq_id 
_struct_conf.end_auth_comp_id 
_struct_conf.end_auth_asym_id 
_struct_conf.end_auth_seq_id 
_struct_conf.pdbx_PDB_helix_class 
_struct_conf.details 
_struct_conf.pdbx_PDB_helix_length 
HELX_P HELX_P1 1 ASP A 65  ? ARG A 69  ? ASP A 64  ARG A 68  5 ? 5 
HELX_P HELX_P2 2 ASP A 115 ? GLY A 117 ? ASP A 114 GLY A 116 5 ? 3 
# 
_struct_conf_type.id          HELX_P 
_struct_conf_type.criteria    ? 
_struct_conf_type.reference   ? 
# 
loop_
_struct_conn.id 
_struct_conn.conn_type_id 
_struct_conn.pdbx_leaving_atom_flag 
_struct_conn.pdbx_PDB_id 
_struct_conn.ptnr1_label_asym_id 
_struct_conn.ptnr1_label_comp_id 
_struct_conn.ptnr1_label_seq_id 
_struct_conn.ptnr1_label_atom_id 
_struct_conn.pdbx_ptnr1_label_alt_id 
_struct_conn.pdbx_ptnr1_PDB_ins_code 
_struct_conn.pdbx_ptnr1_standard_comp_id 
_struct_conn.ptnr1_symmetry 
_struct_conn.ptnr2_label_asym_id 
_struct_conn.ptnr2_label_comp_id 
_struct_conn.ptnr2_label_seq_id 
_struct_conn.ptnr2_label_atom_id 
_struct_conn.pdbx_ptnr2_label_alt_id 
_struct_conn.pdbx_ptnr2_PDB_ins_code 
_struct_conn.ptnr1_auth_asym_id 
_struct_conn.ptnr1_auth_comp_id 
_struct_conn.ptnr1_auth_seq_id 
_struct_conn.ptnr2_auth_asym_id 
_struct_conn.ptnr2_auth_comp_id 
_struct_conn.ptnr2_auth_seq_id 
_struct_conn.ptnr2_symmetry 
_struct_conn.pdbx_ptnr3_label_atom_id 
_struct_conn.pdbx_ptnr3_label_seq_id 
_struct_conn.pdbx_ptnr3_label_comp_id 
_struct_conn.pdbx_ptnr3_label_asym_id 
_struct_conn.pdbx_ptnr3_label_alt_id 
_struct_conn.pdbx_ptnr3_PDB_ins_code 
_struct_conn.details 
_struct_conn.pdbx_dist_value 
_struct_conn.pdbx_value_order 
_struct_conn.pdbx_role 
covale1  covale both ? A ARG 38 C ? ? ? 1_555 A MSE 39 N ? ? A ARG 37 A MSE 38 1_555 ? ? ? ? ? ? ? 1.321 ? ? 
covale2  covale both ? A MSE 39 C ? ? ? 1_555 A ILE 40 N ? ? A MSE 38 A ILE 39 1_555 ? ? ? ? ? ? ? 1.320 ? ? 
covale3  covale both ? A ASP 85 C ? ? ? 1_555 A MSE 86 N A ? A ASP 84 A MSE 85 1_555 ? ? ? ? ? ? ? 1.328 ? ? 
covale4  covale both ? A ASP 85 C ? ? ? 1_555 A MSE 86 N B ? A ASP 84 A MSE 85 1_555 ? ? ? ? ? ? ? 1.324 ? ? 
covale5  covale both ? A MSE 86 C A ? ? 1_555 A LEU 87 N ? ? A MSE 85 A LEU 86 1_555 ? ? ? ? ? ? ? 1.325 ? ? 
covale6  covale both ? A MSE 86 C B ? ? 1_555 A LEU 87 N ? ? A MSE 85 A LEU 86 1_555 ? ? ? ? ? ? ? 1.322 ? ? 
covale7  covale both ? A PRO 93 C ? ? ? 1_555 A MSE 94 N A ? A PRO 92 A MSE 93 1_555 ? ? ? ? ? ? ? 1.319 ? ? 
covale8  covale both ? A PRO 93 C ? ? ? 1_555 A MSE 94 N B ? A PRO 92 A MSE 93 1_555 ? ? ? ? ? ? ? 1.313 ? ? 
covale9  covale both ? A MSE 94 C A ? ? 1_555 A HIS 95 N A ? A MSE 93 A HIS 94 1_555 ? ? ? ? ? ? ? 1.329 ? ? 
covale10 covale both ? A MSE 94 C B ? ? 1_555 A HIS 95 N B ? A MSE 93 A HIS 94 1_555 ? ? ? ? ? ? ? 1.333 ? ? 
# 
_struct_conn_type.id          covale 
_struct_conn_type.criteria    ? 
_struct_conn_type.reference   ? 
# 
loop_
_pdbx_modification_feature.ordinal 
_pdbx_modification_feature.label_comp_id 
_pdbx_modification_feature.label_asym_id 
_pdbx_modification_feature.label_seq_id 
_pdbx_modification_feature.label_alt_id 
_pdbx_modification_feature.modified_residue_label_comp_id 
_pdbx_modification_feature.modified_residue_label_asym_id 
_pdbx_modification_feature.modified_residue_label_seq_id 
_pdbx_modification_feature.modified_residue_label_alt_id 
_pdbx_modification_feature.auth_comp_id 
_pdbx_modification_feature.auth_asym_id 
_pdbx_modification_feature.auth_seq_id 
_pdbx_modification_feature.PDB_ins_code 
_pdbx_modification_feature.symmetry 
_pdbx_modification_feature.modified_residue_auth_comp_id 
_pdbx_modification_feature.modified_residue_auth_asym_id 
_pdbx_modification_feature.modified_residue_auth_seq_id 
_pdbx_modification_feature.modified_residue_PDB_ins_code 
_pdbx_modification_feature.modified_residue_symmetry 
_pdbx_modification_feature.comp_id_linking_atom 
_pdbx_modification_feature.modified_residue_id_linking_atom 
_pdbx_modification_feature.modified_residue_id 
_pdbx_modification_feature.ref_pcm_id 
_pdbx_modification_feature.ref_comp_id 
_pdbx_modification_feature.type 
_pdbx_modification_feature.category 
1 MSE A 39 ? . . . . MSE A 38 ? 1_555 . . . . . . . MET 1 MSE Selenomethionine 'Named protein modification' 
2 MSE A 86 A . . . . MSE A 85 ? 1_555 . . . . . . . MET 1 MSE Selenomethionine 'Named protein modification' 
3 MSE A 86 B . . . . MSE A 85 ? 1_555 . . . . . . . MET 1 MSE Selenomethionine 'Named protein modification' 
4 MSE A 94 A . . . . MSE A 93 ? 1_555 . . . . . . . MET 1 MSE Selenomethionine 'Named protein modification' 
5 MSE A 94 B . . . . MSE A 93 ? 1_555 . . . . . . . MET 1 MSE Selenomethionine 'Named protein modification' 
# 
_struct_mon_prot_cis.pdbx_id                1 
_struct_mon_prot_cis.label_comp_id          VAL 
_struct_mon_prot_cis.label_seq_id           56 
_struct_mon_prot_cis.label_asym_id          A 
_struct_mon_prot_cis.label_alt_id           . 
_struct_mon_prot_cis.pdbx_PDB_ins_code      ? 
_struct_mon_prot_cis.auth_comp_id           VAL 
_struct_mon_prot_cis.auth_seq_id            55 
_struct_mon_prot_cis.auth_asym_id           A 
_struct_mon_prot_cis.pdbx_label_comp_id_2   PRO 
_struct_mon_prot_cis.pdbx_label_seq_id_2    57 
_struct_mon_prot_cis.pdbx_label_asym_id_2   A 
_struct_mon_prot_cis.pdbx_PDB_ins_code_2    ? 
_struct_mon_prot_cis.pdbx_auth_comp_id_2    PRO 
_struct_mon_prot_cis.pdbx_auth_seq_id_2     56 
_struct_mon_prot_cis.pdbx_auth_asym_id_2    A 
_struct_mon_prot_cis.pdbx_PDB_model_num     1 
_struct_mon_prot_cis.pdbx_omega_angle       -2.42 
# 
loop_
_struct_sheet.id 
_struct_sheet.type 
_struct_sheet.number_strands 
_struct_sheet.details 
A ? 2 ? 
B ? 6 ? 
C ? 3 ? 
D ? 2 ? 
# 
loop_
_struct_sheet_order.sheet_id 
_struct_sheet_order.range_id_1 
_struct_sheet_order.range_id_2 
_struct_sheet_order.offset 
_struct_sheet_order.sense 
A 1 2 ? anti-parallel 
B 1 2 ? anti-parallel 
B 2 3 ? anti-parallel 
B 3 4 ? anti-parallel 
B 4 5 ? anti-parallel 
B 5 6 ? anti-parallel 
C 1 2 ? anti-parallel 
C 2 3 ? anti-parallel 
D 1 2 ? anti-parallel 
# 
loop_
_struct_sheet_range.sheet_id 
_struct_sheet_range.id 
_struct_sheet_range.beg_label_comp_id 
_struct_sheet_range.beg_label_asym_id 
_struct_sheet_range.beg_label_seq_id 
_struct_sheet_range.pdbx_beg_PDB_ins_code 
_struct_sheet_range.end_label_comp_id 
_struct_sheet_range.end_label_asym_id 
_struct_sheet_range.end_label_seq_id 
_struct_sheet_range.pdbx_end_PDB_ins_code 
_struct_sheet_range.beg_auth_comp_id 
_struct_sheet_range.beg_auth_asym_id 
_struct_sheet_range.beg_auth_seq_id 
_struct_sheet_range.end_auth_comp_id 
_struct_sheet_range.end_auth_asym_id 
_struct_sheet_range.end_auth_seq_id 
A 1 VAL A 14  ? HIS A 21  ? VAL A 13  HIS A 20  
A 2 ALA A 27  ? THR A 35  ? ALA A 26  THR A 34  
B 1 ARG A 38  ? MSE A 39  ? ARG A 37  MSE A 38  
B 2 ALA A 45  ? THR A 53  ? ALA A 44  THR A 52  
B 3 SER A 79  ? MSE A 86  ? SER A 78  MSE A 85  
B 4 CYS A 145 ? GLU A 153 ? CYS A 144 GLU A 152 
B 5 SER A 99  ? GLU A 107 ? SER A 98  GLU A 106 
B 6 ILE A 127 ? GLN A 130 ? ILE A 126 GLN A 129 
C 1 LYS A 119 ? VAL A 122 ? LYS A 118 VAL A 121 
C 2 ILE A 110 ? GLU A 113 ? ILE A 109 GLU A 112 
C 3 LEU A 136 ? ARG A 138 ? LEU A 135 ARG A 137 
D 1 LEU A 158 ? HIS A 159 ? LEU A 157 HIS A 158 
D 2 GLN A 162 ? PRO A 163 ? GLN A 161 PRO A 162 
# 
loop_
_pdbx_struct_sheet_hbond.sheet_id 
_pdbx_struct_sheet_hbond.range_id_1 
_pdbx_struct_sheet_hbond.range_id_2 
_pdbx_struct_sheet_hbond.range_1_label_atom_id 
_pdbx_struct_sheet_hbond.range_1_label_comp_id 
_pdbx_struct_sheet_hbond.range_1_label_asym_id 
_pdbx_struct_sheet_hbond.range_1_label_seq_id 
_pdbx_struct_sheet_hbond.range_1_PDB_ins_code 
_pdbx_struct_sheet_hbond.range_1_auth_atom_id 
_pdbx_struct_sheet_hbond.range_1_auth_comp_id 
_pdbx_struct_sheet_hbond.range_1_auth_asym_id 
_pdbx_struct_sheet_hbond.range_1_auth_seq_id 
_pdbx_struct_sheet_hbond.range_2_label_atom_id 
_pdbx_struct_sheet_hbond.range_2_label_comp_id 
_pdbx_struct_sheet_hbond.range_2_label_asym_id 
_pdbx_struct_sheet_hbond.range_2_label_seq_id 
_pdbx_struct_sheet_hbond.range_2_PDB_ins_code 
_pdbx_struct_sheet_hbond.range_2_auth_atom_id 
_pdbx_struct_sheet_hbond.range_2_auth_comp_id 
_pdbx_struct_sheet_hbond.range_2_auth_asym_id 
_pdbx_struct_sheet_hbond.range_2_auth_seq_id 
A 1 2 N VAL A 18  ? N VAL A 17  O LYS A 30  ? O LYS A 29  
B 1 2 N ARG A 38  ? N ARG A 37  O PHE A 47  ? O PHE A 46  
B 2 3 N LEU A 48  ? N LEU A 47  O VAL A 83  ? O VAL A 82  
B 3 4 N ARG A 82  ? N ARG A 81  O PHE A 149 ? O PHE A 148 
B 4 5 O ILE A 152 ? O ILE A 151 N ILE A 100 ? N ILE A 99  
B 5 6 N GLY A 103 ? N GLY A 102 O ILE A 128 ? O ILE A 127 
C 1 2 O VAL A 122 ? O VAL A 121 N ILE A 110 ? N ILE A 109 
C 2 3 N GLU A 111 ? N GLU A 110 O ARG A 138 ? O ARG A 137 
D 1 2 N HIS A 159 ? N HIS A 158 O GLN A 162 ? O GLN A 161 
# 
_struct_site.id                   AC1 
_struct_site.pdbx_evidence_code   Software 
_struct_site.pdbx_auth_asym_id    A 
_struct_site.pdbx_auth_comp_id    CL 
_struct_site.pdbx_auth_seq_id     172 
_struct_site.pdbx_auth_ins_code   ? 
_struct_site.pdbx_num_residues    2 
_struct_site.details              'BINDING SITE FOR RESIDUE CL A 172' 
# 
loop_
_struct_site_gen.id 
_struct_site_gen.site_id 
_struct_site_gen.pdbx_num_res 
_struct_site_gen.label_comp_id 
_struct_site_gen.label_asym_id 
_struct_site_gen.label_seq_id 
_struct_site_gen.pdbx_auth_ins_code 
_struct_site_gen.auth_comp_id 
_struct_site_gen.auth_asym_id 
_struct_site_gen.auth_seq_id 
_struct_site_gen.label_atom_id 
_struct_site_gen.label_alt_id 
_struct_site_gen.symmetry 
_struct_site_gen.details 
1 AC1 2 LYS A 30 ? LYS A 29 . ? 1_555 ? 
2 AC1 2 SER A 31 ? SER A 30 . ? 1_555 ? 
# 
_pdbx_entry_details.entry_id                   3ES1 
_pdbx_entry_details.compound_details           ? 
_pdbx_entry_details.source_details             ? 
_pdbx_entry_details.nonpolymer_details         ? 
_pdbx_entry_details.sequence_details           
;THE CONSTRUCT WAS EXPRESSED WITH A PURIFICATION TAG MGSDKIHHHHHHENLYFQG. THE TAG WAS REMOVED WITH TEV PROTEASE LEAVING ONLY A GLYCINE (0) FOLLOWED BY THE TARGET SEQUENCE.
;
_pdbx_entry_details.has_ligand_of_interest     ? 
_pdbx_entry_details.has_protein_modification   Y 
# 
_pdbx_validate_rmsd_angle.id                         1 
_pdbx_validate_rmsd_angle.PDB_model_num              1 
_pdbx_validate_rmsd_angle.auth_atom_id_1             NE 
_pdbx_validate_rmsd_angle.auth_asym_id_1             A 
_pdbx_validate_rmsd_angle.auth_comp_id_1             ARG 
_pdbx_validate_rmsd_angle.auth_seq_id_1              119 
_pdbx_validate_rmsd_angle.PDB_ins_code_1             ? 
_pdbx_validate_rmsd_angle.label_alt_id_1             ? 
_pdbx_validate_rmsd_angle.auth_atom_id_2             CZ 
_pdbx_validate_rmsd_angle.auth_asym_id_2             A 
_pdbx_validate_rmsd_angle.auth_comp_id_2             ARG 
_pdbx_validate_rmsd_angle.auth_seq_id_2              119 
_pdbx_validate_rmsd_angle.PDB_ins_code_2             ? 
_pdbx_validate_rmsd_angle.label_alt_id_2             ? 
_pdbx_validate_rmsd_angle.auth_atom_id_3             NH2 
_pdbx_validate_rmsd_angle.auth_asym_id_3             A 
_pdbx_validate_rmsd_angle.auth_comp_id_3             ARG 
_pdbx_validate_rmsd_angle.auth_seq_id_3              119 
_pdbx_validate_rmsd_angle.PDB_ins_code_3             ? 
_pdbx_validate_rmsd_angle.label_alt_id_3             ? 
_pdbx_validate_rmsd_angle.angle_value                115.96 
_pdbx_validate_rmsd_angle.angle_target_value         120.30 
_pdbx_validate_rmsd_angle.angle_deviation            -4.34 
_pdbx_validate_rmsd_angle.angle_standard_deviation   0.50 
_pdbx_validate_rmsd_angle.linker_flag                N 
# 
loop_
_pdbx_validate_torsion.id 
_pdbx_validate_torsion.PDB_model_num 
_pdbx_validate_torsion.auth_comp_id 
_pdbx_validate_torsion.auth_asym_id 
_pdbx_validate_torsion.auth_seq_id 
_pdbx_validate_torsion.PDB_ins_code 
_pdbx_validate_torsion.label_alt_id 
_pdbx_validate_torsion.phi 
_pdbx_validate_torsion.psi 
1 1 LEU A 72  ? ? -89.88  -76.91  
2 1 THR A 73  ? ? -41.77  108.72  
3 1 LEU A 113 ? ? -108.21 -141.78 
4 1 ARG A 130 ? ? -98.38  55.69   
5 1 GLU A 152 ? ? -35.76  130.85  
# 
_pdbx_SG_project.project_name          'PSI, Protein Structure Initiative' 
_pdbx_SG_project.full_name_of_center   'Joint Center for Structural Genomics' 
_pdbx_SG_project.id                    1 
_pdbx_SG_project.initial_of_center     JCSG 
# 
loop_
_pdbx_struct_mod_residue.id 
_pdbx_struct_mod_residue.label_asym_id 
_pdbx_struct_mod_residue.label_comp_id 
_pdbx_struct_mod_residue.label_seq_id 
_pdbx_struct_mod_residue.auth_asym_id 
_pdbx_struct_mod_residue.auth_comp_id 
_pdbx_struct_mod_residue.auth_seq_id 
_pdbx_struct_mod_residue.PDB_ins_code 
_pdbx_struct_mod_residue.parent_comp_id 
_pdbx_struct_mod_residue.details 
1 A MSE 39 A MSE 38 ? MET SELENOMETHIONINE 
2 A MSE 86 A MSE 85 ? MET SELENOMETHIONINE 
3 A MSE 94 A MSE 93 ? MET SELENOMETHIONINE 
# 
loop_
_pdbx_struct_special_symmetry.id 
_pdbx_struct_special_symmetry.PDB_model_num 
_pdbx_struct_special_symmetry.auth_asym_id 
_pdbx_struct_special_symmetry.auth_comp_id 
_pdbx_struct_special_symmetry.auth_seq_id 
_pdbx_struct_special_symmetry.PDB_ins_code 
_pdbx_struct_special_symmetry.label_asym_id 
_pdbx_struct_special_symmetry.label_comp_id 
_pdbx_struct_special_symmetry.label_seq_id 
1 1 A HOH 210 ? C HOH . 
2 1 A HOH 227 ? C HOH . 
# 
_pdbx_refine_tls.id               1 
_pdbx_refine_tls.details          ? 
_pdbx_refine_tls.method           refined 
_pdbx_refine_tls.origin_x         -0.3075 
_pdbx_refine_tls.origin_y         -0.0797 
_pdbx_refine_tls.origin_z         0.1821 
_pdbx_refine_tls.T[1][1]          -0.0566 
_pdbx_refine_tls.T[2][2]          0.0184 
_pdbx_refine_tls.T[3][3]          -0.0155 
_pdbx_refine_tls.T[1][2]          0.0043 
_pdbx_refine_tls.T[1][3]          -0.0012 
_pdbx_refine_tls.T[2][3]          -0.0093 
_pdbx_refine_tls.L[1][1]          0.3796 
_pdbx_refine_tls.L[2][2]          0.2137 
_pdbx_refine_tls.L[3][3]          0.4434 
_pdbx_refine_tls.L[1][2]          0.0427 
_pdbx_refine_tls.L[1][3]          0.0768 
_pdbx_refine_tls.L[2][3]          0.1236 
_pdbx_refine_tls.S[1][1]          -0.0259 
_pdbx_refine_tls.S[2][2]          0.0120 
_pdbx_refine_tls.S[3][3]          0.0141 
_pdbx_refine_tls.S[1][2]          0.0115 
_pdbx_refine_tls.S[1][3]          0.0554 
_pdbx_refine_tls.S[2][3]          -0.0245 
_pdbx_refine_tls.S[2][1]          0.0174 
_pdbx_refine_tls.S[3][1]          0.0115 
_pdbx_refine_tls.S[3][2]          0.0799 
_pdbx_refine_tls.pdbx_refine_id   'X-RAY DIFFRACTION' 
# 
_pdbx_refine_tls_group.id                  1 
_pdbx_refine_tls_group.refine_tls_id       1 
_pdbx_refine_tls_group.beg_auth_asym_id    A 
_pdbx_refine_tls_group.end_auth_asym_id    A 
_pdbx_refine_tls_group.end_auth_seq_id     165 
_pdbx_refine_tls_group.selection           ? 
_pdbx_refine_tls_group.beg_auth_seq_id     3 
_pdbx_refine_tls_group.beg_label_asym_id   . 
_pdbx_refine_tls_group.beg_label_seq_id    . 
_pdbx_refine_tls_group.end_label_asym_id   . 
_pdbx_refine_tls_group.end_label_seq_id    . 
_pdbx_refine_tls_group.pdbx_refine_id      'X-RAY DIFFRACTION' 
_pdbx_refine_tls_group.selection_details   ? 
# 
_phasing.method   MAD 
# 
loop_
_pdbx_unobs_or_zero_occ_residues.id 
_pdbx_unobs_or_zero_occ_residues.PDB_model_num 
_pdbx_unobs_or_zero_occ_residues.polymer_flag 
_pdbx_unobs_or_zero_occ_residues.occupancy_flag 
_pdbx_unobs_or_zero_occ_residues.auth_asym_id 
_pdbx_unobs_or_zero_occ_residues.auth_comp_id 
_pdbx_unobs_or_zero_occ_residues.auth_seq_id 
_pdbx_unobs_or_zero_occ_residues.PDB_ins_code 
_pdbx_unobs_or_zero_occ_residues.label_asym_id 
_pdbx_unobs_or_zero_occ_residues.label_comp_id 
_pdbx_unobs_or_zero_occ_residues.label_seq_id 
1 1 Y 1 A GLY 0   ? A GLY 1   
2 1 Y 1 A MSE 1   ? A MSE 2   
3 1 Y 1 A SER 2   ? A SER 3   
4 1 Y 1 A ASP 166 ? A ASP 167 
5 1 Y 1 A LYS 167 ? A LYS 168 
6 1 Y 1 A PRO 168 ? A PRO 169 
7 1 Y 1 A ASP 169 ? A ASP 170 
8 1 Y 1 A HIS 170 ? A HIS 171 
9 1 Y 1 A LYS 171 ? A LYS 172 
# 
loop_
_chem_comp_atom.comp_id 
_chem_comp_atom.atom_id 
_chem_comp_atom.type_symbol 
_chem_comp_atom.pdbx_aromatic_flag 
_chem_comp_atom.pdbx_stereo_config 
_chem_comp_atom.pdbx_ordinal 
ALA N    N  N N 1   
ALA CA   C  N S 2   
ALA C    C  N N 3   
ALA O    O  N N 4   
ALA CB   C  N N 5   
ALA OXT  O  N N 6   
ALA H    H  N N 7   
ALA H2   H  N N 8   
ALA HA   H  N N 9   
ALA HB1  H  N N 10  
ALA HB2  H  N N 11  
ALA HB3  H  N N 12  
ALA HXT  H  N N 13  
ARG N    N  N N 14  
ARG CA   C  N S 15  
ARG C    C  N N 16  
ARG O    O  N N 17  
ARG CB   C  N N 18  
ARG CG   C  N N 19  
ARG CD   C  N N 20  
ARG NE   N  N N 21  
ARG CZ   C  N N 22  
ARG NH1  N  N N 23  
ARG NH2  N  N N 24  
ARG OXT  O  N N 25  
ARG H    H  N N 26  
ARG H2   H  N N 27  
ARG HA   H  N N 28  
ARG HB2  H  N N 29  
ARG HB3  H  N N 30  
ARG HG2  H  N N 31  
ARG HG3  H  N N 32  
ARG HD2  H  N N 33  
ARG HD3  H  N N 34  
ARG HE   H  N N 35  
ARG HH11 H  N N 36  
ARG HH12 H  N N 37  
ARG HH21 H  N N 38  
ARG HH22 H  N N 39  
ARG HXT  H  N N 40  
ASN N    N  N N 41  
ASN CA   C  N S 42  
ASN C    C  N N 43  
ASN O    O  N N 44  
ASN CB   C  N N 45  
ASN CG   C  N N 46  
ASN OD1  O  N N 47  
ASN ND2  N  N N 48  
ASN OXT  O  N N 49  
ASN H    H  N N 50  
ASN H2   H  N N 51  
ASN HA   H  N N 52  
ASN HB2  H  N N 53  
ASN HB3  H  N N 54  
ASN HD21 H  N N 55  
ASN HD22 H  N N 56  
ASN HXT  H  N N 57  
ASP N    N  N N 58  
ASP CA   C  N S 59  
ASP C    C  N N 60  
ASP O    O  N N 61  
ASP CB   C  N N 62  
ASP CG   C  N N 63  
ASP OD1  O  N N 64  
ASP OD2  O  N N 65  
ASP OXT  O  N N 66  
ASP H    H  N N 67  
ASP H2   H  N N 68  
ASP HA   H  N N 69  
ASP HB2  H  N N 70  
ASP HB3  H  N N 71  
ASP HD2  H  N N 72  
ASP HXT  H  N N 73  
CL  CL   CL N N 74  
CYS N    N  N N 75  
CYS CA   C  N R 76  
CYS C    C  N N 77  
CYS O    O  N N 78  
CYS CB   C  N N 79  
CYS SG   S  N N 80  
CYS OXT  O  N N 81  
CYS H    H  N N 82  
CYS H2   H  N N 83  
CYS HA   H  N N 84  
CYS HB2  H  N N 85  
CYS HB3  H  N N 86  
CYS HG   H  N N 87  
CYS HXT  H  N N 88  
GLN N    N  N N 89  
GLN CA   C  N S 90  
GLN C    C  N N 91  
GLN O    O  N N 92  
GLN CB   C  N N 93  
GLN CG   C  N N 94  
GLN CD   C  N N 95  
GLN OE1  O  N N 96  
GLN NE2  N  N N 97  
GLN OXT  O  N N 98  
GLN H    H  N N 99  
GLN H2   H  N N 100 
GLN HA   H  N N 101 
GLN HB2  H  N N 102 
GLN HB3  H  N N 103 
GLN HG2  H  N N 104 
GLN HG3  H  N N 105 
GLN HE21 H  N N 106 
GLN HE22 H  N N 107 
GLN HXT  H  N N 108 
GLU N    N  N N 109 
GLU CA   C  N S 110 
GLU C    C  N N 111 
GLU O    O  N N 112 
GLU CB   C  N N 113 
GLU CG   C  N N 114 
GLU CD   C  N N 115 
GLU OE1  O  N N 116 
GLU OE2  O  N N 117 
GLU OXT  O  N N 118 
GLU H    H  N N 119 
GLU H2   H  N N 120 
GLU HA   H  N N 121 
GLU HB2  H  N N 122 
GLU HB3  H  N N 123 
GLU HG2  H  N N 124 
GLU HG3  H  N N 125 
GLU HE2  H  N N 126 
GLU HXT  H  N N 127 
GLY N    N  N N 128 
GLY CA   C  N N 129 
GLY C    C  N N 130 
GLY O    O  N N 131 
GLY OXT  O  N N 132 
GLY H    H  N N 133 
GLY H2   H  N N 134 
GLY HA2  H  N N 135 
GLY HA3  H  N N 136 
GLY HXT  H  N N 137 
HIS N    N  N N 138 
HIS CA   C  N S 139 
HIS C    C  N N 140 
HIS O    O  N N 141 
HIS CB   C  N N 142 
HIS CG   C  Y N 143 
HIS ND1  N  Y N 144 
HIS CD2  C  Y N 145 
HIS CE1  C  Y N 146 
HIS NE2  N  Y N 147 
HIS OXT  O  N N 148 
HIS H    H  N N 149 
HIS H2   H  N N 150 
HIS HA   H  N N 151 
HIS HB2  H  N N 152 
HIS HB3  H  N N 153 
HIS HD1  H  N N 154 
HIS HD2  H  N N 155 
HIS HE1  H  N N 156 
HIS HE2  H  N N 157 
HIS HXT  H  N N 158 
HOH O    O  N N 159 
HOH H1   H  N N 160 
HOH H2   H  N N 161 
ILE N    N  N N 162 
ILE CA   C  N S 163 
ILE C    C  N N 164 
ILE O    O  N N 165 
ILE CB   C  N S 166 
ILE CG1  C  N N 167 
ILE CG2  C  N N 168 
ILE CD1  C  N N 169 
ILE OXT  O  N N 170 
ILE H    H  N N 171 
ILE H2   H  N N 172 
ILE HA   H  N N 173 
ILE HB   H  N N 174 
ILE HG12 H  N N 175 
ILE HG13 H  N N 176 
ILE HG21 H  N N 177 
ILE HG22 H  N N 178 
ILE HG23 H  N N 179 
ILE HD11 H  N N 180 
ILE HD12 H  N N 181 
ILE HD13 H  N N 182 
ILE HXT  H  N N 183 
LEU N    N  N N 184 
LEU CA   C  N S 185 
LEU C    C  N N 186 
LEU O    O  N N 187 
LEU CB   C  N N 188 
LEU CG   C  N N 189 
LEU CD1  C  N N 190 
LEU CD2  C  N N 191 
LEU OXT  O  N N 192 
LEU H    H  N N 193 
LEU H2   H  N N 194 
LEU HA   H  N N 195 
LEU HB2  H  N N 196 
LEU HB3  H  N N 197 
LEU HG   H  N N 198 
LEU HD11 H  N N 199 
LEU HD12 H  N N 200 
LEU HD13 H  N N 201 
LEU HD21 H  N N 202 
LEU HD22 H  N N 203 
LEU HD23 H  N N 204 
LEU HXT  H  N N 205 
LYS N    N  N N 206 
LYS CA   C  N S 207 
LYS C    C  N N 208 
LYS O    O  N N 209 
LYS CB   C  N N 210 
LYS CG   C  N N 211 
LYS CD   C  N N 212 
LYS CE   C  N N 213 
LYS NZ   N  N N 214 
LYS OXT  O  N N 215 
LYS H    H  N N 216 
LYS H2   H  N N 217 
LYS HA   H  N N 218 
LYS HB2  H  N N 219 
LYS HB3  H  N N 220 
LYS HG2  H  N N 221 
LYS HG3  H  N N 222 
LYS HD2  H  N N 223 
LYS HD3  H  N N 224 
LYS HE2  H  N N 225 
LYS HE3  H  N N 226 
LYS HZ1  H  N N 227 
LYS HZ2  H  N N 228 
LYS HZ3  H  N N 229 
LYS HXT  H  N N 230 
MSE N    N  N N 231 
MSE CA   C  N S 232 
MSE C    C  N N 233 
MSE O    O  N N 234 
MSE OXT  O  N N 235 
MSE CB   C  N N 236 
MSE CG   C  N N 237 
MSE SE   SE N N 238 
MSE CE   C  N N 239 
MSE H    H  N N 240 
MSE H2   H  N N 241 
MSE HA   H  N N 242 
MSE HXT  H  N N 243 
MSE HB2  H  N N 244 
MSE HB3  H  N N 245 
MSE HG2  H  N N 246 
MSE HG3  H  N N 247 
MSE HE1  H  N N 248 
MSE HE2  H  N N 249 
MSE HE3  H  N N 250 
PHE N    N  N N 251 
PHE CA   C  N S 252 
PHE C    C  N N 253 
PHE O    O  N N 254 
PHE CB   C  N N 255 
PHE CG   C  Y N 256 
PHE CD1  C  Y N 257 
PHE CD2  C  Y N 258 
PHE CE1  C  Y N 259 
PHE CE2  C  Y N 260 
PHE CZ   C  Y N 261 
PHE OXT  O  N N 262 
PHE H    H  N N 263 
PHE H2   H  N N 264 
PHE HA   H  N N 265 
PHE HB2  H  N N 266 
PHE HB3  H  N N 267 
PHE HD1  H  N N 268 
PHE HD2  H  N N 269 
PHE HE1  H  N N 270 
PHE HE2  H  N N 271 
PHE HZ   H  N N 272 
PHE HXT  H  N N 273 
PRO N    N  N N 274 
PRO CA   C  N S 275 
PRO C    C  N N 276 
PRO O    O  N N 277 
PRO CB   C  N N 278 
PRO CG   C  N N 279 
PRO CD   C  N N 280 
PRO OXT  O  N N 281 
PRO H    H  N N 282 
PRO HA   H  N N 283 
PRO HB2  H  N N 284 
PRO HB3  H  N N 285 
PRO HG2  H  N N 286 
PRO HG3  H  N N 287 
PRO HD2  H  N N 288 
PRO HD3  H  N N 289 
PRO HXT  H  N N 290 
SER N    N  N N 291 
SER CA   C  N S 292 
SER C    C  N N 293 
SER O    O  N N 294 
SER CB   C  N N 295 
SER OG   O  N N 296 
SER OXT  O  N N 297 
SER H    H  N N 298 
SER H2   H  N N 299 
SER HA   H  N N 300 
SER HB2  H  N N 301 
SER HB3  H  N N 302 
SER HG   H  N N 303 
SER HXT  H  N N 304 
THR N    N  N N 305 
THR CA   C  N S 306 
THR C    C  N N 307 
THR O    O  N N 308 
THR CB   C  N R 309 
THR OG1  O  N N 310 
THR CG2  C  N N 311 
THR OXT  O  N N 312 
THR H    H  N N 313 
THR H2   H  N N 314 
THR HA   H  N N 315 
THR HB   H  N N 316 
THR HG1  H  N N 317 
THR HG21 H  N N 318 
THR HG22 H  N N 319 
THR HG23 H  N N 320 
THR HXT  H  N N 321 
TRP N    N  N N 322 
TRP CA   C  N S 323 
TRP C    C  N N 324 
TRP O    O  N N 325 
TRP CB   C  N N 326 
TRP CG   C  Y N 327 
TRP CD1  C  Y N 328 
TRP CD2  C  Y N 329 
TRP NE1  N  Y N 330 
TRP CE2  C  Y N 331 
TRP CE3  C  Y N 332 
TRP CZ2  C  Y N 333 
TRP CZ3  C  Y N 334 
TRP CH2  C  Y N 335 
TRP OXT  O  N N 336 
TRP H    H  N N 337 
TRP H2   H  N N 338 
TRP HA   H  N N 339 
TRP HB2  H  N N 340 
TRP HB3  H  N N 341 
TRP HD1  H  N N 342 
TRP HE1  H  N N 343 
TRP HE3  H  N N 344 
TRP HZ2  H  N N 345 
TRP HZ3  H  N N 346 
TRP HH2  H  N N 347 
TRP HXT  H  N N 348 
TYR N    N  N N 349 
TYR CA   C  N S 350 
TYR C    C  N N 351 
TYR O    O  N N 352 
TYR CB   C  N N 353 
TYR CG   C  Y N 354 
TYR CD1  C  Y N 355 
TYR CD2  C  Y N 356 
TYR CE1  C  Y N 357 
TYR CE2  C  Y N 358 
TYR CZ   C  Y N 359 
TYR OH   O  N N 360 
TYR OXT  O  N N 361 
TYR H    H  N N 362 
TYR H2   H  N N 363 
TYR HA   H  N N 364 
TYR HB2  H  N N 365 
TYR HB3  H  N N 366 
TYR HD1  H  N N 367 
TYR HD2  H  N N 368 
TYR HE1  H  N N 369 
TYR HE2  H  N N 370 
TYR HH   H  N N 371 
TYR HXT  H  N N 372 
VAL N    N  N N 373 
VAL CA   C  N S 374 
VAL C    C  N N 375 
VAL O    O  N N 376 
VAL CB   C  N N 377 
VAL CG1  C  N N 378 
VAL CG2  C  N N 379 
VAL OXT  O  N N 380 
VAL H    H  N N 381 
VAL H2   H  N N 382 
VAL HA   H  N N 383 
VAL HB   H  N N 384 
VAL HG11 H  N N 385 
VAL HG12 H  N N 386 
VAL HG13 H  N N 387 
VAL HG21 H  N N 388 
VAL HG22 H  N N 389 
VAL HG23 H  N N 390 
VAL HXT  H  N N 391 
# 
loop_
_chem_comp_bond.comp_id 
_chem_comp_bond.atom_id_1 
_chem_comp_bond.atom_id_2 
_chem_comp_bond.value_order 
_chem_comp_bond.pdbx_aromatic_flag 
_chem_comp_bond.pdbx_stereo_config 
_chem_comp_bond.pdbx_ordinal 
ALA N   CA   sing N N 1   
ALA N   H    sing N N 2   
ALA N   H2   sing N N 3   
ALA CA  C    sing N N 4   
ALA CA  CB   sing N N 5   
ALA CA  HA   sing N N 6   
ALA C   O    doub N N 7   
ALA C   OXT  sing N N 8   
ALA CB  HB1  sing N N 9   
ALA CB  HB2  sing N N 10  
ALA CB  HB3  sing N N 11  
ALA OXT HXT  sing N N 12  
ARG N   CA   sing N N 13  
ARG N   H    sing N N 14  
ARG N   H2   sing N N 15  
ARG CA  C    sing N N 16  
ARG CA  CB   sing N N 17  
ARG CA  HA   sing N N 18  
ARG C   O    doub N N 19  
ARG C   OXT  sing N N 20  
ARG CB  CG   sing N N 21  
ARG CB  HB2  sing N N 22  
ARG CB  HB3  sing N N 23  
ARG CG  CD   sing N N 24  
ARG CG  HG2  sing N N 25  
ARG CG  HG3  sing N N 26  
ARG CD  NE   sing N N 27  
ARG CD  HD2  sing N N 28  
ARG CD  HD3  sing N N 29  
ARG NE  CZ   sing N N 30  
ARG NE  HE   sing N N 31  
ARG CZ  NH1  sing N N 32  
ARG CZ  NH2  doub N N 33  
ARG NH1 HH11 sing N N 34  
ARG NH1 HH12 sing N N 35  
ARG NH2 HH21 sing N N 36  
ARG NH2 HH22 sing N N 37  
ARG OXT HXT  sing N N 38  
ASN N   CA   sing N N 39  
ASN N   H    sing N N 40  
ASN N   H2   sing N N 41  
ASN CA  C    sing N N 42  
ASN CA  CB   sing N N 43  
ASN CA  HA   sing N N 44  
ASN C   O    doub N N 45  
ASN C   OXT  sing N N 46  
ASN CB  CG   sing N N 47  
ASN CB  HB2  sing N N 48  
ASN CB  HB3  sing N N 49  
ASN CG  OD1  doub N N 50  
ASN CG  ND2  sing N N 51  
ASN ND2 HD21 sing N N 52  
ASN ND2 HD22 sing N N 53  
ASN OXT HXT  sing N N 54  
ASP N   CA   sing N N 55  
ASP N   H    sing N N 56  
ASP N   H2   sing N N 57  
ASP CA  C    sing N N 58  
ASP CA  CB   sing N N 59  
ASP CA  HA   sing N N 60  
ASP C   O    doub N N 61  
ASP C   OXT  sing N N 62  
ASP CB  CG   sing N N 63  
ASP CB  HB2  sing N N 64  
ASP CB  HB3  sing N N 65  
ASP CG  OD1  doub N N 66  
ASP CG  OD2  sing N N 67  
ASP OD2 HD2  sing N N 68  
ASP OXT HXT  sing N N 69  
CYS N   CA   sing N N 70  
CYS N   H    sing N N 71  
CYS N   H2   sing N N 72  
CYS CA  C    sing N N 73  
CYS CA  CB   sing N N 74  
CYS CA  HA   sing N N 75  
CYS C   O    doub N N 76  
CYS C   OXT  sing N N 77  
CYS CB  SG   sing N N 78  
CYS CB  HB2  sing N N 79  
CYS CB  HB3  sing N N 80  
CYS SG  HG   sing N N 81  
CYS OXT HXT  sing N N 82  
GLN N   CA   sing N N 83  
GLN N   H    sing N N 84  
GLN N   H2   sing N N 85  
GLN CA  C    sing N N 86  
GLN CA  CB   sing N N 87  
GLN CA  HA   sing N N 88  
GLN C   O    doub N N 89  
GLN C   OXT  sing N N 90  
GLN CB  CG   sing N N 91  
GLN CB  HB2  sing N N 92  
GLN CB  HB3  sing N N 93  
GLN CG  CD   sing N N 94  
GLN CG  HG2  sing N N 95  
GLN CG  HG3  sing N N 96  
GLN CD  OE1  doub N N 97  
GLN CD  NE2  sing N N 98  
GLN NE2 HE21 sing N N 99  
GLN NE2 HE22 sing N N 100 
GLN OXT HXT  sing N N 101 
GLU N   CA   sing N N 102 
GLU N   H    sing N N 103 
GLU N   H2   sing N N 104 
GLU CA  C    sing N N 105 
GLU CA  CB   sing N N 106 
GLU CA  HA   sing N N 107 
GLU C   O    doub N N 108 
GLU C   OXT  sing N N 109 
GLU CB  CG   sing N N 110 
GLU CB  HB2  sing N N 111 
GLU CB  HB3  sing N N 112 
GLU CG  CD   sing N N 113 
GLU CG  HG2  sing N N 114 
GLU CG  HG3  sing N N 115 
GLU CD  OE1  doub N N 116 
GLU CD  OE2  sing N N 117 
GLU OE2 HE2  sing N N 118 
GLU OXT HXT  sing N N 119 
GLY N   CA   sing N N 120 
GLY N   H    sing N N 121 
GLY N   H2   sing N N 122 
GLY CA  C    sing N N 123 
GLY CA  HA2  sing N N 124 
GLY CA  HA3  sing N N 125 
GLY C   O    doub N N 126 
GLY C   OXT  sing N N 127 
GLY OXT HXT  sing N N 128 
HIS N   CA   sing N N 129 
HIS N   H    sing N N 130 
HIS N   H2   sing N N 131 
HIS CA  C    sing N N 132 
HIS CA  CB   sing N N 133 
HIS CA  HA   sing N N 134 
HIS C   O    doub N N 135 
HIS C   OXT  sing N N 136 
HIS CB  CG   sing N N 137 
HIS CB  HB2  sing N N 138 
HIS CB  HB3  sing N N 139 
HIS CG  ND1  sing Y N 140 
HIS CG  CD2  doub Y N 141 
HIS ND1 CE1  doub Y N 142 
HIS ND1 HD1  sing N N 143 
HIS CD2 NE2  sing Y N 144 
HIS CD2 HD2  sing N N 145 
HIS CE1 NE2  sing Y N 146 
HIS CE1 HE1  sing N N 147 
HIS NE2 HE2  sing N N 148 
HIS OXT HXT  sing N N 149 
HOH O   H1   sing N N 150 
HOH O   H2   sing N N 151 
ILE N   CA   sing N N 152 
ILE N   H    sing N N 153 
ILE N   H2   sing N N 154 
ILE CA  C    sing N N 155 
ILE CA  CB   sing N N 156 
ILE CA  HA   sing N N 157 
ILE C   O    doub N N 158 
ILE C   OXT  sing N N 159 
ILE CB  CG1  sing N N 160 
ILE CB  CG2  sing N N 161 
ILE CB  HB   sing N N 162 
ILE CG1 CD1  sing N N 163 
ILE CG1 HG12 sing N N 164 
ILE CG1 HG13 sing N N 165 
ILE CG2 HG21 sing N N 166 
ILE CG2 HG22 sing N N 167 
ILE CG2 HG23 sing N N 168 
ILE CD1 HD11 sing N N 169 
ILE CD1 HD12 sing N N 170 
ILE CD1 HD13 sing N N 171 
ILE OXT HXT  sing N N 172 
LEU N   CA   sing N N 173 
LEU N   H    sing N N 174 
LEU N   H2   sing N N 175 
LEU CA  C    sing N N 176 
LEU CA  CB   sing N N 177 
LEU CA  HA   sing N N 178 
LEU C   O    doub N N 179 
LEU C   OXT  sing N N 180 
LEU CB  CG   sing N N 181 
LEU CB  HB2  sing N N 182 
LEU CB  HB3  sing N N 183 
LEU CG  CD1  sing N N 184 
LEU CG  CD2  sing N N 185 
LEU CG  HG   sing N N 186 
LEU CD1 HD11 sing N N 187 
LEU CD1 HD12 sing N N 188 
LEU CD1 HD13 sing N N 189 
LEU CD2 HD21 sing N N 190 
LEU CD2 HD22 sing N N 191 
LEU CD2 HD23 sing N N 192 
LEU OXT HXT  sing N N 193 
LYS N   CA   sing N N 194 
LYS N   H    sing N N 195 
LYS N   H2   sing N N 196 
LYS CA  C    sing N N 197 
LYS CA  CB   sing N N 198 
LYS CA  HA   sing N N 199 
LYS C   O    doub N N 200 
LYS C   OXT  sing N N 201 
LYS CB  CG   sing N N 202 
LYS CB  HB2  sing N N 203 
LYS CB  HB3  sing N N 204 
LYS CG  CD   sing N N 205 
LYS CG  HG2  sing N N 206 
LYS CG  HG3  sing N N 207 
LYS CD  CE   sing N N 208 
LYS CD  HD2  sing N N 209 
LYS CD  HD3  sing N N 210 
LYS CE  NZ   sing N N 211 
LYS CE  HE2  sing N N 212 
LYS CE  HE3  sing N N 213 
LYS NZ  HZ1  sing N N 214 
LYS NZ  HZ2  sing N N 215 
LYS NZ  HZ3  sing N N 216 
LYS OXT HXT  sing N N 217 
MSE N   CA   sing N N 218 
MSE N   H    sing N N 219 
MSE N   H2   sing N N 220 
MSE CA  C    sing N N 221 
MSE CA  CB   sing N N 222 
MSE CA  HA   sing N N 223 
MSE C   O    doub N N 224 
MSE C   OXT  sing N N 225 
MSE OXT HXT  sing N N 226 
MSE CB  CG   sing N N 227 
MSE CB  HB2  sing N N 228 
MSE CB  HB3  sing N N 229 
MSE CG  SE   sing N N 230 
MSE CG  HG2  sing N N 231 
MSE CG  HG3  sing N N 232 
MSE SE  CE   sing N N 233 
MSE CE  HE1  sing N N 234 
MSE CE  HE2  sing N N 235 
MSE CE  HE3  sing N N 236 
PHE N   CA   sing N N 237 
PHE N   H    sing N N 238 
PHE N   H2   sing N N 239 
PHE CA  C    sing N N 240 
PHE CA  CB   sing N N 241 
PHE CA  HA   sing N N 242 
PHE C   O    doub N N 243 
PHE C   OXT  sing N N 244 
PHE CB  CG   sing N N 245 
PHE CB  HB2  sing N N 246 
PHE CB  HB3  sing N N 247 
PHE CG  CD1  doub Y N 248 
PHE CG  CD2  sing Y N 249 
PHE CD1 CE1  sing Y N 250 
PHE CD1 HD1  sing N N 251 
PHE CD2 CE2  doub Y N 252 
PHE CD2 HD2  sing N N 253 
PHE CE1 CZ   doub Y N 254 
PHE CE1 HE1  sing N N 255 
PHE CE2 CZ   sing Y N 256 
PHE CE2 HE2  sing N N 257 
PHE CZ  HZ   sing N N 258 
PHE OXT HXT  sing N N 259 
PRO N   CA   sing N N 260 
PRO N   CD   sing N N 261 
PRO N   H    sing N N 262 
PRO CA  C    sing N N 263 
PRO CA  CB   sing N N 264 
PRO CA  HA   sing N N 265 
PRO C   O    doub N N 266 
PRO C   OXT  sing N N 267 
PRO CB  CG   sing N N 268 
PRO CB  HB2  sing N N 269 
PRO CB  HB3  sing N N 270 
PRO CG  CD   sing N N 271 
PRO CG  HG2  sing N N 272 
PRO CG  HG3  sing N N 273 
PRO CD  HD2  sing N N 274 
PRO CD  HD3  sing N N 275 
PRO OXT HXT  sing N N 276 
SER N   CA   sing N N 277 
SER N   H    sing N N 278 
SER N   H2   sing N N 279 
SER CA  C    sing N N 280 
SER CA  CB   sing N N 281 
SER CA  HA   sing N N 282 
SER C   O    doub N N 283 
SER C   OXT  sing N N 284 
SER CB  OG   sing N N 285 
SER CB  HB2  sing N N 286 
SER CB  HB3  sing N N 287 
SER OG  HG   sing N N 288 
SER OXT HXT  sing N N 289 
THR N   CA   sing N N 290 
THR N   H    sing N N 291 
THR N   H2   sing N N 292 
THR CA  C    sing N N 293 
THR CA  CB   sing N N 294 
THR CA  HA   sing N N 295 
THR C   O    doub N N 296 
THR C   OXT  sing N N 297 
THR CB  OG1  sing N N 298 
THR CB  CG2  sing N N 299 
THR CB  HB   sing N N 300 
THR OG1 HG1  sing N N 301 
THR CG2 HG21 sing N N 302 
THR CG2 HG22 sing N N 303 
THR CG2 HG23 sing N N 304 
THR OXT HXT  sing N N 305 
TRP N   CA   sing N N 306 
TRP N   H    sing N N 307 
TRP N   H2   sing N N 308 
TRP CA  C    sing N N 309 
TRP CA  CB   sing N N 310 
TRP CA  HA   sing N N 311 
TRP C   O    doub N N 312 
TRP C   OXT  sing N N 313 
TRP CB  CG   sing N N 314 
TRP CB  HB2  sing N N 315 
TRP CB  HB3  sing N N 316 
TRP CG  CD1  doub Y N 317 
TRP CG  CD2  sing Y N 318 
TRP CD1 NE1  sing Y N 319 
TRP CD1 HD1  sing N N 320 
TRP CD2 CE2  doub Y N 321 
TRP CD2 CE3  sing Y N 322 
TRP NE1 CE2  sing Y N 323 
TRP NE1 HE1  sing N N 324 
TRP CE2 CZ2  sing Y N 325 
TRP CE3 CZ3  doub Y N 326 
TRP CE3 HE3  sing N N 327 
TRP CZ2 CH2  doub Y N 328 
TRP CZ2 HZ2  sing N N 329 
TRP CZ3 CH2  sing Y N 330 
TRP CZ3 HZ3  sing N N 331 
TRP CH2 HH2  sing N N 332 
TRP OXT HXT  sing N N 333 
TYR N   CA   sing N N 334 
TYR N   H    sing N N 335 
TYR N   H2   sing N N 336 
TYR CA  C    sing N N 337 
TYR CA  CB   sing N N 338 
TYR CA  HA   sing N N 339 
TYR C   O    doub N N 340 
TYR C   OXT  sing N N 341 
TYR CB  CG   sing N N 342 
TYR CB  HB2  sing N N 343 
TYR CB  HB3  sing N N 344 
TYR CG  CD1  doub Y N 345 
TYR CG  CD2  sing Y N 346 
TYR CD1 CE1  sing Y N 347 
TYR CD1 HD1  sing N N 348 
TYR CD2 CE2  doub Y N 349 
TYR CD2 HD2  sing N N 350 
TYR CE1 CZ   doub Y N 351 
TYR CE1 HE1  sing N N 352 
TYR CE2 CZ   sing Y N 353 
TYR CE2 HE2  sing N N 354 
TYR CZ  OH   sing N N 355 
TYR OH  HH   sing N N 356 
TYR OXT HXT  sing N N 357 
VAL N   CA   sing N N 358 
VAL N   H    sing N N 359 
VAL N   H2   sing N N 360 
VAL CA  C    sing N N 361 
VAL CA  CB   sing N N 362 
VAL CA  HA   sing N N 363 
VAL C   O    doub N N 364 
VAL C   OXT  sing N N 365 
VAL CB  CG1  sing N N 366 
VAL CB  CG2  sing N N 367 
VAL CB  HB   sing N N 368 
VAL CG1 HG11 sing N N 369 
VAL CG1 HG12 sing N N 370 
VAL CG1 HG13 sing N N 371 
VAL CG2 HG21 sing N N 372 
VAL CG2 HG22 sing N N 373 
VAL CG2 HG23 sing N N 374 
VAL OXT HXT  sing N N 375 
# 
_atom_sites.entry_id                    3ES1 
_atom_sites.fract_transf_matrix[1][1]   0.01276852 
_atom_sites.fract_transf_matrix[1][2]   0.00664016 
_atom_sites.fract_transf_matrix[1][3]   -0.00319390 
_atom_sites.fract_transf_matrix[2][1]   0.01276451 
_atom_sites.fract_transf_matrix[2][2]   -0.00665876 
_atom_sites.fract_transf_matrix[2][3]   0.00316627 
_atom_sites.fract_transf_matrix[3][1]   -0.00001203 
_atom_sites.fract_transf_matrix[3][2]   -0.00402020 
_atom_sites.fract_transf_matrix[3][3]   -0.00840613 
_atom_sites.fract_transf_vector[1]      0.865418 
_atom_sites.fract_transf_vector[2]      0.338061 
_atom_sites.fract_transf_vector[3]      0.141055 
# 
loop_
_atom_type.symbol 
C  
CL 
N  
O  
S  
SE 
# 
loop_
_atom_site.group_PDB 
_atom_site.id 
_atom_site.type_symbol 
_atom_site.label_atom_id 
_atom_site.label_alt_id 
_atom_site.label_comp_id 
_atom_site.label_asym_id 
_atom_site.label_entity_id 
_atom_site.label_seq_id 
_atom_site.pdbx_PDB_ins_code 
_atom_site.Cartn_x 
_atom_site.Cartn_y 
_atom_site.Cartn_z 
_atom_site.occupancy 
_atom_site.B_iso_or_equiv 
_atom_site.pdbx_formal_charge 
_atom_site.auth_seq_id 
_atom_site.auth_comp_id 
_atom_site.auth_asym_id 
_atom_site.auth_atom_id 
_atom_site.pdbx_PDB_model_num 
ATOM   1    N  N   A GLU A 1 4   ? 8.169   -16.527 -8.785  0.50 31.71 ? 3   GLU A N   1 
ATOM   2    N  N   B GLU A 1 4   ? 9.131   -17.648 -9.223  0.50 30.31 ? 3   GLU A N   1 
ATOM   3    C  CA  A GLU A 1 4   ? 7.336   -17.587 -8.109  0.50 31.15 ? 3   GLU A CA  1 
ATOM   4    C  CA  B GLU A 1 4   ? 7.915   -17.722 -8.344  0.50 30.07 ? 3   GLU A CA  1 
ATOM   5    C  C   A GLU A 1 4   ? 8.182   -18.372 -7.115  0.50 30.97 ? 3   GLU A C   1 
ATOM   6    C  C   B GLU A 1 4   ? 8.363   -18.439 -7.098  0.50 30.23 ? 3   GLU A C   1 
ATOM   7    O  O   A GLU A 1 4   ? 8.771   -19.428 -7.382  0.50 32.25 ? 3   GLU A O   1 
ATOM   8    O  O   B GLU A 1 4   ? 8.882   -19.569 -7.176  0.50 31.35 ? 3   GLU A O   1 
ATOM   9    C  CB  A GLU A 1 4   ? 6.633   -18.508 -9.112  0.50 31.44 ? 3   GLU A CB  1 
ATOM   10   C  CB  B GLU A 1 4   ? 6.753   -18.440 -9.079  0.50 30.04 ? 3   GLU A CB  1 
ATOM   11   C  CG  A GLU A 1 4   ? 5.518   -17.830 -9.922  0.50 30.90 ? 3   GLU A CG  1 
ATOM   12   C  CG  B GLU A 1 4   ? 5.511   -18.677 -8.262  0.50 28.66 ? 3   GLU A CG  1 
ATOM   13   C  CD  A GLU A 1 4   ? 5.937   -17.401 -11.317 0.50 31.43 ? 3   GLU A CD  1 
ATOM   14   C  CD  B GLU A 1 4   ? 4.264   -19.178 -9.051  0.50 24.42 ? 3   GLU A CD  1 
ATOM   15   O  OE1 A GLU A 1 4   ? 6.981   -16.719 -11.460 0.50 32.57 ? 3   GLU A OE1 1 
ATOM   16   O  OE1 B GLU A 1 4   ? 3.487   -19.858 -8.378  0.50 24.68 ? 3   GLU A OE1 1 
ATOM   17   O  OE2 A GLU A 1 4   ? 5.205   -17.724 -12.278 0.50 28.47 ? 3   GLU A OE2 1 
ATOM   18   O  OE2 B GLU A 1 4   ? 3.998   -18.895 -10.267 0.50 19.68 ? 3   GLU A OE2 1 
ATOM   19   N  N   . ALA A 1 5   ? 8.231   -17.757 -5.962  1.00 29.11 ? 4   ALA A N   1 
ATOM   20   C  CA  . ALA A 1 5   ? 8.754   -18.291 -4.730  1.00 27.82 ? 4   ALA A CA  1 
ATOM   21   C  C   . ALA A 1 5   ? 7.840   -17.763 -3.632  1.00 25.54 ? 4   ALA A C   1 
ATOM   22   O  O   . ALA A 1 5   ? 7.121   -16.815 -3.846  1.00 24.70 ? 4   ALA A O   1 
ATOM   23   C  CB  . ALA A 1 5   ? 10.189  -17.771 -4.510  1.00 26.86 ? 4   ALA A CB  1 
ATOM   24   N  N   . LEU A 1 6   ? 7.878   -18.430 -2.486  1.00 24.64 ? 5   LEU A N   1 
ATOM   25   C  CA  . LEU A 1 6   ? 7.303   -17.917 -1.240  1.00 23.18 ? 5   LEU A CA  1 
ATOM   26   C  C   . LEU A 1 6   ? 7.851   -16.522 -0.972  1.00 21.90 ? 5   LEU A C   1 
ATOM   27   O  O   . LEU A 1 6   ? 8.992   -16.215 -1.271  1.00 20.92 ? 5   LEU A O   1 
ATOM   28   C  CB  . LEU A 1 6   ? 7.692   -18.847 -0.078  1.00 23.88 ? 5   LEU A CB  1 
ATOM   29   C  CG  . LEU A 1 6   ? 6.765   -19.040 1.081   1.00 24.96 ? 5   LEU A CG  1 
ATOM   30   C  CD1 . LEU A 1 6   ? 5.399   -19.508 0.581   1.00 24.67 ? 5   LEU A CD1 1 
ATOM   31   C  CD2 . LEU A 1 6   ? 7.473   -20.050 2.067   1.00 27.14 ? 5   LEU A CD2 1 
ATOM   32   N  N   . SER A 1 7   ? 6.993   -15.659 -0.438  1.00 20.76 ? 6   SER A N   1 
ATOM   33   C  CA  . SER A 1 7   ? 7.397   -14.317 0.005   1.00 19.19 ? 6   SER A CA  1 
ATOM   34   C  C   . SER A 1 7   ? 8.424   -14.373 1.141   1.00 18.89 ? 6   SER A C   1 
ATOM   35   O  O   . SER A 1 7   ? 8.538   -15.355 1.901   1.00 17.68 ? 6   SER A O   1 
ATOM   36   C  CB  . SER A 1 7   ? 6.176   -13.520 0.474   1.00 18.67 ? 6   SER A CB  1 
ATOM   37   O  OG  . SER A 1 7   ? 5.223   -13.333 -0.573  1.00 16.38 ? 6   SER A OG  1 
ATOM   38   N  N   . ASP A 1 8   ? 9.190   -13.299 1.239   1.00 19.03 ? 7   ASP A N   1 
ATOM   39   C  CA  . ASP A 1 8   ? 10.240  -13.211 2.272   1.00 19.20 ? 7   ASP A CA  1 
ATOM   40   C  C   . ASP A 1 8   ? 9.613   -13.208 3.680   1.00 20.08 ? 7   ASP A C   1 
ATOM   41   O  O   . ASP A 1 8   ? 10.307  -13.365 4.672   1.00 19.86 ? 7   ASP A O   1 
ATOM   42   C  CB  . ASP A 1 8   ? 11.140  -11.985 2.073   1.00 18.92 ? 7   ASP A CB  1 
ATOM   43   C  CG  . ASP A 1 8   ? 12.051  -12.111 0.841   1.00 20.88 ? 7   ASP A CG  1 
ATOM   44   O  OD1 . ASP A 1 8   ? 12.186  -13.226 0.310   1.00 18.44 ? 7   ASP A OD1 1 
ATOM   45   O  OD2 . ASP A 1 8   ? 12.638  -11.094 0.395   1.00 18.83 ? 7   ASP A OD2 1 
ATOM   46   N  N   . SER A 1 9   ? 8.291   -13.001 3.751   1.00 19.45 ? 8   SER A N   1 
ATOM   47   C  CA  . SER A 1 9   ? 7.551   -12.999 5.026   1.00 19.35 ? 8   SER A CA  1 
ATOM   48   C  C   . SER A 1 9   ? 7.075   -14.404 5.350   1.00 20.33 ? 8   SER A C   1 
ATOM   49   O  O   . SER A 1 9   ? 6.521   -14.656 6.416   1.00 19.86 ? 8   SER A O   1 
ATOM   50   C  CB  . SER A 1 9   ? 6.301   -12.141 4.898   1.00 19.84 ? 8   SER A CB  1 
ATOM   51   O  OG  . SER A 1 9   ? 5.560   -12.613 3.777   1.00 18.91 ? 8   SER A OG  1 
ATOM   52   N  N   . GLY A 1 10  ? 7.283   -15.306 4.404   1.00 20.84 ? 9   GLY A N   1 
ATOM   53   C  CA  . GLY A 1 10  ? 6.781   -16.694 4.521   1.00 20.69 ? 9   GLY A CA  1 
ATOM   54   C  C   . GLY A 1 10  ? 5.369   -16.925 4.036   1.00 20.81 ? 9   GLY A C   1 
ATOM   55   O  O   . GLY A 1 10  ? 4.855   -18.073 4.067   1.00 22.09 ? 9   GLY A O   1 
ATOM   56   N  N   . LEU A 1 11  ? 4.764   -15.842 3.582   1.00 19.44 ? 10  LEU A N   1 
ATOM   57   C  CA  . LEU A 1 11  ? 3.404   -15.863 2.977   1.00 18.23 ? 10  LEU A CA  1 
ATOM   58   C  C   . LEU A 1 11  ? 3.436   -16.085 1.454   1.00 18.20 ? 10  LEU A C   1 
ATOM   59   O  O   . LEU A 1 11  ? 4.460   -15.870 0.809   1.00 18.34 ? 10  LEU A O   1 
ATOM   60   C  CB  . LEU A 1 11  ? 2.682   -14.561 3.291   1.00 17.49 ? 10  LEU A CB  1 
ATOM   61   C  CG  . LEU A 1 11  ? 2.393   -14.258 4.754   1.00 16.87 ? 10  LEU A CG  1 
ATOM   62   C  CD1 . LEU A 1 11  ? 1.732   -12.890 4.913   1.00 15.28 ? 10  LEU A CD1 1 
ATOM   63   C  CD2 . LEU A 1 11  ? 1.486   -15.345 5.306   1.00 16.63 ? 10  LEU A CD2 1 
ATOM   64   N  N   . PRO A 1 12  ? 2.335   -16.583 0.884   1.00 18.74 ? 11  PRO A N   1 
ATOM   65   C  CA  . PRO A 1 12  ? 2.282   -16.873 -0.562  1.00 18.06 ? 11  PRO A CA  1 
ATOM   66   C  C   . PRO A 1 12  ? 2.574   -15.677 -1.442  1.00 17.72 ? 11  PRO A C   1 
ATOM   67   O  O   . PRO A 1 12  ? 2.356   -14.544 -1.019  1.00 19.10 ? 11  PRO A O   1 
ATOM   68   C  CB  . PRO A 1 12  ? 0.820   -17.299 -0.771  1.00 18.48 ? 11  PRO A CB  1 
ATOM   69   C  CG  . PRO A 1 12  ? 0.400   -17.861 0.513   1.00 20.36 ? 11  PRO A CG  1 
ATOM   70   C  CD  . PRO A 1 12  ? 1.060   -16.941 1.546   1.00 18.78 ? 11  PRO A CD  1 
ATOM   71   N  N   . PRO A 1 13  ? 3.122   -15.915 -2.643  1.00 18.11 ? 12  PRO A N   1 
ATOM   72   C  CA  . PRO A 1 13  ? 3.272   -14.802 -3.587  1.00 18.02 ? 12  PRO A CA  1 
ATOM   73   C  C   . PRO A 1 13  ? 1.915   -14.336 -4.036  1.00 18.26 ? 12  PRO A C   1 
ATOM   74   O  O   . PRO A 1 13  ? 0.901   -14.999 -3.834  1.00 19.60 ? 12  PRO A O   1 
ATOM   75   C  CB  . PRO A 1 13  ? 4.050   -15.402 -4.762  1.00 17.05 ? 12  PRO A CB  1 
ATOM   76   C  CG  . PRO A 1 13  ? 3.812   -16.895 -4.687  1.00 19.19 ? 12  PRO A CG  1 
ATOM   77   C  CD  . PRO A 1 13  ? 3.562   -17.205 -3.206  1.00 16.96 ? 12  PRO A CD  1 
ATOM   78   N  N   . VAL A 1 14  ? 1.917   -13.189 -4.681  1.00 18.34 ? 13  VAL A N   1 
ATOM   79   C  CA  . VAL A 1 14  ? 0.683   -12.510 -5.080  1.00 18.33 ? 13  VAL A CA  1 
ATOM   80   C  C   . VAL A 1 14  ? 0.442   -12.575 -6.603  1.00 17.67 ? 13  VAL A C   1 
ATOM   81   O  O   . VAL A 1 14  ? 1.269   -12.187 -7.384  1.00 17.89 ? 13  VAL A O   1 
ATOM   82   C  CB  . VAL A 1 14  ? 0.755   -11.031 -4.629  1.00 18.73 ? 13  VAL A CB  1 
ATOM   83   C  CG1 . VAL A 1 14  ? -0.513  -10.236 -5.069  1.00 18.41 ? 13  VAL A CG1 1 
ATOM   84   C  CG2 . VAL A 1 14  ? 1.037   -10.926 -3.100  1.00 17.05 ? 13  VAL A CG2 1 
ATOM   85   N  N   . GLN A 1 15  ? -0.714  -13.096 -6.980  1.00 17.67 ? 14  GLN A N   1 
ATOM   86   C  CA  . GLN A 1 15  ? -1.198  -13.066 -8.369  1.00 17.30 ? 14  GLN A CA  1 
ATOM   87   C  C   . GLN A 1 15  ? -1.738  -11.694 -8.702  1.00 17.67 ? 14  GLN A C   1 
ATOM   88   O  O   . GLN A 1 15  ? -2.577  -11.142 -7.975  1.00 18.42 ? 14  GLN A O   1 
ATOM   89   C  CB  . GLN A 1 15  ? -2.321  -14.126 -8.563  1.00 17.62 ? 14  GLN A CB  1 
ATOM   90   C  CG  . GLN A 1 15  ? -2.956  -14.179 -9.963  1.00 19.67 ? 14  GLN A CG  1 
ATOM   91   C  CD  . GLN A 1 15  ? -4.190  -15.038 -9.984  1.00 16.79 ? 14  GLN A CD  1 
ATOM   92   O  OE1 . GLN A 1 15  ? -4.799  -15.310 -8.918  1.00 17.33 ? 14  GLN A OE1 1 
ATOM   93   N  NE2 . GLN A 1 15  ? -4.608  -15.441 -11.188 1.00 18.28 ? 14  GLN A NE2 1 
ATOM   94   N  N   . ARG A 1 16  ? -1.264  -11.173 -9.830  1.00 17.55 ? 15  ARG A N   1 
ATOM   95   C  CA  . ARG A 1 16  ? -1.718  -9.916  -10.416 1.00 18.31 ? 15  ARG A CA  1 
ATOM   96   C  C   . ARG A 1 16  ? -2.256  -10.169 -11.830 1.00 17.26 ? 15  ARG A C   1 
ATOM   97   O  O   . ARG A 1 16  ? -1.582  -10.773 -12.670 1.00 16.76 ? 15  ARG A O   1 
ATOM   98   C  CB  . ARG A 1 16  ? -0.575  -8.891  -10.461 1.00 17.76 ? 15  ARG A CB  1 
ATOM   99   C  CG  . ARG A 1 16  ? -0.983  -7.503  -11.052 1.00 19.91 ? 15  ARG A CG  1 
ATOM   100  C  CD  . ARG A 1 16  ? 0.207   -6.550  -11.118 1.00 20.21 ? 15  ARG A CD  1 
ATOM   101  N  NE  . ARG A 1 16  ? 1.034   -6.807  -12.275 1.00 21.03 ? 15  ARG A NE  1 
ATOM   102  C  CZ  . ARG A 1 16  ? 1.799   -5.918  -12.883 1.00 21.84 ? 15  ARG A CZ  1 
ATOM   103  N  NH1 . ARG A 1 16  ? 1.867   -4.672  -12.448 1.00 19.61 ? 15  ARG A NH1 1 
ATOM   104  N  NH2 . ARG A 1 16  ? 2.481   -6.290  -13.943 1.00 23.87 ? 15  ARG A NH2 1 
ATOM   105  N  N   . VAL A 1 17  ? -3.475  -9.725  -12.056 1.00 17.40 ? 16  VAL A N   1 
ATOM   106  C  CA  . VAL A 1 17  ? -4.114  -9.840  -13.361 1.00 17.51 ? 16  VAL A CA  1 
ATOM   107  C  C   . VAL A 1 17  ? -4.467  -8.467  -13.838 1.00 17.37 ? 16  VAL A C   1 
ATOM   108  O  O   . VAL A 1 17  ? -5.228  -7.758  -13.188 1.00 19.79 ? 16  VAL A O   1 
ATOM   109  C  CB  . VAL A 1 17  ? -5.395  -10.738 -13.324 1.00 18.82 ? 16  VAL A CB  1 
ATOM   110  C  CG1 . VAL A 1 17  ? -6.141  -10.669 -14.684 1.00 16.90 ? 16  VAL A CG1 1 
ATOM   111  C  CG2 . VAL A 1 17  ? -5.062  -12.211 -12.906 1.00 18.10 ? 16  VAL A CG2 1 
ATOM   112  N  N   . VAL A 1 18  ? -3.960  -8.099  -14.999 1.00 17.46 ? 17  VAL A N   1 
ATOM   113  C  CA  . VAL A 1 18  ? -4.192  -6.742  -15.564 1.00 16.86 ? 17  VAL A CA  1 
ATOM   114  C  C   . VAL A 1 18  ? -4.939  -6.799  -16.871 1.00 16.66 ? 17  VAL A C   1 
ATOM   115  O  O   . VAL A 1 18  ? -4.547  -7.515  -17.783 1.00 17.01 ? 17  VAL A O   1 
ATOM   116  C  CB  . VAL A 1 18  ? -2.874  -5.995  -15.818 1.00 17.35 ? 17  VAL A CB  1 
ATOM   117  C  CG1 . VAL A 1 18  ? -3.150  -4.545  -16.349 1.00 16.29 ? 17  VAL A CG1 1 
ATOM   118  C  CG2 . VAL A 1 18  ? -1.993  -5.986  -14.555 1.00 15.84 ? 17  VAL A CG2 1 
ATOM   119  N  N   . THR A 1 19  ? -6.005  -5.996  -16.976 1.00 16.50 ? 18  THR A N   1 
ATOM   120  C  CA  . THR A 1 19  ? -6.824  -5.963  -18.173 1.00 16.52 ? 18  THR A CA  1 
ATOM   121  C  C   . THR A 1 19  ? -6.469  -4.770  -19.045 1.00 16.98 ? 18  THR A C   1 
ATOM   122  O  O   . THR A 1 19  ? -5.744  -3.892  -18.641 1.00 18.43 ? 18  THR A O   1 
ATOM   123  C  CB  . THR A 1 19  ? -8.351  -5.888  -17.864 1.00 15.40 ? 18  THR A CB  1 
ATOM   124  O  OG1 . THR A 1 19  ? -8.752  -4.552  -17.485 1.00 16.24 ? 18  THR A OG1 1 
ATOM   125  C  CG2 . THR A 1 19  ? -8.736  -6.811  -16.774 1.00 14.11 ? 18  THR A CG2 1 
ATOM   126  N  N   . GLY A 1 20  ? -6.938  -4.826  -20.275 1.00 17.33 ? 19  GLY A N   1 
ATOM   127  C  CA  . GLY A 1 20  ? -6.705  -3.738  -21.233 1.00 18.65 ? 19  GLY A CA  1 
ATOM   128  C  C   . GLY A 1 20  ? -7.555  -3.927  -22.472 1.00 19.01 ? 19  GLY A C   1 
ATOM   129  O  O   . GLY A 1 20  ? -8.381  -4.832  -22.528 1.00 18.05 ? 19  GLY A O   1 
ATOM   130  N  N   . HIS A 1 21  ? -7.306  -3.079  -23.464 1.00 20.11 ? 20  HIS A N   1 
ATOM   131  C  CA  . HIS A 1 21  ? -8.009  -3.131  -24.760 1.00 19.81 ? 20  HIS A CA  1 
ATOM   132  C  C   . HIS A 1 21  ? -7.033  -3.425  -25.865 1.00 20.61 ? 20  HIS A C   1 
ATOM   133  O  O   . HIS A 1 21  ? -5.873  -2.991  -25.811 1.00 20.04 ? 20  HIS A O   1 
ATOM   134  C  CB  . HIS A 1 21  ? -8.682  -1.784  -25.045 1.00 19.64 ? 20  HIS A CB  1 
ATOM   135  C  CG  . HIS A 1 21  ? -9.846  -1.495  -24.166 1.00 19.35 ? 20  HIS A CG  1 
ATOM   136  N  ND1 . HIS A 1 21  ? -9.725  -0.795  -22.989 1.00 20.76 ? 20  HIS A ND1 1 
ATOM   137  C  CD2 . HIS A 1 21  ? -11.150 -1.856  -24.262 1.00 20.71 ? 20  HIS A CD2 1 
ATOM   138  C  CE1 . HIS A 1 21  ? -10.909 -0.737  -22.396 1.00 19.56 ? 20  HIS A CE1 1 
ATOM   139  N  NE2 . HIS A 1 21  ? -11.792 -1.365  -23.149 1.00 18.27 ? 20  HIS A NE2 1 
ATOM   140  N  N   . ASP A 1 22  ? -7.490  -4.204  -26.833 1.00 20.86 ? 21  ASP A N   1 
ATOM   141  C  CA  . ASP A 1 22  ? -6.669  -4.533  -27.994 1.00 22.08 ? 21  ASP A CA  1 
ATOM   142  C  C   . ASP A 1 22  ? -6.909  -3.547  -29.127 1.00 22.31 ? 21  ASP A C   1 
ATOM   143  O  O   . ASP A 1 22  ? -7.606  -2.530  -28.962 1.00 22.75 ? 21  ASP A O   1 
ATOM   144  C  CB  . ASP A 1 22  ? -6.801  -6.015  -28.414 1.00 21.38 ? 21  ASP A CB  1 
ATOM   145  C  CG  . ASP A 1 22  ? -8.155  -6.345  -29.039 1.00 22.72 ? 21  ASP A CG  1 
ATOM   146  O  OD1 . ASP A 1 22  ? -8.883  -5.382  -29.300 1.00 19.62 ? 21  ASP A OD1 1 
ATOM   147  O  OD2 . ASP A 1 22  ? -8.440  -7.547  -29.284 1.00 23.12 ? 21  ASP A OD2 1 
ATOM   148  N  N   . ALA A 1 23  ? -6.303  -3.831  -30.272 1.00 23.40 ? 22  ALA A N   1 
ATOM   149  C  CA  . ALA A 1 23  ? -6.330  -2.874  -31.389 1.00 23.93 ? 22  ALA A CA  1 
ATOM   150  C  C   . ALA A 1 23  ? -7.703  -2.805  -31.981 1.00 24.80 ? 22  ALA A C   1 
ATOM   151  O  O   . ALA A 1 23  ? -7.985  -1.944  -32.791 1.00 25.02 ? 22  ALA A O   1 
ATOM   152  C  CB  . ALA A 1 23  ? -5.320  -3.266  -32.477 1.00 24.59 ? 22  ALA A CB  1 
ATOM   153  N  N   . HIS A 1 24  ? -8.558  -3.729  -31.562 1.00 24.48 ? 23  HIS A N   1 
ATOM   154  C  CA  . HIS A 1 24  ? -9.926  -3.844  -32.080 1.00 24.93 ? 23  HIS A CA  1 
ATOM   155  C  C   . HIS A 1 24  ? -10.898 -3.298  -31.094 1.00 24.16 ? 23  HIS A C   1 
ATOM   156  O  O   . HIS A 1 24  ? -12.089 -3.357  -31.317 1.00 24.87 ? 23  HIS A O   1 
ATOM   157  C  CB  . HIS A 1 24  ? -10.276 -5.293  -32.390 1.00 25.31 ? 23  HIS A CB  1 
ATOM   158  C  CG  . HIS A 1 24  ? -9.372  -5.882  -33.402 1.00 28.90 ? 23  HIS A CG  1 
ATOM   159  N  ND1 . HIS A 1 24  ? -9.525  -5.643  -34.751 1.00 34.09 ? 23  HIS A ND1 1 
ATOM   160  C  CD2 . HIS A 1 24  ? -8.245  -6.620  -33.266 1.00 31.47 ? 23  HIS A CD2 1 
ATOM   161  C  CE1 . HIS A 1 24  ? -8.546  -6.241  -35.406 1.00 35.41 ? 23  HIS A CE1 1 
ATOM   162  N  NE2 . HIS A 1 24  ? -7.756  -6.838  -34.528 1.00 35.68 ? 23  HIS A NE2 1 
ATOM   163  N  N   . GLY A 1 25  ? -10.369 -2.725  -30.017 1.00 23.39 ? 24  GLY A N   1 
ATOM   164  C  CA  . GLY A 1 25  ? -11.203 -2.077  -28.999 1.00 22.59 ? 24  GLY A CA  1 
ATOM   165  C  C   . GLY A 1 25  ? -11.912 -3.082  -28.104 1.00 21.82 ? 24  GLY A C   1 
ATOM   166  O  O   . GLY A 1 25  ? -12.898 -2.770  -27.434 1.00 22.97 ? 24  GLY A O   1 
ATOM   167  N  N   . ARG A 1 26  ? -11.417 -4.308  -28.135 1.00 20.81 ? 25  ARG A N   1 
ATOM   168  C  CA  . ARG A 1 26  ? -11.906 -5.396  -27.261 1.00 19.47 ? 25  ARG A CA  1 
ATOM   169  C  C   . ARG A 1 26  ? -11.175 -5.489  -25.918 1.00 18.49 ? 25  ARG A C   1 
ATOM   170  O  O   . ARG A 1 26  ? -9.950  -5.265  -25.814 1.00 18.09 ? 25  ARG A O   1 
ATOM   171  C  CB  . ARG A 1 26  ? -11.846 -6.751  -27.991 1.00 19.36 ? 25  ARG A CB  1 
ATOM   172  C  CG  . ARG A 1 26  ? -12.552 -6.755  -29.370 1.00 18.64 ? 25  ARG A CG  1 
ATOM   173  C  CD  . ARG A 1 26  ? -13.902 -6.093  -29.340 1.00 22.14 ? 25  ARG A CD  1 
ATOM   174  N  NE  . ARG A 1 26  ? -14.890 -7.041  -28.893 1.00 23.66 ? 25  ARG A NE  1 
ATOM   175  C  CZ  . ARG A 1 26  ? -16.118 -6.735  -28.506 1.00 26.41 ? 25  ARG A CZ  1 
ATOM   176  N  NH1 . ARG A 1 26  ? -16.548 -5.488  -28.536 1.00 28.54 ? 25  ARG A NH1 1 
ATOM   177  N  NH2 . ARG A 1 26  ? -16.926 -7.697  -28.090 1.00 28.34 ? 25  ARG A NH2 1 
ATOM   178  N  N   . ALA A 1 27  ? -11.948 -5.834  -24.896 1.00 18.04 ? 26  ALA A N   1 
ATOM   179  C  CA  . ALA A 1 27  ? -11.412 -6.074  -23.537 1.00 17.50 ? 26  ALA A CA  1 
ATOM   180  C  C   . ALA A 1 27  ? -10.771 -7.459  -23.478 1.00 18.06 ? 26  ALA A C   1 
ATOM   181  O  O   . ALA A 1 27  ? -11.385 -8.490  -23.762 1.00 17.36 ? 26  ALA A O   1 
ATOM   182  C  CB  . ALA A 1 27  ? -12.483 -5.889  -22.454 1.00 17.13 ? 26  ALA A CB  1 
ATOM   183  N  N   . VAL A 1 28  ? -9.485  -7.416  -23.171 1.00 18.69 ? 27  VAL A N   1 
ATOM   184  C  CA  . VAL A 1 28  ? -8.617  -8.574  -23.132 1.00 18.77 ? 27  VAL A CA  1 
ATOM   185  C  C   . VAL A 1 28  ? -7.754  -8.560  -21.882 1.00 20.19 ? 27  VAL A C   1 
ATOM   186  O  O   . VAL A 1 28  ? -7.700  -7.556  -21.168 1.00 20.92 ? 27  VAL A O   1 
ATOM   187  C  CB  . VAL A 1 28  ? -7.665  -8.591  -24.364 1.00 18.50 ? 27  VAL A CB  1 
ATOM   188  C  CG1 . VAL A 1 28  ? -8.440  -8.485  -25.638 1.00 16.55 ? 27  VAL A CG1 1 
ATOM   189  C  CG2 . VAL A 1 28  ? -6.646  -7.449  -24.309 1.00 17.34 ? 27  VAL A CG2 1 
ATOM   190  N  N   . PHE A 1 29  ? -7.101  -9.690  -21.629 1.00 19.83 ? 28  PHE A N   1 
ATOM   191  C  CA  . PHE A 1 29  ? -6.066  -9.788  -20.553 1.00 19.63 ? 28  PHE A CA  1 
ATOM   192  C  C   . PHE A 1 29  ? -4.740  -9.264  -21.069 1.00 20.22 ? 28  PHE A C   1 
ATOM   193  O  O   . PHE A 1 29  ? -4.279  -9.681  -22.131 1.00 20.60 ? 28  PHE A O   1 
ATOM   194  C  CB  . PHE A 1 29  ? -5.966  -11.245 -20.012 1.00 19.52 ? 28  PHE A CB  1 
ATOM   195  C  CG  . PHE A 1 29  ? -7.208  -11.681 -19.306 1.00 17.54 ? 28  PHE A CG  1 
ATOM   196  C  CD1 . PHE A 1 29  ? -7.461  -11.277 -18.011 1.00 20.21 ? 28  PHE A CD1 1 
ATOM   197  C  CD2 . PHE A 1 29  ? -8.161  -12.468 -19.942 1.00 20.99 ? 28  PHE A CD2 1 
ATOM   198  C  CE1 . PHE A 1 29  ? -8.645  -11.692 -17.366 1.00 19.48 ? 28  PHE A CE1 1 
ATOM   199  C  CE2 . PHE A 1 29  ? -9.358  -12.831 -19.307 1.00 19.39 ? 28  PHE A CE2 1 
ATOM   200  C  CZ  . PHE A 1 29  ? -9.595  -12.422 -18.039 1.00 18.72 ? 28  PHE A CZ  1 
ATOM   201  N  N   . LYS A 1 30  ? -4.153  -8.336  -20.312 1.00 20.37 ? 29  LYS A N   1 
ATOM   202  C  CA  . LYS A 1 30  ? -2.936  -7.609  -20.694 1.00 21.68 ? 29  LYS A CA  1 
ATOM   203  C  C   . LYS A 1 30  ? -1.704  -8.316  -20.148 1.00 21.63 ? 29  LYS A C   1 
ATOM   204  O  O   . LYS A 1 30  ? -0.721  -8.484  -20.849 1.00 21.30 ? 29  LYS A O   1 
ATOM   205  C  CB  . LYS A 1 30  ? -3.005  -6.161  -20.203 1.00 22.68 ? 29  LYS A CB  1 
ATOM   206  C  CG  . LYS A 1 30  ? -1.835  -5.266  -20.646 1.00 27.74 ? 29  LYS A CG  1 
ATOM   207  C  CD  . LYS A 1 30  ? -1.950  -3.810  -20.196 1.00 31.10 ? 29  LYS A CD  1 
ATOM   208  C  CE  . LYS A 1 30  ? -0.575  -3.121  -20.246 1.00 33.21 ? 29  LYS A CE  1 
ATOM   209  N  NZ  . LYS A 1 30  ? -0.323  -2.346  -21.510 1.00 31.38 ? 29  LYS A NZ  1 
ATOM   210  N  N   . SER A 1 31  ? -1.787  -8.746  -18.893 1.00 21.20 ? 30  SER A N   1 
ATOM   211  C  CA  . SER A 1 31  ? -0.722  -9.478  -18.243 1.00 21.34 ? 30  SER A CA  1 
ATOM   212  C  C   . SER A 1 31  ? -1.199  -10.214 -16.998 1.00 21.41 ? 30  SER A C   1 
ATOM   213  O  O   . SER A 1 31  ? -2.223  -9.866  -16.368 1.00 22.35 ? 30  SER A O   1 
ATOM   214  C  CB  . SER A 1 31  ? 0.427   -8.545  -17.849 1.00 22.10 ? 30  SER A CB  1 
ATOM   215  O  OG  . SER A 1 31  ? 0.023   -7.667  -16.820 1.00 23.05 ? 30  SER A OG  1 
ATOM   216  N  N   . GLU A 1 32  ? -0.443  -11.240 -16.667 1.00 20.70 ? 31  GLU A N   1 
ATOM   217  C  CA  . GLU A 1 32  ? -0.650  -11.991 -15.424 1.00 20.73 ? 31  GLU A CA  1 
ATOM   218  C  C   . GLU A 1 32  ? 0.664   -12.481 -14.879 1.00 20.41 ? 31  GLU A C   1 
ATOM   219  O  O   . GLU A 1 32  ? 1.527   -12.931 -15.634 1.00 20.37 ? 31  GLU A O   1 
ATOM   220  C  CB  . GLU A 1 32  ? -1.581  -13.164 -15.665 1.00 20.55 ? 31  GLU A CB  1 
ATOM   221  C  CG  . GLU A 1 32  ? -1.845  -14.067 -14.444 1.00 19.84 ? 31  GLU A CG  1 
ATOM   222  C  CD  . GLU A 1 32  ? -2.789  -15.226 -14.746 1.00 20.69 ? 31  GLU A CD  1 
ATOM   223  O  OE1 . GLU A 1 32  ? -3.066  -15.517 -15.932 1.00 23.47 ? 31  GLU A OE1 1 
ATOM   224  O  OE2 . GLU A 1 32  ? -3.204  -15.911 -13.786 1.00 20.58 ? 31  GLU A OE2 1 
ATOM   225  N  N   . ASP A 1 33  ? 0.820   -12.370 -13.573 1.00 19.37 ? 32  ASP A N   1 
ATOM   226  C  CA  . ASP A 1 33  ? 2.065   -12.787 -12.916 1.00 18.97 ? 32  ASP A CA  1 
ATOM   227  C  C   . ASP A 1 33  ? 1.787   -13.193 -11.501 1.00 19.15 ? 32  ASP A C   1 
ATOM   228  O  O   . ASP A 1 33  ? 0.841   -12.735 -10.912 1.00 16.94 ? 32  ASP A O   1 
ATOM   229  C  CB  . ASP A 1 33  ? 3.144   -11.685 -12.914 1.00 19.25 ? 32  ASP A CB  1 
ATOM   230  C  CG  . ASP A 1 33  ? 2.732   -10.428 -12.172 1.00 21.04 ? 32  ASP A CG  1 
ATOM   231  O  OD1 . ASP A 1 33  ? 2.144   -9.541  -12.801 1.00 24.03 ? 32  ASP A OD1 1 
ATOM   232  O  OD2 . ASP A 1 33  ? 3.022   -10.302 -10.961 1.00 25.61 ? 32  ASP A OD2 1 
ATOM   233  N  N   . VAL A 1 34  ? 2.664   -14.043 -10.964 1.00 18.37 ? 33  VAL A N   1 
ATOM   234  C  CA  . VAL A 1 34  ? 2.612   -14.415 -9.550  1.00 18.58 ? 33  VAL A CA  1 
ATOM   235  C  C   . VAL A 1 34  ? 3.986   -14.094 -8.980  1.00 19.46 ? 33  VAL A C   1 
ATOM   236  O  O   . VAL A 1 34  ? 4.977   -14.701 -9.388  1.00 19.13 ? 33  VAL A O   1 
ATOM   237  C  CB  . VAL A 1 34  ? 2.290   -15.936 -9.364  1.00 17.78 ? 33  VAL A CB  1 
ATOM   238  C  CG1 . VAL A 1 34  ? 2.419   -16.384 -7.897  1.00 18.17 ? 33  VAL A CG1 1 
ATOM   239  C  CG2 . VAL A 1 34  ? 0.895   -16.263 -9.943  1.00 20.28 ? 33  VAL A CG2 1 
ATOM   240  N  N   . THR A 1 35  ? 4.018   -13.142 -8.041  1.00 19.84 ? 34  THR A N   1 
ATOM   241  C  CA  . THR A 1 35  ? 5.249   -12.499 -7.565  1.00 19.39 ? 34  THR A CA  1 
ATOM   242  C  C   . THR A 1 35  ? 5.305   -12.376 -6.026  1.00 20.00 ? 34  THR A C   1 
ATOM   243  O  O   . THR A 1 35  ? 4.336   -11.974 -5.406  1.00 18.55 ? 34  THR A O   1 
ATOM   244  C  CB  . THR A 1 35  ? 5.343   -11.064 -8.143  1.00 19.86 ? 34  THR A CB  1 
ATOM   245  O  OG1 . THR A 1 35  ? 5.244   -11.143 -9.567  1.00 22.40 ? 34  THR A OG1 1 
ATOM   246  C  CG2 . THR A 1 35  ? 6.682   -10.420 -7.838  1.00 19.53 ? 34  THR A CG2 1 
ATOM   247  N  N   . PRO A 1 36  ? 6.450   -12.726 -5.409  1.00 19.61 ? 35  PRO A N   1 
ATOM   248  C  CA  . PRO A 1 36  ? 6.579   -12.606 -3.958  1.00 19.44 ? 35  PRO A CA  1 
ATOM   249  C  C   . PRO A 1 36  ? 6.718   -11.183 -3.469  1.00 18.97 ? 35  PRO A C   1 
ATOM   250  O  O   . PRO A 1 36  ? 7.238   -10.337 -4.169  1.00 17.60 ? 35  PRO A O   1 
ATOM   251  C  CB  . PRO A 1 36  ? 7.870   -13.390 -3.672  1.00 20.57 ? 35  PRO A CB  1 
ATOM   252  C  CG  . PRO A 1 36  ? 8.695   -13.184 -4.917  1.00 18.58 ? 35  PRO A CG  1 
ATOM   253  C  CD  . PRO A 1 36  ? 7.671   -13.288 -6.025  1.00 20.32 ? 35  PRO A CD  1 
ATOM   254  N  N   . THR A 1 37  ? 6.259   -10.938 -2.242  1.00 18.88 ? 36  THR A N   1 
ATOM   255  C  CA  . THR A 1 37  ? 6.694   -9.745  -1.515  1.00 18.75 ? 36  THR A CA  1 
ATOM   256  C  C   . THR A 1 37  ? 8.160   -9.990  -1.092  1.00 17.41 ? 36  THR A C   1 
ATOM   257  O  O   . THR A 1 37  ? 8.584   -11.102 -0.812  1.00 18.31 ? 36  THR A O   1 
ATOM   258  C  CB  . THR A 1 37  ? 5.782   -9.353  -0.295  1.00 17.18 ? 36  THR A CB  1 
ATOM   259  O  OG1 . THR A 1 37  ? 5.951   -10.293 0.791   1.00 18.66 ? 36  THR A OG1 1 
ATOM   260  C  CG2 . THR A 1 37  ? 4.268   -9.187  -0.700  1.00 18.22 ? 36  THR A CG2 1 
ATOM   261  N  N   . ARG A 1 38  ? 8.928   -8.915  -1.120  1.00 18.39 ? 37  ARG A N   1 
ATOM   262  C  CA  . ARG A 1 38  ? 10.357  -8.943  -0.788  1.00 18.40 ? 37  ARG A CA  1 
ATOM   263  C  C   . ARG A 1 38  ? 10.732  -8.002  0.358   1.00 18.08 ? 37  ARG A C   1 
ATOM   264  O  O   . ARG A 1 38  ? 10.164  -6.910  0.569   1.00 17.87 ? 37  ARG A O   1 
ATOM   265  C  CB  . ARG A 1 38  ? 11.181  -8.618  -2.034  1.00 18.98 ? 37  ARG A CB  1 
ATOM   266  C  CG  . ARG A 1 38  ? 10.929  -9.568  -3.248  1.00 20.89 ? 37  ARG A CG  1 
ATOM   267  C  CD  . ARG A 1 38  ? 11.177  -10.992 -2.868  1.00 24.08 ? 37  ARG A CD  1 
ATOM   268  N  NE  . ARG A 1 38  ? 12.576  -11.221 -2.578  1.00 24.18 ? 37  ARG A NE  1 
ATOM   269  C  CZ  . ARG A 1 38  ? 13.481  -11.464 -3.512  1.00 25.36 ? 37  ARG A CZ  1 
ATOM   270  N  NH1 . ARG A 1 38  ? 13.093  -11.469 -4.782  1.00 24.40 ? 37  ARG A NH1 1 
ATOM   271  N  NH2 . ARG A 1 38  ? 14.753  -11.674 -3.181  1.00 20.62 ? 37  ARG A NH2 1 
HETATM 272  N  N   . MSE A 1 39  ? 11.734  -8.451  1.092   1.00 18.28 ? 38  MSE A N   1 
HETATM 273  C  CA  . MSE A 1 39  ? 12.223  -7.782  2.303   1.00 18.77 ? 38  MSE A CA  1 
HETATM 274  C  C   . MSE A 1 39  ? 12.765  -6.397  2.009   1.00 18.25 ? 38  MSE A C   1 
HETATM 275  O  O   . MSE A 1 39  ? 13.461  -6.163  1.027   1.00 19.43 ? 38  MSE A O   1 
HETATM 276  C  CB  . MSE A 1 39  ? 13.317  -8.619  2.999   1.00 18.82 ? 38  MSE A CB  1 
HETATM 277  C  CG  . MSE A 1 39  ? 13.461  -8.294  4.456   1.00 22.49 ? 38  MSE A CG  1 
HETATM 278  SE SE  . MSE A 1 39  ? 11.986  -8.909  5.578   0.75 20.67 ? 38  MSE A SE  1 
HETATM 279  C  CE  . MSE A 1 39  ? 12.397  -10.798 5.702   1.00 22.49 ? 38  MSE A CE  1 
ATOM   280  N  N   . ILE A 1 40  ? 12.394  -5.456  2.858   1.00 18.28 ? 39  ILE A N   1 
ATOM   281  C  CA  . ILE A 1 40  ? 13.011  -4.112  2.828   1.00 18.51 ? 39  ILE A CA  1 
ATOM   282  C  C   . ILE A 1 40  ? 14.288  -4.143  3.712   1.00 18.34 ? 39  ILE A C   1 
ATOM   283  O  O   . ILE A 1 40  ? 14.448  -5.047  4.568   1.00 17.98 ? 39  ILE A O   1 
ATOM   284  C  CB  . ILE A 1 40  ? 12.053  -2.984  3.296   1.00 18.34 ? 39  ILE A CB  1 
ATOM   285  C  CG1 . ILE A 1 40  ? 11.715  -3.133  4.798   1.00 19.14 ? 39  ILE A CG1 1 
ATOM   286  C  CG2 . ILE A 1 40  ? 10.775  -2.892  2.411   1.00 18.05 ? 39  ILE A CG2 1 
ATOM   287  C  CD1 . ILE A 1 40  ? 10.665  -2.195  5.218   1.00 18.55 ? 39  ILE A CD1 1 
ATOM   288  N  N   . PRO A 1 41  ? 15.199  -3.164  3.518   1.00 18.63 ? 40  PRO A N   1 
ATOM   289  C  CA  . PRO A 1 41  ? 16.482  -3.208  4.251   1.00 19.10 ? 40  PRO A CA  1 
ATOM   290  C  C   . PRO A 1 41  ? 16.391  -3.314  5.767   1.00 19.28 ? 40  PRO A C   1 
ATOM   291  O  O   . PRO A 1 41  ? 17.201  -4.015  6.372   1.00 19.40 ? 40  PRO A O   1 
ATOM   292  C  CB  . PRO A 1 41  ? 17.175  -1.917  3.800   1.00 19.87 ? 40  PRO A CB  1 
ATOM   293  C  CG  . PRO A 1 41  ? 16.716  -1.785  2.372   1.00 18.91 ? 40  PRO A CG  1 
ATOM   294  C  CD  . PRO A 1 41  ? 15.233  -2.151  2.456   1.00 18.34 ? 40  PRO A CD  1 
ATOM   295  N  N   . SER A 1 42  ? 15.388  -2.686  6.359   1.00 19.07 ? 41  SER A N   1 
ATOM   296  C  CA  . SER A 1 42  ? 15.224  -2.659  7.843   1.00 18.97 ? 41  SER A CA  1 
ATOM   297  C  C   . SER A 1 42  ? 14.911  -4.035  8.442   1.00 19.93 ? 41  SER A C   1 
ATOM   298  O  O   . SER A 1 42  ? 15.213  -4.314  9.626   1.00 19.66 ? 41  SER A O   1 
ATOM   299  C  CB  . SER A 1 42  ? 14.104  -1.693  8.237   1.00 19.33 ? 41  SER A CB  1 
ATOM   300  O  OG  . SER A 1 42  ? 12.835  -2.204  7.823   1.00 17.57 ? 41  SER A OG  1 
ATOM   301  N  N   . GLY A 1 43  ? 14.354  -4.895  7.589   1.00 19.24 ? 42  GLY A N   1 
ATOM   302  C  CA  . GLY A 1 43  ? 13.877  -6.217  7.991   1.00 19.04 ? 42  GLY A CA  1 
ATOM   303  C  C   . GLY A 1 43  ? 12.542  -6.224  8.731   1.00 19.25 ? 42  GLY A C   1 
ATOM   304  O  O   . GLY A 1 43  ? 12.131  -7.228  9.242   1.00 21.01 ? 42  GLY A O   1 
ATOM   305  N  N   . ASP A 1 44  ? 11.864  -5.096  8.760   1.00 18.93 ? 43  ASP A N   1 
ATOM   306  C  CA  . ASP A 1 44  ? 10.565  -4.971  9.458   1.00 19.04 ? 43  ASP A CA  1 
ATOM   307  C  C   . ASP A 1 44  ? 9.350   -5.452  8.667   1.00 18.03 ? 43  ASP A C   1 
ATOM   308  O  O   . ASP A 1 44  ? 8.342   -5.827  9.255   1.00 17.24 ? 43  ASP A O   1 
ATOM   309  C  CB  . ASP A 1 44  ? 10.345  -3.535  9.906   1.00 20.03 ? 43  ASP A CB  1 
ATOM   310  C  CG  . ASP A 1 44  ? 11.410  -3.080  10.935  1.00 20.12 ? 43  ASP A CG  1 
ATOM   311  O  OD1 . ASP A 1 44  ? 11.721  -3.872  11.821  1.00 24.10 ? 43  ASP A OD1 1 
ATOM   312  O  OD2 . ASP A 1 44  ? 11.924  -1.976  10.820  1.00 24.99 ? 43  ASP A OD2 1 
ATOM   313  N  N   . ALA A 1 45  ? 9.479   -5.398  7.348   1.00 17.86 ? 44  ALA A N   1 
ATOM   314  C  CA  . ALA A 1 45  ? 8.371   -5.667  6.400   1.00 17.97 ? 44  ALA A CA  1 
ATOM   315  C  C   . ALA A 1 45  ? 8.899   -6.221  5.065   1.00 18.65 ? 44  ALA A C   1 
ATOM   316  O  O   . ALA A 1 45  ? 10.067  -6.050  4.707   1.00 18.69 ? 44  ALA A O   1 
ATOM   317  C  CB  . ALA A 1 45  ? 7.488   -4.390  6.145   1.00 17.43 ? 44  ALA A CB  1 
ATOM   318  N  N   . SER A 1 46  ? 8.026   -6.974  4.410   1.00 18.56 ? 45  SER A N   1 
ATOM   319  C  CA  . SER A 1 46  ? 8.291   -7.538  3.082   1.00 18.82 ? 45  SER A CA  1 
ATOM   320  C  C   . SER A 1 46  ? 7.153   -6.989  2.197   1.00 18.61 ? 45  SER A C   1 
ATOM   321  O  O   . SER A 1 46  ? 5.984   -7.055  2.565   1.00 18.49 ? 45  SER A O   1 
ATOM   322  C  CB  . SER A 1 46  ? 8.278   -9.050  3.213   1.00 18.84 ? 45  SER A CB  1 
ATOM   323  O  OG  . SER A 1 46  ? 8.610   -9.697  2.023   1.00 23.75 ? 45  SER A OG  1 
ATOM   324  N  N   . PHE A 1 47  ? 7.496   -6.383  1.074   1.00 19.05 ? 46  PHE A N   1 
ATOM   325  C  CA  . PHE A 1 47  ? 6.495   -5.653  0.275   1.00 17.86 ? 46  PHE A CA  1 
ATOM   326  C  C   . PHE A 1 47  ? 6.473   -5.971  -1.223  1.00 17.72 ? 46  PHE A C   1 
ATOM   327  O  O   . PHE A 1 47  ? 7.412   -6.523  -1.780  1.00 16.16 ? 46  PHE A O   1 
ATOM   328  C  CB  . PHE A 1 47  ? 6.646   -4.133  0.503   1.00 17.87 ? 46  PHE A CB  1 
ATOM   329  C  CG  . PHE A 1 47  ? 7.557   -3.453  -0.470  1.00 19.63 ? 46  PHE A CG  1 
ATOM   330  C  CD1 . PHE A 1 47  ? 8.917   -3.687  -0.467  1.00 19.35 ? 46  PHE A CD1 1 
ATOM   331  C  CD2 . PHE A 1 47  ? 7.045   -2.574  -1.386  1.00 19.04 ? 46  PHE A CD2 1 
ATOM   332  C  CE1 . PHE A 1 47  ? 9.727   -3.065  -1.400  1.00 20.87 ? 46  PHE A CE1 1 
ATOM   333  C  CE2 . PHE A 1 47  ? 7.846   -1.959  -2.305  1.00 20.39 ? 46  PHE A CE2 1 
ATOM   334  C  CZ  . PHE A 1 47  ? 9.174   -2.175  -2.308  1.00 18.82 ? 46  PHE A CZ  1 
ATOM   335  N  N   . LEU A 1 48  ? 5.334   -5.614  -1.858  1.00 15.89 ? 47  LEU A N   1 
ATOM   336  C  CA  . LEU A 1 48  ? 5.192   -5.680  -3.309  1.00 15.80 ? 47  LEU A CA  1 
ATOM   337  C  C   . LEU A 1 48  ? 4.364   -4.572  -3.847  1.00 15.67 ? 47  LEU A C   1 
ATOM   338  O  O   . LEU A 1 48  ? 3.193   -4.463  -3.493  1.00 17.50 ? 47  LEU A O   1 
ATOM   339  C  CB  . LEU A 1 48  ? 4.569   -7.024  -3.742  1.00 16.06 ? 47  LEU A CB  1 
ATOM   340  C  CG  . LEU A 1 48  ? 4.265   -7.348  -5.211  1.00 15.79 ? 47  LEU A CG  1 
ATOM   341  C  CD1 . LEU A 1 48  ? 5.558   -7.439  -6.067  1.00 15.74 ? 47  LEU A CD1 1 
ATOM   342  C  CD2 . LEU A 1 48  ? 3.431   -8.643  -5.365  1.00 16.36 ? 47  LEU A CD2 1 
ATOM   343  N  N   . LEU A 1 49  ? 4.965   -3.765  -4.732  1.00 16.20 ? 48  LEU A N   1 
ATOM   344  C  CA  . LEU A 1 49  ? 4.203   -2.792  -5.562  1.00 16.78 ? 48  LEU A CA  1 
ATOM   345  C  C   . LEU A 1 49  ? 3.371   -3.524  -6.592  1.00 15.55 ? 48  LEU A C   1 
ATOM   346  O  O   . LEU A 1 49  ? 3.859   -4.405  -7.289  1.00 16.10 ? 48  LEU A O   1 
ATOM   347  C  CB  . LEU A 1 49  ? 5.166   -1.815  -6.242  1.00 16.36 ? 48  LEU A CB  1 
ATOM   348  C  CG  . LEU A 1 49  ? 4.570   -0.722  -7.087  1.00 16.86 ? 48  LEU A CG  1 
ATOM   349  C  CD1 . LEU A 1 49  ? 3.542   0.068   -6.293  1.00 17.02 ? 48  LEU A CD1 1 
ATOM   350  C  CD2 . LEU A 1 49  ? 5.662   0.122   -7.688  1.00 15.33 ? 48  LEU A CD2 1 
ATOM   351  N  N   . VAL A 1 50  ? 2.103   -3.155  -6.698  1.00 17.02 ? 49  VAL A N   1 
ATOM   352  C  CA  . VAL A 1 50  ? 1.214   -3.828  -7.625  1.00 16.81 ? 49  VAL A CA  1 
ATOM   353  C  C   . VAL A 1 50  ? 0.878   -2.963  -8.843  1.00 17.43 ? 49  VAL A C   1 
ATOM   354  O  O   . VAL A 1 50  ? 0.957   -3.432  -9.957  1.00 18.26 ? 49  VAL A O   1 
ATOM   355  C  CB  . VAL A 1 50  ? -0.041  -4.351  -6.885  1.00 17.49 ? 49  VAL A CB  1 
ATOM   356  C  CG1 . VAL A 1 50  ? -1.064  -4.851  -7.866  1.00 15.98 ? 49  VAL A CG1 1 
ATOM   357  C  CG2 . VAL A 1 50  ? 0.426   -5.518  -5.928  1.00 15.55 ? 49  VAL A CG2 1 
ATOM   358  N  N   . TRP A 1 51  ? 0.527   -1.713  -8.588  1.00 16.55 ? 50  TRP A N   1 
ATOM   359  C  CA  . TRP A 1 51  ? 0.154   -0.746  -9.628  1.00 16.82 ? 50  TRP A CA  1 
ATOM   360  C  C   . TRP A 1 51  ? 0.270   0.677   -9.104  1.00 17.02 ? 50  TRP A C   1 
ATOM   361  O  O   . TRP A 1 51  ? 0.223   0.921   -7.888  1.00 16.94 ? 50  TRP A O   1 
ATOM   362  C  CB  . TRP A 1 51  ? -1.301  -1.005  -10.134 1.00 16.12 ? 50  TRP A CB  1 
ATOM   363  C  CG  . TRP A 1 51  ? -1.596  -0.461  -11.526 1.00 14.91 ? 50  TRP A CG  1 
ATOM   364  C  CD1 . TRP A 1 51  ? -2.199  0.708   -11.828 1.00 16.36 ? 50  TRP A CD1 1 
ATOM   365  C  CD2 . TRP A 1 51  ? -1.216  -1.045  -12.780 1.00 17.14 ? 50  TRP A CD2 1 
ATOM   366  N  NE1 . TRP A 1 51  ? -2.235  0.903   -13.181 1.00 16.78 ? 50  TRP A NE1 1 
ATOM   367  C  CE2 . TRP A 1 51  ? -1.650  -0.167  -13.797 1.00 16.92 ? 50  TRP A CE2 1 
ATOM   368  C  CE3 . TRP A 1 51  ? -0.545  -2.219  -13.143 1.00 15.91 ? 50  TRP A CE3 1 
ATOM   369  C  CZ2 . TRP A 1 51  ? -1.429  -0.435  -15.157 1.00 18.92 ? 50  TRP A CZ2 1 
ATOM   370  C  CZ3 . TRP A 1 51  ? -0.355  -2.490  -14.448 1.00 17.38 ? 50  TRP A CZ3 1 
ATOM   371  C  CH2 . TRP A 1 51  ? -0.783  -1.603  -15.457 1.00 16.42 ? 50  TRP A CH2 1 
ATOM   372  N  N   . THR A 1 52  ? 0.384   1.577   -10.066 1.00 16.67 ? 51  THR A N   1 
ATOM   373  C  CA  . THR A 1 52  ? 0.346   3.029   -9.870  1.00 17.31 ? 51  THR A CA  1 
ATOM   374  C  C   . THR A 1 52  ? -0.326  3.706   -11.035 1.00 18.42 ? 51  THR A C   1 
ATOM   375  O  O   . THR A 1 52  ? -0.288  3.210   -12.161 1.00 20.43 ? 51  THR A O   1 
ATOM   376  C  CB  . THR A 1 52  ? 1.746   3.639   -9.769  1.00 17.86 ? 51  THR A CB  1 
ATOM   377  O  OG1 . THR A 1 52  ? 2.433   3.506   -11.014 1.00 19.26 ? 51  THR A OG1 1 
ATOM   378  C  CG2 . THR A 1 52  ? 2.541   2.969   -8.645  1.00 17.16 ? 51  THR A CG2 1 
ATOM   379  N  N   . THR A 1 53  ? -0.925  4.855   -10.779 1.00 18.31 ? 52  THR A N   1 
ATOM   380  C  CA  . THR A 1 53  ? -1.375  5.753   -11.867 1.00 18.37 ? 52  THR A CA  1 
ATOM   381  C  C   . THR A 1 53  ? -0.680  7.091   -11.670 1.00 19.41 ? 52  THR A C   1 
ATOM   382  O  O   . THR A 1 53  ? -0.482  7.526   -10.523 1.00 20.29 ? 52  THR A O   1 
ATOM   383  C  CB  . THR A 1 53  ? -2.930  5.889   -11.858 1.00 18.70 ? 52  THR A CB  1 
ATOM   384  O  OG1 . THR A 1 53  ? -3.358  6.580   -10.688 1.00 17.22 ? 52  THR A OG1 1 
ATOM   385  C  CG2 . THR A 1 53  ? -3.571  4.518   -11.897 1.00 17.22 ? 52  THR A CG2 1 
ATOM   386  N  N   . ALA A 1 54  ? -0.273  7.725   -12.769 1.00 20.01 ? 53  ALA A N   1 
ATOM   387  C  CA  . ALA A 1 54  ? 0.537   8.950   -12.682 1.00 19.78 ? 53  ALA A CA  1 
ATOM   388  C  C   . ALA A 1 54  ? -0.323  10.079  -12.140 1.00 20.03 ? 53  ALA A C   1 
ATOM   389  O  O   . ALA A 1 54  ? 0.165   10.966  -11.467 1.00 19.66 ? 53  ALA A O   1 
ATOM   390  C  CB  . ALA A 1 54  ? 1.167   9.334   -14.056 1.00 19.89 ? 53  ALA A CB  1 
ATOM   391  N  N   . THR A 1 55  ? -1.621  9.988   -12.423 1.00 19.49 ? 54  THR A N   1 
ATOM   392  C  CA  . THR A 1 55  ? -2.604  10.991  -12.019 1.00 19.67 ? 54  THR A CA  1 
ATOM   393  C  C   . THR A 1 55  ? -3.847  10.327  -11.449 1.00 20.46 ? 54  THR A C   1 
ATOM   394  O  O   . THR A 1 55  ? -4.095  9.128   -11.681 1.00 20.50 ? 54  THR A O   1 
ATOM   395  C  CB  . THR A 1 55  ? -3.053  11.855  -13.211 1.00 20.11 ? 54  THR A CB  1 
ATOM   396  O  OG1 . THR A 1 55  ? -3.700  11.039  -14.190 1.00 19.08 ? 54  THR A OG1 1 
ATOM   397  C  CG2 . THR A 1 55  ? -1.823  12.565  -13.879 1.00 17.74 ? 54  THR A CG2 1 
ATOM   398  N  N   . VAL A 1 56  ? -4.594  11.120  -10.686 1.00 19.87 ? 55  VAL A N   1 
ATOM   399  C  CA  . VAL A 1 56  ? -5.994  10.853  -10.427 1.00 19.79 ? 55  VAL A CA  1 
ATOM   400  C  C   . VAL A 1 56  ? -6.794  12.127  -10.800 1.00 20.49 ? 55  VAL A C   1 
ATOM   401  O  O   . VAL A 1 56  ? -6.411  13.219  -10.354 1.00 20.30 ? 55  VAL A O   1 
ATOM   402  C  CB  . VAL A 1 56  ? -6.263  10.383  -8.943  1.00 20.44 ? 55  VAL A CB  1 
ATOM   403  C  CG1 . VAL A 1 56  ? -5.627  9.008   -8.675  1.00 21.03 ? 55  VAL A CG1 1 
ATOM   404  C  CG2 . VAL A 1 56  ? -5.812  11.404  -7.894  1.00 18.29 ? 55  VAL A CG2 1 
ATOM   405  N  N   . PRO A 1 57  ? -7.839  12.007  -11.661 1.00 20.42 ? 56  PRO A N   1 
ATOM   406  C  CA  . PRO A 1 57  ? -8.284  10.776  -12.339 1.00 20.40 ? 56  PRO A CA  1 
ATOM   407  C  C   . PRO A 1 57  ? -7.186  10.099  -13.142 1.00 20.47 ? 56  PRO A C   1 
ATOM   408  O  O   . PRO A 1 57  ? -6.225  10.725  -13.594 1.00 20.82 ? 56  PRO A O   1 
ATOM   409  C  CB  . PRO A 1 57  ? -9.418  11.252  -13.252 1.00 21.54 ? 56  PRO A CB  1 
ATOM   410  C  CG  . PRO A 1 57  ? -9.880  12.564  -12.666 1.00 21.12 ? 56  PRO A CG  1 
ATOM   411  C  CD  . PRO A 1 57  ? -8.690  13.174  -12.027 1.00 21.38 ? 56  PRO A CD  1 
ATOM   412  N  N   . ALA A 1 58  ? -7.376  8.800   -13.305 1.00 19.96 ? 57  ALA A N   1 
ATOM   413  C  CA  . ALA A 1 58  ? -6.405  7.935   -13.964 1.00 19.72 ? 57  ALA A CA  1 
ATOM   414  C  C   . ALA A 1 58  ? -6.614  8.006   -15.477 1.00 19.83 ? 57  ALA A C   1 
ATOM   415  O  O   . ALA A 1 58  ? -7.425  8.792   -15.981 1.00 18.62 ? 57  ALA A O   1 
ATOM   416  C  CB  . ALA A 1 58  ? -6.522  6.513   -13.465 1.00 19.50 ? 57  ALA A CB  1 
ATOM   417  N  N   . ASP A 1 59  ? -5.868  7.164   -16.178 1.00 19.50 ? 58  ASP A N   1 
ATOM   418  C  CA  . ASP A 1 59  ? -5.858  7.173   -17.663 1.00 19.45 ? 58  ASP A CA  1 
ATOM   419  C  C   . ASP A 1 59  ? -5.827  5.783   -18.202 1.00 18.75 ? 58  ASP A C   1 
ATOM   420  O  O   . ASP A 1 59  ? -4.798  5.111   -18.167 1.00 17.44 ? 58  ASP A O   1 
ATOM   421  C  CB  . ASP A 1 59  ? -4.625  7.917   -18.184 1.00 19.18 ? 58  ASP A CB  1 
ATOM   422  C  CG  . ASP A 1 59  ? -4.646  8.129   -19.691 1.00 21.50 ? 58  ASP A CG  1 
ATOM   423  O  OD1 . ASP A 1 59  ? -5.531  7.613   -20.378 1.00 19.01 ? 58  ASP A OD1 1 
ATOM   424  O  OD2 . ASP A 1 59  ? -3.708  8.768   -20.190 1.00 21.25 ? 58  ASP A OD2 1 
ATOM   425  N  N   . ASN A 1 60  ? -6.976  5.312   -18.687 1.00 17.72 ? 59  ASN A N   1 
ATOM   426  C  CA  . ASN A 1 60  ? -6.990  3.963   -19.222 1.00 18.25 ? 59  ASN A CA  1 
ATOM   427  C  C   . ASN A 1 60  ? -6.491  3.906   -20.654 1.00 18.53 ? 59  ASN A C   1 
ATOM   428  O  O   . ASN A 1 60  ? -6.566  2.853   -21.308 1.00 19.63 ? 59  ASN A O   1 
ATOM   429  C  CB  . ASN A 1 60  ? -8.353  3.286   -19.058 1.00 18.75 ? 59  ASN A CB  1 
ATOM   430  C  CG  . ASN A 1 60  ? -8.602  2.921   -17.641 1.00 17.70 ? 59  ASN A CG  1 
ATOM   431  O  OD1 . ASN A 1 60  ? -7.698  2.425   -16.946 1.00 18.63 ? 59  ASN A OD1 1 
ATOM   432  N  ND2 . ASN A 1 60  ? -9.789  3.178   -17.173 1.00 12.76 ? 59  ASN A ND2 1 
ATOM   433  N  N   . ASN A 1 61  ? -5.966  5.024   -21.136 1.00 18.38 ? 60  ASN A N   1 
ATOM   434  C  CA  . ASN A 1 61  ? -5.182  5.016   -22.412 1.00 19.10 ? 60  ASN A CA  1 
ATOM   435  C  C   . ASN A 1 61  ? -3.671  5.011   -22.210 1.00 19.55 ? 60  ASN A C   1 
ATOM   436  O  O   . ASN A 1 61  ? -2.871  4.917   -23.164 1.00 20.36 ? 60  ASN A O   1 
ATOM   437  C  CB  . ASN A 1 61  ? -5.618  6.152   -23.363 1.00 19.33 ? 60  ASN A CB  1 
ATOM   438  C  CG  . ASN A 1 61  ? -6.808  5.743   -24.212 1.00 21.00 ? 60  ASN A CG  1 
ATOM   439  O  OD1 . ASN A 1 61  ? -6.650  5.184   -25.301 1.00 23.86 ? 60  ASN A OD1 1 
ATOM   440  N  ND2 . ASN A 1 61  ? -7.994  5.933   -23.678 1.00 18.37 ? 60  ASN A ND2 1 
ATOM   441  N  N   . ASP A 1 62  ? -3.291  4.990   -20.942 1.00 18.90 ? 61  ASP A N   1 
ATOM   442  C  CA  . ASP A 1 62  ? -1.892  4.864   -20.521 1.00 19.49 ? 61  ASP A CA  1 
ATOM   443  C  C   . ASP A 1 62  ? -1.577  3.393   -20.320 1.00 20.07 ? 61  ASP A C   1 
ATOM   444  O  O   . ASP A 1 62  ? -2.045  2.765   -19.379 1.00 20.09 ? 61  ASP A O   1 
ATOM   445  C  CB  . ASP A 1 62  ? -1.632  5.643   -19.219 1.00 19.70 ? 61  ASP A CB  1 
ATOM   446  C  CG  . ASP A 1 62  ? -0.197  5.529   -18.735 1.00 20.33 ? 61  ASP A CG  1 
ATOM   447  O  OD1 . ASP A 1 62  ? 0.637   4.955   -19.468 1.00 19.03 ? 61  ASP A OD1 1 
ATOM   448  O  OD2 . ASP A 1 62  ? 0.091   5.987   -17.602 1.00 21.05 ? 61  ASP A OD2 1 
ATOM   449  N  N   . GLU A 1 63  ? -0.777  2.884   -21.248 1.00 21.15 ? 62  GLU A N   1 
ATOM   450  C  CA  . GLU A 1 63  ? -0.451  1.461   -21.367 1.00 21.35 ? 62  GLU A CA  1 
ATOM   451  C  C   . GLU A 1 63  ? 0.772   1.092   -20.528 1.00 21.46 ? 62  GLU A C   1 
ATOM   452  O  O   . GLU A 1 63  ? 1.183   -0.066  -20.489 1.00 21.83 ? 62  GLU A O   1 
ATOM   453  C  CB  . GLU A 1 63  ? -0.271  1.094   -22.854 1.00 22.93 ? 62  GLU A CB  1 
ATOM   454  C  CG  . GLU A 1 63  ? -1.554  1.254   -23.704 1.00 24.39 ? 62  GLU A CG  1 
ATOM   455  C  CD  . GLU A 1 63  ? -2.769  0.448   -23.153 1.00 28.92 ? 62  GLU A CD  1 
ATOM   456  O  OE1 . GLU A 1 63  ? -2.526  -0.736  -22.757 1.00 29.39 ? 62  GLU A OE1 1 
ATOM   457  O  OE2 . GLU A 1 63  ? -3.955  0.974   -23.116 1.00 31.36 ? 62  GLU A OE2 1 
ATOM   458  N  N   . THR A 1 64  ? 1.342   2.067   -19.837 1.00 20.80 ? 63  THR A N   1 
ATOM   459  C  CA  . THR A 1 64  ? 2.441   1.781   -18.881 1.00 20.38 ? 63  THR A CA  1 
ATOM   460  C  C   . THR A 1 64  ? 2.091   0.753   -17.826 1.00 20.05 ? 63  THR A C   1 
ATOM   461  O  O   . THR A 1 64  ? 1.030   0.829   -17.219 1.00 19.82 ? 63  THR A O   1 
ATOM   462  C  CB  . THR A 1 64  ? 2.858   3.038   -18.088 1.00 21.41 ? 63  THR A CB  1 
ATOM   463  O  OG1 . THR A 1 64  ? 2.986   4.135   -18.992 1.00 19.66 ? 63  THR A OG1 1 
ATOM   464  C  CG2 . THR A 1 64  ? 4.200   2.813   -17.351 1.00 21.44 ? 63  THR A CG2 1 
ATOM   465  N  N   . ASP A 1 65  ? 3.014   -0.175  -17.580 1.00 18.96 ? 64  ASP A N   1 
ATOM   466  C  CA  . ASP A 1 65  ? 2.937   -1.030  -16.383 1.00 19.95 ? 64  ASP A CA  1 
ATOM   467  C  C   . ASP A 1 65  ? 3.174   -0.193  -15.130 1.00 20.28 ? 64  ASP A C   1 
ATOM   468  O  O   . ASP A 1 65  ? 4.218   0.431   -14.967 1.00 19.09 ? 64  ASP A O   1 
ATOM   469  C  CB  . ASP A 1 65  ? 3.923   -2.202  -16.432 1.00 20.02 ? 64  ASP A CB  1 
ATOM   470  C  CG  . ASP A 1 65  ? 3.713   -3.174  -15.314 1.00 20.96 ? 64  ASP A CG  1 
ATOM   471  O  OD1 . ASP A 1 65  ? 3.236   -2.799  -14.226 1.00 22.15 ? 64  ASP A OD1 1 
ATOM   472  O  OD2 . ASP A 1 65  ? 4.048   -4.338  -15.477 1.00 23.54 ? 64  ASP A OD2 1 
ATOM   473  N  N   . GLY A 1 66  ? 2.148   -0.157  -14.284 1.00 19.90 ? 65  GLY A N   1 
ATOM   474  C  CA  . GLY A 1 66  ? 2.126   0.669   -13.112 1.00 21.24 ? 65  GLY A CA  1 
ATOM   475  C  C   . GLY A 1 66  ? 3.213   0.310   -12.114 1.00 23.18 ? 65  GLY A C   1 
ATOM   476  O  O   . GLY A 1 66  ? 3.602   1.124   -11.277 1.00 24.06 ? 65  GLY A O   1 
ATOM   477  N  N   . ARG A 1 67  ? 3.745   -0.897  -12.264 1.00 23.26 ? 66  ARG A N   1 
ATOM   478  C  CA  . ARG A 1 67  ? 4.760   -1.411  -11.358 1.00 24.54 ? 66  ARG A CA  1 
ATOM   479  C  C   . ARG A 1 67  ? 6.137   -0.885  -11.802 1.00 25.37 ? 66  ARG A C   1 
ATOM   480  O  O   . ARG A 1 67  ? 7.090   -0.879  -11.053 1.00 25.25 ? 66  ARG A O   1 
ATOM   481  C  CB  . ARG A 1 67  ? 4.704   -2.952  -11.340 1.00 24.00 ? 66  ARG A CB  1 
ATOM   482  C  CG  . ARG A 1 67  ? 5.755   -3.622  -10.619 1.00 25.12 ? 66  ARG A CG  1 
ATOM   483  C  CD  . ARG A 1 67  ? 5.542   -5.152  -10.669 1.00 24.85 ? 66  ARG A CD  1 
ATOM   484  N  NE  . ARG A 1 67  ? 4.615   -5.653  -9.664  1.00 26.89 ? 66  ARG A NE  1 
ATOM   485  C  CZ  . ARG A 1 67  ? 3.955   -6.814  -9.726  1.00 26.42 ? 66  ARG A CZ  1 
ATOM   486  N  NH1 . ARG A 1 67  ? 4.123   -7.640  -10.739 1.00 25.19 ? 66  ARG A NH1 1 
ATOM   487  N  NH2 . ARG A 1 67  ? 3.125   -7.161  -8.761  1.00 24.95 ? 66  ARG A NH2 1 
ATOM   488  N  N   . GLN A 1 68  ? 6.187   -0.359  -13.016 1.00 26.87 ? 67  GLN A N   1 
ATOM   489  C  CA  . GLN A 1 68  ? 7.445   0.045   -13.622 1.00 28.33 ? 67  GLN A CA  1 
ATOM   490  C  C   . GLN A 1 68  ? 7.407   1.487   -14.059 1.00 29.52 ? 67  GLN A C   1 
ATOM   491  O  O   . GLN A 1 68  ? 8.073   1.865   -15.007 1.00 32.01 ? 67  GLN A O   1 
ATOM   492  C  CB  . GLN A 1 68  ? 7.760   -0.821  -14.851 1.00 29.58 ? 67  GLN A CB  1 
ATOM   493  C  CG  . GLN A 1 68  ? 7.818   -2.310  -14.603 1.00 31.23 ? 67  GLN A CG  1 
ATOM   494  C  CD  . GLN A 1 68  ? 8.962   -2.714  -13.677 1.00 34.94 ? 67  GLN A CD  1 
ATOM   495  O  OE1 . GLN A 1 68  ? 9.978   -2.007  -13.563 1.00 39.55 ? 67  GLN A OE1 1 
ATOM   496  N  NE2 . GLN A 1 68  ? 8.814   -3.862  -13.024 1.00 35.18 ? 67  GLN A NE2 1 
ATOM   497  N  N   . ARG A 1 69  ? 6.593   2.283   -13.417 1.00 29.83 ? 68  ARG A N   1 
ATOM   498  C  CA  . ARG A 1 69  ? 6.442   3.682   -13.779 1.00 30.14 ? 68  ARG A CA  1 
ATOM   499  C  C   . ARG A 1 69  ? 7.523   4.529   -13.133 1.00 32.17 ? 68  ARG A C   1 
ATOM   500  O  O   . ARG A 1 69  ? 7.807   4.410   -11.935 1.00 32.30 ? 68  ARG A O   1 
ATOM   501  C  CB  . ARG A 1 69  ? 5.042   4.153   -13.358 1.00 30.24 ? 68  ARG A CB  1 
ATOM   502  C  CG  . ARG A 1 69  ? 4.688   5.563   -13.689 1.00 28.28 ? 68  ARG A CG  1 
ATOM   503  C  CD  . ARG A 1 69  ? 3.307   5.946   -13.119 1.00 24.85 ? 68  ARG A CD  1 
ATOM   504  N  NE  . ARG A 1 69  ? 2.241   4.997   -13.398 1.00 22.36 ? 68  ARG A NE  1 
ATOM   505  C  CZ  . ARG A 1 69  ? 1.623   4.913   -14.564 1.00 23.64 ? 68  ARG A CZ  1 
ATOM   506  N  NH1 . ARG A 1 69  ? 2.034   5.680   -15.573 1.00 23.32 ? 68  ARG A NH1 1 
ATOM   507  N  NH2 . ARG A 1 69  ? 0.619   4.068   -14.746 1.00 22.79 ? 68  ARG A NH2 1 
ATOM   508  N  N   . GLU A 1 70  ? 8.132   5.372   -13.958 1.00 33.33 ? 69  GLU A N   1 
ATOM   509  C  CA  . GLU A 1 70  ? 9.081   6.390   -13.495 1.00 34.95 ? 69  GLU A CA  1 
ATOM   510  C  C   . GLU A 1 70  ? 8.450   7.264   -12.435 1.00 35.33 ? 69  GLU A C   1 
ATOM   511  O  O   . GLU A 1 70  ? 7.273   7.598   -12.472 1.00 36.16 ? 69  GLU A O   1 
ATOM   512  C  CB  . GLU A 1 70  ? 9.564   7.268   -14.659 1.00 34.36 ? 69  GLU A CB  1 
ATOM   513  N  N   . ALA A 1 71  ? 9.282   7.651   -11.495 1.00 36.17 ? 70  ALA A N   1 
ATOM   514  C  CA  . ALA A 1 71  ? 8.874   8.549   -10.408 1.00 36.80 ? 70  ALA A CA  1 
ATOM   515  C  C   . ALA A 1 71  ? 8.393   9.890   -10.948 1.00 36.99 ? 70  ALA A C   1 
ATOM   516  O  O   . ALA A 1 71  ? 9.033   10.471  -11.826 1.00 36.62 ? 70  ALA A O   1 
ATOM   517  C  CB  . ALA A 1 71  ? 10.054  8.754   -9.422  1.00 36.83 ? 70  ALA A CB  1 
ATOM   518  N  N   . GLY A 1 72  ? 7.247   10.337  -10.425 1.00 38.08 ? 71  GLY A N   1 
ATOM   519  C  CA  . GLY A 1 72  ? 6.632   11.624  -10.781 1.00 39.26 ? 71  GLY A CA  1 
ATOM   520  C  C   . GLY A 1 72  ? 7.111   12.794  -9.940  1.00 41.15 ? 71  GLY A C   1 
ATOM   521  O  O   . GLY A 1 72  ? 8.127   12.712  -9.218  1.00 41.53 ? 71  GLY A O   1 
ATOM   522  N  N   . LEU A 1 73  ? 6.372   13.892  -10.032 1.00 42.54 ? 72  LEU A N   1 
ATOM   523  C  CA  . LEU A 1 73  ? 6.703   15.112  -9.264  1.00 43.76 ? 72  LEU A CA  1 
ATOM   524  C  C   . LEU A 1 73  ? 6.016   15.111  -7.900  1.00 44.02 ? 72  LEU A C   1 
ATOM   525  O  O   . LEU A 1 73  ? 6.649   14.891  -6.868  1.00 46.17 ? 72  LEU A O   1 
ATOM   526  C  CB  . LEU A 1 73  ? 6.308   16.384  -10.014 1.00 43.91 ? 72  LEU A CB  1 
ATOM   527  C  CG  . LEU A 1 73  ? 7.395   16.938  -10.943 1.00 44.39 ? 72  LEU A CG  1 
ATOM   528  C  CD1 . LEU A 1 73  ? 8.234   15.817  -11.588 1.00 45.90 ? 72  LEU A CD1 1 
ATOM   529  C  CD2 . LEU A 1 73  ? 6.789   17.847  -12.008 1.00 45.84 ? 72  LEU A CD2 1 
ATOM   530  N  N   . THR A 1 74  ? 4.728   15.411  -7.913  1.00 43.42 ? 73  THR A N   1 
ATOM   531  C  CA  . THR A 1 74  ? 3.921   15.351  -6.690  1.00 43.08 ? 73  THR A CA  1 
ATOM   532  C  C   . THR A 1 74  ? 4.218   14.127  -5.816  1.00 41.74 ? 73  THR A C   1 
ATOM   533  O  O   . THR A 1 74  ? 3.864   12.999  -6.118  1.00 40.34 ? 73  THR A O   1 
ATOM   534  C  CB  . THR A 1 74  ? 2.390   15.317  -6.987  1.00 43.52 ? 73  THR A CB  1 
ATOM   535  O  OG1 . THR A 1 74  ? 2.002   16.497  -7.708  1.00 45.51 ? 73  THR A OG1 1 
ATOM   536  C  CG2 . THR A 1 74  ? 1.593   15.219  -5.684  1.00 43.70 ? 73  THR A CG2 1 
ATOM   537  N  N   . LEU A 1 75  ? 4.853   14.370  -4.693  1.00 40.76 ? 74  LEU A N   1 
ATOM   538  C  CA  . LEU A 1 75  ? 4.923   13.324  -3.676  1.00 39.93 ? 74  LEU A CA  1 
ATOM   539  C  C   . LEU A 1 75  ? 3.508   12.787  -3.439  1.00 38.82 ? 74  LEU A C   1 
ATOM   540  O  O   . LEU A 1 75  ? 2.589   13.549  -3.157  1.00 37.94 ? 74  LEU A O   1 
ATOM   541  C  CB  . LEU A 1 75  ? 5.496   13.886  -2.385  1.00 40.65 ? 74  LEU A CB  1 
ATOM   542  C  CG  . LEU A 1 75  ? 6.156   12.920  -1.426  1.00 40.78 ? 74  LEU A CG  1 
ATOM   543  C  CD1 . LEU A 1 75  ? 6.915   11.860  -2.189  1.00 42.37 ? 74  LEU A CD1 1 
ATOM   544  C  CD2 . LEU A 1 75  ? 7.072   13.757  -0.524  1.00 42.38 ? 74  LEU A CD2 1 
ATOM   545  N  N   . ASP A 1 76  ? 3.365   11.468  -3.559  1.00 37.62 ? 75  ASP A N   1 
ATOM   546  C  CA  . ASP A 1 76  ? 2.074   10.744  -3.339  1.00 37.10 ? 75  ASP A CA  1 
ATOM   547  C  C   . ASP A 1 76  ? 0.976   11.147  -4.326  1.00 35.36 ? 75  ASP A C   1 
ATOM   548  O  O   . ASP A 1 76  ? -0.229  10.905  -4.083  1.00 35.38 ? 75  ASP A O   1 
ATOM   549  C  CB  . ASP A 1 76  ? 1.571   10.917  -1.895  1.00 38.00 ? 75  ASP A CB  1 
ATOM   550  C  CG  . ASP A 1 76  ? 2.449   10.180  -0.876  1.00 39.76 ? 75  ASP A CG  1 
ATOM   551  O  OD1 . ASP A 1 76  ? 2.642   8.936   -1.004  1.00 43.47 ? 75  ASP A OD1 1 
ATOM   552  O  OD2 . ASP A 1 76  ? 2.947   10.853  0.051   1.00 41.31 ? 75  ASP A OD2 1 
ATOM   553  N  N   . GLY A 1 77  ? 1.430   11.765  -5.418  1.00 32.55 ? 76  GLY A N   1 
ATOM   554  C  CA  . GLY A 1 77  ? 0.599   12.070  -6.593  1.00 30.70 ? 76  GLY A CA  1 
ATOM   555  C  C   . GLY A 1 77  ? -0.021  10.815  -7.197  1.00 27.96 ? 76  GLY A C   1 
ATOM   556  O  O   . GLY A 1 77  ? 0.511   9.728   -7.063  1.00 28.47 ? 76  GLY A O   1 
ATOM   557  N  N   . GLY A 1 78  ? -1.168  10.962  -7.837  1.00 24.89 ? 77  GLY A N   1 
ATOM   558  C  CA  . GLY A 1 78  ? -1.844  9.820   -8.448  1.00 23.67 ? 77  GLY A CA  1 
ATOM   559  C  C   . GLY A 1 78  ? -2.317  8.771   -7.456  1.00 22.00 ? 77  GLY A C   1 
ATOM   560  O  O   . GLY A 1 78  ? -2.775  9.086   -6.368  1.00 21.52 ? 77  GLY A O   1 
ATOM   561  N  N   . SER A 1 79  ? -2.238  7.509   -7.857  1.00 21.32 ? 78  SER A N   1 
ATOM   562  C  CA  . SER A 1 79  ? -2.576  6.395   -6.966  1.00 21.11 ? 78  SER A CA  1 
ATOM   563  C  C   . SER A 1 79  ? -1.542  5.319   -6.978  1.00 20.30 ? 78  SER A C   1 
ATOM   564  O  O   . SER A 1 79  ? -0.755  5.165   -7.913  1.00 18.90 ? 78  SER A O   1 
ATOM   565  C  CB  . SER A 1 79  ? -3.966  5.788   -7.265  1.00 21.70 ? 78  SER A CB  1 
ATOM   566  O  OG  . SER A 1 79  ? -4.005  4.971   -8.430  1.00 22.08 ? 78  SER A OG  1 
ATOM   567  N  N   . VAL A 1 80  ? -1.565  4.584   -5.887  1.00 19.58 ? 79  VAL A N   1 
ATOM   568  C  CA  . VAL A 1 80  ? -0.633  3.455   -5.617  1.00 19.37 ? 79  VAL A CA  1 
ATOM   569  C  C   . VAL A 1 80  ? -1.399  2.298   -4.973  1.00 18.93 ? 79  VAL A C   1 
ATOM   570  O  O   . VAL A 1 80  ? -2.185  2.498   -4.040  1.00 19.02 ? 79  VAL A O   1 
ATOM   571  C  CB  . VAL A 1 80  ? 0.531   3.854   -4.660  1.00 20.05 ? 79  VAL A CB  1 
ATOM   572  C  CG1 . VAL A 1 80  ? 1.421   2.651   -4.354  1.00 18.64 ? 79  VAL A CG1 1 
ATOM   573  C  CG2 . VAL A 1 80  ? 1.409   4.957   -5.274  1.00 18.98 ? 79  VAL A CG2 1 
ATOM   574  N  N   . ILE A 1 81  ? -1.192  1.094   -5.473  1.00 17.93 ? 80  ILE A N   1 
ATOM   575  C  CA  . ILE A 1 81  ? -1.611  -0.100  -4.712  1.00 17.11 ? 80  ILE A CA  1 
ATOM   576  C  C   . ILE A 1 81  ? -0.386  -0.964  -4.492  1.00 17.57 ? 80  ILE A C   1 
ATOM   577  O  O   . ILE A 1 81  ? 0.317   -1.314  -5.422  1.00 16.77 ? 80  ILE A O   1 
ATOM   578  C  CB  . ILE A 1 81  ? -2.813  -0.904  -5.355  1.00 16.39 ? 80  ILE A CB  1 
ATOM   579  C  CG1 . ILE A 1 81  ? -3.198  -2.152  -4.508  1.00 16.89 ? 80  ILE A CG1 1 
ATOM   580  C  CG2 . ILE A 1 81  ? -2.519  -1.303  -6.803  1.00 16.97 ? 80  ILE A CG2 1 
ATOM   581  C  CD1 . ILE A 1 81  ? -4.557  -2.770  -4.871  1.00 16.07 ? 80  ILE A CD1 1 
ATOM   582  N  N   . ARG A 1 82  ? -0.121  -1.257  -3.220  1.00 17.39 ? 81  ARG A N   1 
ATOM   583  C  CA  . ARG A 1 82  ? 0.949   -2.178  -2.847  1.00 16.85 ? 81  ARG A CA  1 
ATOM   584  C  C   . ARG A 1 82  ? 0.496   -3.103  -1.740  1.00 17.26 ? 81  ARG A C   1 
ATOM   585  O  O   . ARG A 1 82  ? -0.465  -2.807  -0.998  1.00 19.05 ? 81  ARG A O   1 
ATOM   586  C  CB  . ARG A 1 82  ? 2.220   -1.390  -2.457  1.00 17.62 ? 81  ARG A CB  1 
ATOM   587  C  CG  . ARG A 1 82  ? 2.058   -0.562  -1.226  1.00 19.98 ? 81  ARG A CG  1 
ATOM   588  C  CD  . ARG A 1 82  ? 3.358   0.084   -0.829  1.00 24.76 ? 81  ARG A CD  1 
ATOM   589  N  NE  . ARG A 1 82  ? 3.078   1.091   0.169   1.00 27.18 ? 81  ARG A NE  1 
ATOM   590  C  CZ  . ARG A 1 82  ? 3.191   2.397   -0.027  1.00 28.61 ? 81  ARG A CZ  1 
ATOM   591  N  NH1 . ARG A 1 82  ? 3.655   2.871   -1.160  1.00 30.12 ? 81  ARG A NH1 1 
ATOM   592  N  NH2 . ARG A 1 82  ? 2.893   3.217   0.962   1.00 30.79 ? 81  ARG A NH2 1 
ATOM   593  N  N   . VAL A 1 83  ? 1.199   -4.234  -1.638  1.00 16.72 ? 82  VAL A N   1 
ATOM   594  C  CA  . VAL A 1 83  ? 1.018   -5.203  -0.585  1.00 16.46 ? 82  VAL A CA  1 
ATOM   595  C  C   . VAL A 1 83  ? 2.206   -5.136  0.402   1.00 16.00 ? 82  VAL A C   1 
ATOM   596  O  O   . VAL A 1 83  ? 3.386   -5.185  0.010   1.00 15.69 ? 82  VAL A O   1 
ATOM   597  C  CB  . VAL A 1 83  ? 0.846   -6.638  -1.164  1.00 15.99 ? 82  VAL A CB  1 
ATOM   598  C  CG1 . VAL A 1 83  ? 0.755   -7.663  -0.033  1.00 15.89 ? 82  VAL A CG1 1 
ATOM   599  C  CG2 . VAL A 1 83  ? -0.334  -6.735  -2.123  1.00 17.20 ? 82  VAL A CG2 1 
ATOM   600  N  N   . VAL A 1 84  ? 1.867   -4.982  1.668   1.00 15.18 ? 83  VAL A N   1 
ATOM   601  C  CA  . VAL A 1 84  ? 2.883   -4.883  2.772   1.00 16.71 ? 83  VAL A CA  1 
ATOM   602  C  C   . VAL A 1 84  ? 2.650   -5.988  3.789   1.00 16.47 ? 83  VAL A C   1 
ATOM   603  O  O   . VAL A 1 84  ? 1.552   -6.144  4.344   1.00 17.98 ? 83  VAL A O   1 
ATOM   604  C  CB  . VAL A 1 84  ? 2.921   -3.479  3.475   1.00 16.14 ? 83  VAL A CB  1 
ATOM   605  C  CG1 . VAL A 1 84  ? 4.001   -3.417  4.564   1.00 16.44 ? 83  VAL A CG1 1 
ATOM   606  C  CG2 . VAL A 1 84  ? 3.199   -2.381  2.443   1.00 16.73 ? 83  VAL A CG2 1 
ATOM   607  N  N   . ASP A 1 85  ? 3.701   -6.774  3.997   1.00 16.63 ? 84  ASP A N   1 
ATOM   608  C  CA  . ASP A 1 85  ? 3.690   -7.842  5.020   1.00 16.50 ? 84  ASP A CA  1 
ATOM   609  C  C   . ASP A 1 85  ? 4.506   -7.373  6.185   1.00 16.07 ? 84  ASP A C   1 
ATOM   610  O  O   . ASP A 1 85  ? 5.734   -7.288  6.113   1.00 14.42 ? 84  ASP A O   1 
ATOM   611  C  CB  . ASP A 1 85  ? 4.294   -9.135  4.500   1.00 17.06 ? 84  ASP A CB  1 
ATOM   612  C  CG  . ASP A 1 85  ? 3.540   -9.722  3.310   1.00 16.31 ? 84  ASP A CG  1 
ATOM   613  O  OD1 . ASP A 1 85  ? 2.410   -9.287  2.989   1.00 17.63 ? 84  ASP A OD1 1 
ATOM   614  O  OD2 . ASP A 1 85  ? 4.075   -10.679 2.715   1.00 16.60 ? 84  ASP A OD2 1 
HETATM 615  N  N   A MSE A 1 86  ? 3.792   -7.063  7.261   0.50 16.45 ? 85  MSE A N   1 
HETATM 616  N  N   B MSE A 1 86  ? 3.824   -7.046  7.273   0.50 16.93 ? 85  MSE A N   1 
HETATM 617  C  CA  A MSE A 1 86  ? 4.392   -6.626  8.526   0.50 16.09 ? 85  MSE A CA  1 
HETATM 618  C  CA  B MSE A 1 86  ? 4.510   -6.584  8.481   0.50 17.00 ? 85  MSE A CA  1 
HETATM 619  C  C   A MSE A 1 86  ? 4.830   -7.879  9.271   0.50 17.07 ? 85  MSE A C   1 
HETATM 620  C  C   B MSE A 1 86  ? 4.821   -7.792  9.340   0.50 17.50 ? 85  MSE A C   1 
HETATM 621  O  O   A MSE A 1 86  ? 4.038   -8.802  9.490   0.50 15.78 ? 85  MSE A O   1 
HETATM 622  O  O   B MSE A 1 86  ? 3.943   -8.571  9.715   0.50 16.13 ? 85  MSE A O   1 
HETATM 623  C  CB  A MSE A 1 86  ? 3.404   -5.825  9.389   0.50 16.36 ? 85  MSE A CB  1 
HETATM 624  C  CB  B MSE A 1 86  ? 3.705   -5.536  9.249   0.50 17.59 ? 85  MSE A CB  1 
HETATM 625  C  CG  A MSE A 1 86  ? 2.929   -4.462  8.828   0.50 15.70 ? 85  MSE A CG  1 
HETATM 626  C  CG  B MSE A 1 86  ? 4.462   -4.881  10.411  0.50 19.33 ? 85  MSE A CG  1 
HETATM 627  SE SE  A MSE A 1 86  ? 4.356   -3.246  8.336   0.38 13.32 ? 85  MSE A SE  1 
HETATM 628  SE SE  B MSE A 1 86  ? 6.005   -3.725  9.938   0.37 24.04 ? 85  MSE A SE  1 
HETATM 629  C  CE  A MSE A 1 86  ? 4.956   -2.539  10.020  0.50 14.59 ? 85  MSE A CE  1 
HETATM 630  C  CE  B MSE A 1 86  ? 5.199   -2.817  8.436   0.50 12.45 ? 85  MSE A CE  1 
ATOM   631  N  N   . LEU A 1 87  ? 6.105   -7.916  9.631   1.00 17.06 ? 86  LEU A N   1 
ATOM   632  C  CA  . LEU A 1 87  ? 6.680   -9.107  10.292  1.00 18.80 ? 86  LEU A CA  1 
ATOM   633  C  C   . LEU A 1 87  ? 6.405   -9.121  11.794  1.00 18.85 ? 86  LEU A C   1 
ATOM   634  O  O   . LEU A 1 87  ? 6.175   -8.067  12.397  1.00 19.86 ? 86  LEU A O   1 
ATOM   635  C  CB  . LEU A 1 87  ? 8.186   -9.246  9.989   1.00 18.09 ? 86  LEU A CB  1 
ATOM   636  C  CG  . LEU A 1 87  ? 8.622   -9.953  8.673   1.00 21.95 ? 86  LEU A CG  1 
ATOM   637  C  CD1 . LEU A 1 87  ? 7.889   -9.554  7.478   1.00 21.33 ? 86  LEU A CD1 1 
ATOM   638  C  CD2 . LEU A 1 87  ? 10.070  -9.786  8.395   1.00 20.94 ? 86  LEU A CD2 1 
ATOM   639  N  N   . PRO A 1 88  ? 6.376   -10.325 12.402  1.00 19.89 ? 87  PRO A N   1 
ATOM   640  C  CA  . PRO A 1 88  ? 5.997   -10.388 13.826  1.00 20.22 ? 87  PRO A CA  1 
ATOM   641  C  C   . PRO A 1 88  ? 6.957   -9.605  14.713  1.00 20.55 ? 87  PRO A C   1 
ATOM   642  O  O   . PRO A 1 88  ? 8.156   -9.678  14.530  1.00 20.88 ? 87  PRO A O   1 
ATOM   643  C  CB  . PRO A 1 88  ? 6.046   -11.891 14.155  1.00 20.42 ? 87  PRO A CB  1 
ATOM   644  C  CG  . PRO A 1 88  ? 6.461   -12.574 12.994  1.00 20.70 ? 87  PRO A CG  1 
ATOM   645  C  CD  . PRO A 1 88  ? 6.497   -11.657 11.809  1.00 19.75 ? 87  PRO A CD  1 
ATOM   646  N  N   . GLY A 1 89  ? 6.410   -8.860  15.662  1.00 20.99 ? 88  GLY A N   1 
ATOM   647  C  CA  . GLY A 1 89  ? 7.213   -8.060  16.582  1.00 21.24 ? 88  GLY A CA  1 
ATOM   648  C  C   . GLY A 1 89  ? 7.844   -6.816  15.991  1.00 22.29 ? 88  GLY A C   1 
ATOM   649  O  O   . GLY A 1 89  ? 8.729   -6.200  16.579  1.00 22.23 ? 88  GLY A O   1 
ATOM   650  N  N   . LYS A 1 90  ? 7.414   -6.462  14.788  1.00 21.44 ? 89  LYS A N   1 
ATOM   651  C  CA  . LYS A 1 90  ? 7.976   -5.312  14.068  1.00 20.97 ? 89  LYS A CA  1 
ATOM   652  C  C   . LYS A 1 90  ? 6.971   -4.198  13.931  1.00 21.33 ? 89  LYS A C   1 
ATOM   653  O  O   . LYS A 1 90  ? 5.745   -4.405  13.998  1.00 21.16 ? 89  LYS A O   1 
ATOM   654  C  CB  . LYS A 1 90  ? 8.441   -5.720  12.657  1.00 20.39 ? 89  LYS A CB  1 
ATOM   655  C  CG  . LYS A 1 90  ? 9.438   -6.899  12.569  1.00 23.22 ? 89  LYS A CG  1 
ATOM   656  C  CD  . LYS A 1 90  ? 10.712  -6.680  13.372  1.00 23.78 ? 89  LYS A CD  1 
ATOM   657  C  CE  . LYS A 1 90  ? 11.818  -7.648  12.959  1.00 27.91 ? 89  LYS A CE  1 
ATOM   658  N  NZ  . LYS A 1 90  ? 12.995  -7.496  13.825  1.00 30.11 ? 89  LYS A NZ  1 
ATOM   659  N  N   . GLU A 1 91  ? 7.509   -3.013  13.718  1.00 21.22 ? 90  GLU A N   1 
ATOM   660  C  CA  . GLU A 1 91  ? 6.676   -1.849  13.452  1.00 22.61 ? 90  GLU A CA  1 
ATOM   661  C  C   . GLU A 1 91  ? 7.273   -0.934  12.391  1.00 21.61 ? 90  GLU A C   1 
ATOM   662  O  O   . GLU A 1 91  ? 8.472   -0.898  12.178  1.00 21.65 ? 90  GLU A O   1 
ATOM   663  C  CB  . GLU A 1 91  ? 6.434   -1.077  14.739  1.00 22.72 ? 90  GLU A CB  1 
ATOM   664  C  CG  . GLU A 1 91  ? 7.689   -0.536  15.344  1.00 22.95 ? 90  GLU A CG  1 
ATOM   665  C  CD  . GLU A 1 91  ? 7.425   0.112   16.669  1.00 25.92 ? 90  GLU A CD  1 
ATOM   666  O  OE1 . GLU A 1 91  ? 7.098   -0.625  17.622  1.00 24.85 ? 90  GLU A OE1 1 
ATOM   667  O  OE2 . GLU A 1 91  ? 7.531   1.353   16.735  1.00 26.98 ? 90  GLU A OE2 1 
ATOM   668  N  N   . SER A 1 92  ? 6.396   -0.172  11.770  1.00 21.95 ? 91  SER A N   1 
ATOM   669  C  CA  . SER A 1 92  ? 6.778   0.759   10.697  1.00 22.19 ? 91  SER A CA  1 
ATOM   670  C  C   . SER A 1 92  ? 7.168   2.099   11.334  1.00 22.78 ? 91  SER A C   1 
ATOM   671  O  O   . SER A 1 92  ? 6.819   2.331   12.478  1.00 21.76 ? 91  SER A O   1 
ATOM   672  C  CB  . SER A 1 92  ? 5.600   0.885   9.685   1.00 22.67 ? 91  SER A CB  1 
ATOM   673  O  OG  . SER A 1 92  ? 4.512   1.570   10.268  1.00 20.08 ? 91  SER A OG  1 
ATOM   674  N  N   . PRO A 1 93  ? 7.951   2.946   10.617  1.00 23.56 ? 92  PRO A N   1 
ATOM   675  C  CA  . PRO A 1 93  ? 8.155   4.304   11.031  1.00 23.89 ? 92  PRO A CA  1 
ATOM   676  C  C   . PRO A 1 93  ? 6.872   5.099   11.007  1.00 23.35 ? 92  PRO A C   1 
ATOM   677  O  O   . PRO A 1 93  ? 6.002   4.900   10.181  1.00 23.68 ? 92  PRO A O   1 
ATOM   678  C  CB  . PRO A 1 93  ? 9.171   4.845   10.002  1.00 25.32 ? 92  PRO A CB  1 
ATOM   679  C  CG  . PRO A 1 93  ? 9.594   3.719   9.208   1.00 24.50 ? 92  PRO A CG  1 
ATOM   680  C  CD  . PRO A 1 93  ? 8.514   2.728   9.278   1.00 23.99 ? 92  PRO A CD  1 
HETATM 681  N  N   A MSE A 1 94  ? 6.754   5.962   11.997  0.50 22.64 ? 93  MSE A N   1 
HETATM 682  N  N   B MSE A 1 94  ? 6.765   6.010   11.948  0.50 22.40 ? 93  MSE A N   1 
HETATM 683  C  CA  A MSE A 1 94  ? 5.624   6.852   12.144  0.50 22.41 ? 93  MSE A CA  1 
HETATM 684  C  CA  B MSE A 1 94  ? 5.606   6.858   12.054  0.50 22.08 ? 93  MSE A CA  1 
HETATM 685  C  C   A MSE A 1 94  ? 5.766   7.916   11.069  0.50 22.45 ? 93  MSE A C   1 
HETATM 686  C  C   B MSE A 1 94  ? 5.740   7.998   11.063  0.50 21.70 ? 93  MSE A C   1 
HETATM 687  O  O   A MSE A 1 94  ? 6.851   8.477   10.878  0.50 20.81 ? 93  MSE A O   1 
HETATM 688  O  O   B MSE A 1 94  ? 6.740   8.727   11.081  0.50 20.28 ? 93  MSE A O   1 
HETATM 689  C  CB  A MSE A 1 94  ? 5.646   7.454   13.553  0.50 22.76 ? 93  MSE A CB  1 
HETATM 690  C  CB  B MSE A 1 94  ? 5.509   7.376   13.471  0.50 22.56 ? 93  MSE A CB  1 
HETATM 691  C  CG  A MSE A 1 94  ? 4.625   8.528   13.841  0.50 22.62 ? 93  MSE A CG  1 
HETATM 692  C  CG  B MSE A 1 94  ? 4.452   8.382   13.681  0.50 22.93 ? 93  MSE A CG  1 
HETATM 693  SE SE  A MSE A 1 94  ? 2.860   7.852   14.296  0.38 21.91 ? 93  MSE A SE  1 
HETATM 694  SE SE  B MSE A 1 94  ? 4.060   8.402   15.546  0.37 24.30 ? 93  MSE A SE  1 
HETATM 695  C  CE  A MSE A 1 94  ? 3.334   6.582   15.678  0.50 24.80 ? 93  MSE A CE  1 
HETATM 696  C  CE  B MSE A 1 94  ? 2.423   7.369   15.523  0.50 24.64 ? 93  MSE A CE  1 
ATOM   697  N  N   A HIS A 1 95  ? 4.682   8.148   10.337  0.60 21.92 ? 94  HIS A N   1 
ATOM   698  N  N   B HIS A 1 95  ? 4.742   8.126   10.189  0.40 20.67 ? 94  HIS A N   1 
ATOM   699  C  CA  A HIS A 1 95  ? 4.645   9.210   9.331   0.60 22.75 ? 94  HIS A CA  1 
ATOM   700  C  CA  B HIS A 1 95  ? 4.728   9.144   9.152   0.40 20.68 ? 94  HIS A CA  1 
ATOM   701  C  C   A HIS A 1 95  ? 3.251   9.543   8.837   0.60 22.22 ? 94  HIS A C   1 
ATOM   702  C  C   B HIS A 1 95  ? 3.292   9.546   8.838   0.40 21.07 ? 94  HIS A C   1 
ATOM   703  O  O   A HIS A 1 95  ? 2.287   8.808   9.049   0.60 21.50 ? 94  HIS A O   1 
ATOM   704  O  O   B HIS A 1 95  ? 2.328   8.865   9.185   0.40 20.53 ? 94  HIS A O   1 
ATOM   705  C  CB  A HIS A 1 95  ? 5.563   8.909   8.129   0.60 23.58 ? 94  HIS A CB  1 
ATOM   706  C  CB  B HIS A 1 95  ? 5.384   8.649   7.846   0.40 20.71 ? 94  HIS A CB  1 
ATOM   707  C  CG  A HIS A 1 95  ? 4.993   7.941   7.131   0.60 27.63 ? 94  HIS A CG  1 
ATOM   708  C  CG  B HIS A 1 95  ? 6.878   8.457   7.912   0.40 19.73 ? 94  HIS A CG  1 
ATOM   709  N  ND1 A HIS A 1 95  ? 4.340   6.784   7.497   0.60 33.68 ? 94  HIS A ND1 1 
ATOM   710  N  ND1 B HIS A 1 95  ? 7.752   9.477   8.229   0.40 19.35 ? 94  HIS A ND1 1 
ATOM   711  C  CD2 A HIS A 1 95  ? 5.017   7.940   5.775   0.60 30.79 ? 94  HIS A CD2 1 
ATOM   712  C  CD2 B HIS A 1 95  ? 7.654   7.374   7.630   0.40 18.63 ? 94  HIS A CD2 1 
ATOM   713  C  CE1 A HIS A 1 95  ? 3.953   6.135   6.410   0.60 32.74 ? 94  HIS A CE1 1 
ATOM   714  C  CE1 B HIS A 1 95  ? 8.995   9.022   8.186   0.40 18.96 ? 94  HIS A CE1 1 
ATOM   715  N  NE2 A HIS A 1 95  ? 4.353   6.814   5.354   0.60 32.70 ? 94  HIS A NE2 1 
ATOM   716  N  NE2 B HIS A 1 95  ? 8.964   7.755   7.808   0.40 16.83 ? 94  HIS A NE2 1 
ATOM   717  N  N   . ARG A 1 96  ? 3.208   10.672  8.154   1.00 21.22 ? 95  ARG A N   1 
ATOM   718  C  CA  . ARG A 1 96  ? 1.982   11.211  7.565   1.00 21.75 ? 95  ARG A CA  1 
ATOM   719  C  C   . ARG A 1 96  ? 2.212   11.442  6.093   1.00 20.62 ? 95  ARG A C   1 
ATOM   720  O  O   . ARG A 1 96  ? 3.278   11.844  5.707   1.00 19.97 ? 95  ARG A O   1 
ATOM   721  C  CB  . ARG A 1 96  ? 1.657   12.556  8.210   1.00 22.77 ? 95  ARG A CB  1 
ATOM   722  C  CG  . ARG A 1 96  ? 0.435   13.246  7.716   1.00 21.65 ? 95  ARG A CG  1 
ATOM   723  C  CD  . ARG A 1 96  ? 0.407   14.669  8.204   1.00 23.18 ? 95  ARG A CD  1 
ATOM   724  N  NE  . ARG A 1 96  ? 0.433   14.736  9.646   1.00 25.80 ? 95  ARG A NE  1 
ATOM   725  C  CZ  . ARG A 1 96  ? 1.318   15.408  10.369  1.00 27.33 ? 95  ARG A CZ  1 
ATOM   726  N  NH1 . ARG A 1 96  ? 2.282   16.107  9.806   1.00 26.56 ? 95  ARG A NH1 1 
ATOM   727  N  NH2 . ARG A 1 96  ? 1.227   15.375  11.691  1.00 29.29 ? 95  ARG A NH2 1 
ATOM   728  N  N   . THR A 1 97  ? 1.202   11.175  5.273   1.00 18.94 ? 96  THR A N   1 
ATOM   729  C  CA  . THR A 1 97  ? 1.286   11.407  3.819   1.00 18.66 ? 96  THR A CA  1 
ATOM   730  C  C   . THR A 1 97  ? 0.097   12.239  3.352   1.00 18.74 ? 96  THR A C   1 
ATOM   731  O  O   . THR A 1 97  ? -0.960  12.288  4.003   1.00 17.49 ? 96  THR A O   1 
ATOM   732  C  CB  . THR A 1 97  ? 1.347   10.075  2.968   1.00 19.31 ? 96  THR A CB  1 
ATOM   733  O  OG1 . THR A 1 97  ? 0.156   9.279   3.186   1.00 19.51 ? 96  THR A OG1 1 
ATOM   734  C  CG2 . THR A 1 97  ? 2.603   9.202   3.318   1.00 19.64 ? 96  THR A CG2 1 
ATOM   735  N  N   . ASN A 1 98  ? 0.303   12.840  2.193   1.00 18.57 ? 97  ASN A N   1 
ATOM   736  C  CA  . ASN A 1 98  ? -0.728  13.625  1.488   1.00 19.66 ? 97  ASN A CA  1 
ATOM   737  C  C   . ASN A 1 98  ? -1.579  12.754  0.560   1.00 19.88 ? 97  ASN A C   1 
ATOM   738  O  O   . ASN A 1 98  ? -1.474  12.753  -0.688  1.00 20.48 ? 97  ASN A O   1 
ATOM   739  C  CB  . ASN A 1 98  ? -0.116  14.820  0.766   1.00 20.51 ? 97  ASN A CB  1 
ATOM   740  C  CG  . ASN A 1 98  ? 0.472   15.826  1.718   1.00 20.31 ? 97  ASN A CG  1 
ATOM   741  O  OD1 . ASN A 1 98  ? 0.150   15.847  2.896   1.00 25.27 ? 97  ASN A OD1 1 
ATOM   742  N  ND2 . ASN A 1 98  ? 1.333   16.661  1.218   1.00 21.12 ? 97  ASN A ND2 1 
ATOM   743  N  N   . SER A 1 99  ? -2.442  12.018  1.233   1.00 18.94 ? 98  SER A N   1 
ATOM   744  C  CA  . SER A 1 99  ? -3.237  10.983  0.609   1.00 19.06 ? 98  SER A CA  1 
ATOM   745  C  C   . SER A 1 99  ? -4.341  10.518  1.532   1.00 18.95 ? 98  SER A C   1 
ATOM   746  O  O   . SER A 1 99  ? -4.284  10.692  2.746   1.00 19.16 ? 98  SER A O   1 
ATOM   747  C  CB  . SER A 1 99  ? -2.347  9.780   0.258   1.00 19.40 ? 98  SER A CB  1 
ATOM   748  O  OG  . SER A 1 99  ? -1.752  9.196   1.417   1.00 18.42 ? 98  SER A OG  1 
ATOM   749  N  N   . ILE A 1 100 ? -5.343  9.920   0.918   1.00 17.88 ? 99  ILE A N   1 
ATOM   750  C  CA  . ILE A 1 100 ? -6.280  9.056   1.640   1.00 17.11 ? 99  ILE A CA  1 
ATOM   751  C  C   . ILE A 1 100 ? -5.925  7.649   1.215   1.00 16.92 ? 99  ILE A C   1 
ATOM   752  O  O   . ILE A 1 100 ? -5.661  7.397   0.059   1.00 17.19 ? 99  ILE A O   1 
ATOM   753  C  CB  . ILE A 1 100 ? -7.792  9.410   1.362   1.00 15.54 ? 99  ILE A CB  1 
ATOM   754  C  CG1 . ILE A 1 100 ? -8.742  8.689   2.335   1.00 16.09 ? 99  ILE A CG1 1 
ATOM   755  C  CG2 . ILE A 1 100 ? -8.256  9.174   -0.112  1.00 14.83 ? 99  ILE A CG2 1 
ATOM   756  C  CD1 . ILE A 1 100 ? -10.238 9.136   2.205   1.00 16.88 ? 99  ILE A CD1 1 
ATOM   757  N  N   . ASP A 1 101 ? -5.853  6.753   2.184   1.00 17.77 ? 100 ASP A N   1 
ATOM   758  C  CA  . ASP A 1 101 ? -5.503  5.376   1.936   1.00 17.86 ? 100 ASP A CA  1 
ATOM   759  C  C   . ASP A 1 101 ? -6.573  4.401   2.394   1.00 18.05 ? 100 ASP A C   1 
ATOM   760  O  O   . ASP A 1 101 ? -7.099  4.548   3.441   1.00 20.04 ? 100 ASP A O   1 
ATOM   761  C  CB  . ASP A 1 101 ? -4.206  4.980   2.627   1.00 17.95 ? 100 ASP A CB  1 
ATOM   762  C  CG  . ASP A 1 101 ? -3.230  6.099   2.744   1.00 16.44 ? 100 ASP A CG  1 
ATOM   763  O  OD1 . ASP A 1 101 ? -2.989  6.742   1.745   1.00 17.45 ? 100 ASP A OD1 1 
ATOM   764  O  OD2 . ASP A 1 101 ? -2.740  6.259   3.835   1.00 17.97 ? 100 ASP A OD2 1 
ATOM   765  N  N   . TYR A 1 102 ? -6.857  3.408   1.591   1.00 16.79 ? 101 TYR A N   1 
ATOM   766  C  CA  . TYR A 1 102 ? -7.714  2.305   1.968   1.00 17.30 ? 101 TYR A CA  1 
ATOM   767  C  C   . TYR A 1 102 ? -6.798  1.114   2.247   1.00 17.36 ? 101 TYR A C   1 
ATOM   768  O  O   . TYR A 1 102 ? -6.072  0.649   1.375   1.00 18.87 ? 101 TYR A O   1 
ATOM   769  C  CB  . TYR A 1 102 ? -8.726  1.952   0.867   1.00 16.15 ? 101 TYR A CB  1 
ATOM   770  C  CG  . TYR A 1 102 ? -9.556  3.089   0.402   1.00 16.28 ? 101 TYR A CG  1 
ATOM   771  C  CD1 . TYR A 1 102 ? -10.113 4.007   1.326   1.00 16.62 ? 101 TYR A CD1 1 
ATOM   772  C  CD2 . TYR A 1 102 ? -9.812  3.292   -0.972  1.00 18.37 ? 101 TYR A CD2 1 
ATOM   773  C  CE1 . TYR A 1 102 ? -10.904 5.080   0.880   1.00 19.15 ? 101 TYR A CE1 1 
ATOM   774  C  CE2 . TYR A 1 102 ? -10.607 4.378   -1.409  1.00 19.48 ? 101 TYR A CE2 1 
ATOM   775  C  CZ  . TYR A 1 102 ? -11.176 5.251   -0.470  1.00 18.20 ? 101 TYR A CZ  1 
ATOM   776  O  OH  . TYR A 1 102 ? -11.954 6.317   -0.912  1.00 17.09 ? 101 TYR A OH  1 
ATOM   777  N  N   . GLY A 1 103 ? -6.842  0.626   3.467   1.00 17.82 ? 102 GLY A N   1 
ATOM   778  C  CA  . GLY A 1 103 ? -6.047  -0.549  3.832   1.00 18.31 ? 102 GLY A CA  1 
ATOM   779  C  C   . GLY A 1 103 ? -6.944  -1.721  4.129   1.00 18.40 ? 102 GLY A C   1 
ATOM   780  O  O   . GLY A 1 103 ? -7.906  -1.592  4.878   1.00 19.27 ? 102 GLY A O   1 
ATOM   781  N  N   . ILE A 1 104 ? -6.595  -2.881  3.563   1.00 17.87 ? 103 ILE A N   1 
ATOM   782  C  CA  . ILE A 1 104 ? -7.379  -4.107  3.775   1.00 17.59 ? 103 ILE A CA  1 
ATOM   783  C  C   . ILE A 1 104 ? -6.517  -5.196  4.345   1.00 17.41 ? 103 ILE A C   1 
ATOM   784  O  O   . ILE A 1 104 ? -5.505  -5.614  3.742   1.00 15.92 ? 103 ILE A O   1 
ATOM   785  C  CB  . ILE A 1 104 ? -8.123  -4.594  2.469   1.00 17.00 ? 103 ILE A CB  1 
ATOM   786  C  CG1 . ILE A 1 104 ? -8.937  -3.428  1.835   1.00 19.09 ? 103 ILE A CG1 1 
ATOM   787  C  CG2 . ILE A 1 104 ? -9.116  -5.708  2.789   1.00 17.87 ? 103 ILE A CG2 1 
ATOM   788  C  CD1 . ILE A 1 104 ? -8.189  -2.667  0.741   1.00 20.50 ? 103 ILE A CD1 1 
ATOM   789  N  N   . VAL A 1 105 ? -6.918  -5.667  5.509   1.00 17.23 ? 104 VAL A N   1 
ATOM   790  C  CA  . VAL A 1 105 ? -6.128  -6.706  6.195   1.00 17.60 ? 104 VAL A CA  1 
ATOM   791  C  C   . VAL A 1 105 ? -6.437  -8.076  5.563   1.00 17.71 ? 104 VAL A C   1 
ATOM   792  O  O   . VAL A 1 105 ? -7.543  -8.626  5.745   1.00 17.46 ? 104 VAL A O   1 
ATOM   793  C  CB  . VAL A 1 105 ? -6.315  -6.697  7.746   1.00 17.83 ? 104 VAL A CB  1 
ATOM   794  C  CG1 . VAL A 1 105 ? -5.331  -7.656  8.411   1.00 16.89 ? 104 VAL A CG1 1 
ATOM   795  C  CG2 . VAL A 1 105 ? -6.166  -5.286  8.347   1.00 17.31 ? 104 VAL A CG2 1 
ATOM   796  N  N   . LEU A 1 106 ? -5.448  -8.666  4.879   1.00 17.40 ? 105 LEU A N   1 
ATOM   797  C  CA  . LEU A 1 106 ? -5.721  -9.881  4.114   1.00 18.40 ? 105 LEU A CA  1 
ATOM   798  C  C   . LEU A 1 106 ? -5.528  -11.127 4.958   1.00 18.98 ? 105 LEU A C   1 
ATOM   799  O  O   . LEU A 1 106 ? -6.205  -12.167 4.807   1.00 18.40 ? 105 LEU A O   1 
ATOM   800  C  CB  . LEU A 1 106 ? -4.836  -9.960  2.842   1.00 18.55 ? 105 LEU A CB  1 
ATOM   801  C  CG  . LEU A 1 106 ? -4.905  -8.764  1.832   1.00 19.83 ? 105 LEU A CG  1 
ATOM   802  C  CD1 . LEU A 1 106 ? -4.189  -9.121  0.545   1.00 19.49 ? 105 LEU A CD1 1 
ATOM   803  C  CD2 . LEU A 1 106 ? -6.318  -8.316  1.556   1.00 20.13 ? 105 LEU A CD2 1 
ATOM   804  N  N   . GLU A 1 107 ? -4.550  -11.011 5.823   1.00 19.42 ? 106 GLU A N   1 
ATOM   805  C  CA  . GLU A 1 107 ? -4.065  -12.128 6.659   1.00 19.50 ? 106 GLU A CA  1 
ATOM   806  C  C   . GLU A 1 107 ? -3.456  -11.589 7.943   1.00 19.44 ? 106 GLU A C   1 
ATOM   807  O  O   . GLU A 1 107 ? -2.672  -10.656 7.924   1.00 18.99 ? 106 GLU A O   1 
ATOM   808  C  CB  . GLU A 1 107 ? -3.007  -12.934 5.904   1.00 20.52 ? 106 GLU A CB  1 
ATOM   809  C  CG  . GLU A 1 107 ? -2.164  -13.828 6.750   1.00 22.69 ? 106 GLU A CG  1 
ATOM   810  C  CD  . GLU A 1 107 ? -2.872  -15.072 7.296   1.00 29.10 ? 106 GLU A CD  1 
ATOM   811  O  OE1 . GLU A 1 107 ? -3.951  -15.456 6.769   1.00 29.39 ? 106 GLU A OE1 1 
ATOM   812  O  OE2 . GLU A 1 107 ? -2.320  -15.667 8.265   1.00 29.78 ? 106 GLU A OE2 1 
ATOM   813  N  N   . GLY A 1 108 ? -3.818  -12.204 9.061   1.00 19.08 ? 107 GLY A N   1 
ATOM   814  C  CA  . GLY A 1 108 ? -3.339  -11.782 10.352  1.00 18.87 ? 107 GLY A CA  1 
ATOM   815  C  C   . GLY A 1 108 ? -4.087  -10.568 10.871  1.00 19.60 ? 107 GLY A C   1 
ATOM   816  O  O   . GLY A 1 108 ? -5.161  -10.236 10.411  1.00 19.26 ? 107 GLY A O   1 
ATOM   817  N  N   . GLU A 1 109 ? -3.494  -9.953  11.878  1.00 19.68 ? 108 GLU A N   1 
ATOM   818  C  CA  . GLU A 1 109 ? -3.983  -8.706  12.412  1.00 19.96 ? 108 GLU A CA  1 
ATOM   819  C  C   . GLU A 1 109 ? -2.868  -7.767  12.772  1.00 18.59 ? 108 GLU A C   1 
ATOM   820  O  O   . GLU A 1 109 ? -1.707  -8.149  12.965  1.00 16.45 ? 108 GLU A O   1 
ATOM   821  C  CB  . GLU A 1 109 ? -4.920  -8.906  13.584  1.00 20.73 ? 108 GLU A CB  1 
ATOM   822  C  CG  . GLU A 1 109 ? -4.359  -9.621  14.770  1.00 22.86 ? 108 GLU A CG  1 
ATOM   823  C  CD  . GLU A 1 109 ? -5.461  -9.947  15.774  1.00 28.38 ? 108 GLU A CD  1 
ATOM   824  O  OE1 . GLU A 1 109 ? -6.523  -10.468 15.376  1.00 33.96 ? 108 GLU A OE1 1 
ATOM   825  O  OE2 . GLU A 1 109 ? -5.286  -9.649  16.948  1.00 28.32 ? 108 GLU A OE2 1 
ATOM   826  N  N   . ILE A 1 110 ? -3.284  -6.522  12.853  1.00 18.86 ? 109 ILE A N   1 
ATOM   827  C  CA  . ILE A 1 110 ? -2.388  -5.364  12.945  1.00 18.32 ? 109 ILE A CA  1 
ATOM   828  C  C   . ILE A 1 110 ? -2.862  -4.307  13.962  1.00 18.80 ? 109 ILE A C   1 
ATOM   829  O  O   . ILE A 1 110 ? -4.056  -4.060  14.143  1.00 19.11 ? 109 ILE A O   1 
ATOM   830  C  CB  . ILE A 1 110 ? -2.208  -4.676  11.559  1.00 18.80 ? 109 ILE A CB  1 
ATOM   831  C  CG1 . ILE A 1 110 ? -0.873  -3.926  11.520  1.00 19.42 ? 109 ILE A CG1 1 
ATOM   832  C  CG2 . ILE A 1 110 ? -3.351  -3.698  11.279  1.00 17.01 ? 109 ILE A CG2 1 
ATOM   833  C  CD1 . ILE A 1 110 ? 0.399   -4.859  11.504  1.00 18.09 ? 109 ILE A CD1 1 
ATOM   834  N  N   . GLU A 1 111 ? -1.880  -3.710  14.628  1.00 18.21 ? 110 GLU A N   1 
ATOM   835  C  CA  . GLU A 1 111 ? -2.098  -2.578  15.535  1.00 18.42 ? 110 GLU A CA  1 
ATOM   836  C  C   . GLU A 1 111 ? -1.819  -1.275  14.795  1.00 18.03 ? 110 GLU A C   1 
ATOM   837  O  O   . GLU A 1 111 ? -0.713  -1.023  14.326  1.00 18.54 ? 110 GLU A O   1 
ATOM   838  C  CB  . GLU A 1 111 ? -1.146  -2.674  16.725  1.00 19.00 ? 110 GLU A CB  1 
ATOM   839  C  CG  . GLU A 1 111 ? -1.323  -1.533  17.748  1.00 16.80 ? 110 GLU A CG  1 
ATOM   840  C  CD  . GLU A 1 111 ? -0.781  -1.922  19.074  1.00 18.78 ? 110 GLU A CD  1 
ATOM   841  O  OE1 . GLU A 1 111 ? 0.443   -1.741  19.278  1.00 18.57 ? 110 GLU A OE1 1 
ATOM   842  O  OE2 . GLU A 1 111 ? -1.579  -2.445  19.881  1.00 16.14 ? 110 GLU A OE2 1 
ATOM   843  N  N   . LEU A 1 112 ? -2.842  -0.454  14.700  1.00 17.74 ? 111 LEU A N   1 
ATOM   844  C  CA  . LEU A 1 112 ? -2.693  0.885   14.141  1.00 16.88 ? 111 LEU A CA  1 
ATOM   845  C  C   . LEU A 1 112 ? -2.549  1.868   15.268  1.00 16.96 ? 111 LEU A C   1 
ATOM   846  O  O   . LEU A 1 112 ? -3.458  2.031   16.086  1.00 17.52 ? 111 LEU A O   1 
ATOM   847  C  CB  . LEU A 1 112 ? -3.896  1.243   13.291  1.00 16.84 ? 111 LEU A CB  1 
ATOM   848  C  CG  . LEU A 1 112 ? -4.080  2.661   12.757  1.00 15.62 ? 111 LEU A CG  1 
ATOM   849  C  CD1 . LEU A 1 112 ? -2.865  3.098   11.905  1.00 16.24 ? 111 LEU A CD1 1 
ATOM   850  C  CD2 . LEU A 1 112 ? -5.313  2.754   11.953  1.00 14.86 ? 111 LEU A CD2 1 
ATOM   851  N  N   . GLU A 1 113 ? -1.427  2.574   15.248  1.00 16.77 ? 112 GLU A N   1 
ATOM   852  C  CA  . GLU A 1 113 ? -1.154  3.640   16.223  1.00 17.18 ? 112 GLU A CA  1 
ATOM   853  C  C   . GLU A 1 113 ? -1.119  5.001   15.540  1.00 17.87 ? 112 GLU A C   1 
ATOM   854  O  O   . GLU A 1 113 ? -0.426  5.191   14.523  1.00 17.77 ? 112 GLU A O   1 
ATOM   855  C  CB  . GLU A 1 113 ? 0.164   3.393   16.956  1.00 16.71 ? 112 GLU A CB  1 
ATOM   856  C  CG  . GLU A 1 113 ? 0.444   4.440   18.024  1.00 18.15 ? 112 GLU A CG  1 
ATOM   857  C  CD  . GLU A 1 113 ? 1.680   4.165   18.866  1.00 22.58 ? 112 GLU A CD  1 
ATOM   858  O  OE1 . GLU A 1 113 ? 2.046   2.968   19.049  1.00 23.55 ? 112 GLU A OE1 1 
ATOM   859  O  OE2 . GLU A 1 113 ? 2.254   5.170   19.388  1.00 21.61 ? 112 GLU A OE2 1 
ATOM   860  N  N   . LEU A 1 114 ? -1.854  5.936   16.144  1.00 18.41 ? 113 LEU A N   1 
ATOM   861  C  CA  . LEU A 1 114 ? -1.954  7.315   15.663  1.00 18.63 ? 113 LEU A CA  1 
ATOM   862  C  C   . LEU A 1 114 ? -1.194  8.237   16.604  1.00 19.74 ? 113 LEU A C   1 
ATOM   863  O  O   . LEU A 1 114 ? -0.157  7.854   17.103  1.00 20.33 ? 113 LEU A O   1 
ATOM   864  C  CB  . LEU A 1 114 ? -3.402  7.735   15.521  1.00 18.20 ? 113 LEU A CB  1 
ATOM   865  C  CG  . LEU A 1 114 ? -4.271  6.812   14.643  1.00 16.47 ? 113 LEU A CG  1 
ATOM   866  C  CD1 . LEU A 1 114 ? -5.664  7.360   14.530  1.00 14.73 ? 113 LEU A CD1 1 
ATOM   867  C  CD2 . LEU A 1 114 ? -3.738  6.644   13.254  1.00 13.78 ? 113 LEU A CD2 1 
ATOM   868  N  N   . ASP A 1 115 ? -1.715  9.437   16.862  1.00 19.87 ? 114 ASP A N   1 
ATOM   869  C  CA  . ASP A 1 115 ? -0.978  10.414  17.696  1.00 20.30 ? 114 ASP A CA  1 
ATOM   870  C  C   . ASP A 1 115 ? -1.142  10.064  19.172  1.00 20.17 ? 114 ASP A C   1 
ATOM   871  O  O   . ASP A 1 115 ? -2.144  9.505   19.624  1.00 17.27 ? 114 ASP A O   1 
ATOM   872  C  CB  . ASP A 1 115 ? -1.388  11.910  17.432  1.00 19.55 ? 114 ASP A CB  1 
ATOM   873  C  CG  . ASP A 1 115 ? -0.665  12.550  16.224  1.00 21.76 ? 114 ASP A CG  1 
ATOM   874  O  OD1 . ASP A 1 115 ? 0.507   12.212  15.949  1.00 23.57 ? 114 ASP A OD1 1 
ATOM   875  O  OD2 . ASP A 1 115 ? -1.236  13.457  15.533  1.00 21.83 ? 114 ASP A OD2 1 
ATOM   876  N  N   . ASP A 1 116 ? -0.134  10.462  19.939  1.00 20.60 ? 115 ASP A N   1 
ATOM   877  C  CA  . ASP A 1 116 ? -0.238  10.484  21.394  1.00 21.81 ? 115 ASP A CA  1 
ATOM   878  C  C   . ASP A 1 116 ? -0.615  9.151   22.012  1.00 22.52 ? 115 ASP A C   1 
ATOM   879  O  O   . ASP A 1 116 ? -1.327  9.109   23.006  1.00 22.41 ? 115 ASP A O   1 
ATOM   880  C  CB  . ASP A 1 116 ? -1.227  11.584  21.835  1.00 21.79 ? 115 ASP A CB  1 
ATOM   881  C  CG  . ASP A 1 116 ? -0.845  12.939  21.261  1.00 22.59 ? 115 ASP A CG  1 
ATOM   882  O  OD1 . ASP A 1 116 ? 0.370   13.197  21.243  1.00 24.63 ? 115 ASP A OD1 1 
ATOM   883  O  OD2 . ASP A 1 116 ? -1.700  13.671  20.733  1.00 23.38 ? 115 ASP A OD2 1 
ATOM   884  N  N   . GLY A 1 117 ? -0.131  8.078   21.389  1.00 22.63 ? 116 GLY A N   1 
ATOM   885  C  CA  . GLY A 1 117 ? -0.266  6.727   21.909  1.00 22.01 ? 116 GLY A CA  1 
ATOM   886  C  C   . GLY A 1 117 ? -1.606  6.067   21.576  1.00 22.49 ? 116 GLY A C   1 
ATOM   887  O  O   . GLY A 1 117 ? -1.849  4.937   21.967  1.00 22.36 ? 116 GLY A O   1 
ATOM   888  N  N   . ALA A 1 118 ? -2.487  6.776   20.871  1.00 21.94 ? 117 ALA A N   1 
ATOM   889  C  CA  . ALA A 1 118 ? -3.789  6.189   20.504  1.00 21.15 ? 117 ALA A CA  1 
ATOM   890  C  C   . ALA A 1 118 ? -3.568  4.993   19.574  1.00 21.35 ? 117 ALA A C   1 
ATOM   891  O  O   . ALA A 1 118 ? -2.836  5.072   18.598  1.00 22.36 ? 117 ALA A O   1 
ATOM   892  C  CB  . ALA A 1 118 ? -4.712  7.222   19.846  1.00 21.18 ? 117 ALA A CB  1 
ATOM   893  N  N   . LYS A 1 119 ? -4.152  3.866   19.903  1.00 21.73 ? 118 LYS A N   1 
ATOM   894  C  CA  . LYS A 1 119 ? -4.064  2.734   19.034  1.00 21.41 ? 118 LYS A CA  1 
ATOM   895  C  C   . LYS A 1 119 ? -5.179  1.728   19.180  1.00 20.85 ? 118 LYS A C   1 
ATOM   896  O  O   . LYS A 1 119 ? -5.799  1.656   20.171  1.00 20.27 ? 118 LYS A O   1 
ATOM   897  C  CB  . LYS A 1 119 ? -2.734  2.049   19.165  1.00 21.87 ? 118 LYS A CB  1 
ATOM   898  C  CG  . LYS A 1 119 ? -2.480  1.461   20.447  1.00 23.98 ? 118 LYS A CG  1 
ATOM   899  C  CD  . LYS A 1 119 ? -1.056  1.636   20.759  1.00 22.80 ? 118 LYS A CD  1 
ATOM   900  C  CE  . LYS A 1 119 ? -0.575  0.745   21.793  1.00 26.50 ? 118 LYS A CE  1 
ATOM   901  N  NZ  . LYS A 1 119 ? -1.480  0.382   22.861  1.00 32.45 ? 118 LYS A NZ  1 
ATOM   902  N  N   . ARG A 1 120 ? -5.373  0.952   18.146  1.00 19.67 ? 119 ARG A N   1 
ATOM   903  C  CA  . ARG A 1 120 ? -6.373  -0.149  18.077  1.00 21.07 ? 119 ARG A CA  1 
ATOM   904  C  C   . ARG A 1 120 ? -5.964  -1.192  17.083  1.00 19.66 ? 119 ARG A C   1 
ATOM   905  O  O   . ARG A 1 120 ? -5.156  -0.943  16.205  1.00 19.34 ? 119 ARG A O   1 
ATOM   906  C  CB  . ARG A 1 120 ? -7.737  0.301   17.545  1.00 20.75 ? 119 ARG A CB  1 
ATOM   907  C  CG  . ARG A 1 120 ? -8.452  1.051   18.479  1.00 27.21 ? 119 ARG A CG  1 
ATOM   908  C  CD  . ARG A 1 120 ? -9.732  1.517   17.909  1.00 26.87 ? 119 ARG A CD  1 
ATOM   909  N  NE  . ARG A 1 120 ? -10.092 2.659   18.712  1.00 25.79 ? 119 ARG A NE  1 
ATOM   910  C  CZ  . ARG A 1 120 ? -11.228 3.307   18.641  1.00 22.74 ? 119 ARG A CZ  1 
ATOM   911  N  NH1 . ARG A 1 120 ? -12.178 2.987   17.761  1.00 19.82 ? 119 ARG A NH1 1 
ATOM   912  N  NH2 . ARG A 1 120 ? -11.351 4.322   19.434  1.00 27.09 ? 119 ARG A NH2 1 
ATOM   913  N  N   . THR A 1 121 ? -6.591  -2.348  17.250  1.00 19.35 ? 120 THR A N   1 
ATOM   914  C  CA  . THR A 1 121 ? -6.319  -3.501  16.424  1.00 18.40 ? 120 THR A CA  1 
ATOM   915  C  C   . THR A 1 121 ? -7.321  -3.598  15.283  1.00 18.77 ? 120 THR A C   1 
ATOM   916  O  O   . THR A 1 121 ? -8.525  -3.426  15.470  1.00 17.53 ? 120 THR A O   1 
ATOM   917  C  CB  . THR A 1 121 ? -6.289  -4.783  17.249  1.00 18.95 ? 120 THR A CB  1 
ATOM   918  O  OG1 . THR A 1 121 ? -5.088  -4.799  18.059  1.00 20.23 ? 120 THR A OG1 1 
ATOM   919  C  CG2 . THR A 1 121 ? -6.320  -6.004  16.351  1.00 17.47 ? 120 THR A CG2 1 
ATOM   920  N  N   . VAL A 1 122 ? -6.793  -3.831  14.084  1.00 17.18 ? 121 VAL A N   1 
ATOM   921  C  CA  . VAL A 1 122 ? -7.616  -4.128  12.924  1.00 16.99 ? 121 VAL A CA  1 
ATOM   922  C  C   . VAL A 1 122 ? -7.420  -5.589  12.588  1.00 17.56 ? 121 VAL A C   1 
ATOM   923  O  O   . VAL A 1 122 ? -6.329  -6.052  12.272  1.00 16.55 ? 121 VAL A O   1 
ATOM   924  C  CB  . VAL A 1 122 ? -7.295  -3.286  11.693  1.00 17.87 ? 121 VAL A CB  1 
ATOM   925  C  CG1 . VAL A 1 122 ? -8.348  -3.522  10.608  1.00 15.44 ? 121 VAL A CG1 1 
ATOM   926  C  CG2 . VAL A 1 122 ? -7.240  -1.797  12.063  1.00 15.17 ? 121 VAL A CG2 1 
ATOM   927  N  N   . ARG A 1 123 ? -8.517  -6.305  12.720  1.00 17.71 ? 122 ARG A N   1 
ATOM   928  C  CA  . ARG A 1 123 ? -8.515  -7.728  12.556  1.00 18.62 ? 122 ARG A CA  1 
ATOM   929  C  C   . ARG A 1 123 ? -8.551  -8.122  11.082  1.00 18.43 ? 122 ARG A C   1 
ATOM   930  O  O   . ARG A 1 123 ? -8.751  -7.301  10.182  1.00 17.19 ? 122 ARG A O   1 
ATOM   931  C  CB  . ARG A 1 123 ? -9.713  -8.340  13.317  1.00 19.41 ? 122 ARG A CB  1 
ATOM   932  C  CG  . ARG A 1 123 ? -9.694  -8.117  14.802  1.00 19.57 ? 122 ARG A CG  1 
ATOM   933  C  CD  . ARG A 1 123 ? -10.986 -8.690  15.453  1.00 19.23 ? 122 ARG A CD  1 
ATOM   934  N  NE  . ARG A 1 123 ? -12.174 -8.019  14.953  1.00 19.67 ? 122 ARG A NE  1 
ATOM   935  C  CZ  . ARG A 1 123 ? -12.654 -6.884  15.467  1.00 18.69 ? 122 ARG A CZ  1 
ATOM   936  N  NH1 . ARG A 1 123 ? -12.047 -6.296  16.485  1.00 18.08 ? 122 ARG A NH1 1 
ATOM   937  N  NH2 . ARG A 1 123 ? -13.706 -6.300  14.934  1.00 19.80 ? 122 ARG A NH2 1 
ATOM   938  N  N   . GLN A 1 124 ? -8.290  -9.391  10.863  1.00 18.45 ? 123 GLN A N   1 
ATOM   939  C  CA  . GLN A 1 124 ? -8.296  -9.942  9.511   1.00 19.05 ? 123 GLN A CA  1 
ATOM   940  C  C   . GLN A 1 124 ? -9.631  -9.648  8.846   1.00 18.20 ? 123 GLN A C   1 
ATOM   941  O  O   . GLN A 1 124 ? -10.692 -9.754  9.463   1.00 20.15 ? 123 GLN A O   1 
ATOM   942  C  CB  . GLN A 1 124 ? -7.970  -11.434 9.528   1.00 19.72 ? 123 GLN A CB  1 
ATOM   943  C  CG  . GLN A 1 124 ? -7.761  -12.031 8.159   1.00 20.63 ? 123 GLN A CG  1 
ATOM   944  C  CD  . GLN A 1 124 ? -7.288  -13.470 8.207   1.00 23.86 ? 123 GLN A CD  1 
ATOM   945  O  OE1 . GLN A 1 124 ? -6.329  -13.843 8.933   1.00 21.19 ? 123 GLN A OE1 1 
ATOM   946  N  NE2 . GLN A 1 124 ? -7.989  -14.315 7.455   1.00 24.01 ? 123 GLN A NE2 1 
ATOM   947  N  N   . GLY A 1 125 ? -9.574  -9.202  7.591   1.00 18.38 ? 124 GLY A N   1 
ATOM   948  C  CA  . GLY A 1 125 ? -10.750 -8.804  6.837   1.00 18.76 ? 124 GLY A CA  1 
ATOM   949  C  C   . GLY A 1 125 ? -11.212 -7.390  7.066   1.00 18.89 ? 124 GLY A C   1 
ATOM   950  O  O   . GLY A 1 125 ? -12.123 -6.905  6.397   1.00 20.05 ? 124 GLY A O   1 
ATOM   951  N  N   . GLY A 1 126 ? -10.563 -6.725  8.022   1.00 18.66 ? 125 GLY A N   1 
ATOM   952  C  CA  . GLY A 1 126 ? -10.849 -5.343  8.368   1.00 17.63 ? 125 GLY A CA  1 
ATOM   953  C  C   . GLY A 1 126 ? -10.306 -4.324  7.367   1.00 17.69 ? 125 GLY A C   1 
ATOM   954  O  O   . GLY A 1 126 ? -9.292  -4.566  6.669   1.00 18.28 ? 125 GLY A O   1 
ATOM   955  N  N   . ILE A 1 127 ? -10.975 -3.180  7.327   1.00 17.39 ? 126 ILE A N   1 
ATOM   956  C  CA  . ILE A 1 127 ? -10.587 -2.067  6.445   1.00 17.56 ? 126 ILE A CA  1 
ATOM   957  C  C   . ILE A 1 127 ? -10.336 -0.771  7.197   1.00 18.16 ? 126 ILE A C   1 
ATOM   958  O  O   . ILE A 1 127 ? -11.141 -0.332  8.030   1.00 19.02 ? 126 ILE A O   1 
ATOM   959  C  CB  . ILE A 1 127 ? -11.651 -1.832  5.340   1.00 18.16 ? 126 ILE A CB  1 
ATOM   960  C  CG1 . ILE A 1 127 ? -11.787 -3.108  4.464   1.00 19.56 ? 126 ILE A CG1 1 
ATOM   961  C  CG2 . ILE A 1 127 ? -11.289 -0.611  4.497   1.00 16.28 ? 126 ILE A CG2 1 
ATOM   962  C  CD1 . ILE A 1 127 ? -12.987 -3.112  3.439   1.00 18.30 ? 126 ILE A CD1 1 
ATOM   963  N  N   . ILE A 1 128 ? -9.208  -0.149  6.847   1.00 17.03 ? 127 ILE A N   1 
ATOM   964  C  CA  . ILE A 1 128 ? -8.823  1.144   7.380   1.00 16.34 ? 127 ILE A CA  1 
ATOM   965  C  C   . ILE A 1 128 ? -9.004  2.233   6.312   1.00 17.35 ? 127 ILE A C   1 
ATOM   966  O  O   . ILE A 1 128 ? -8.588  2.076   5.166   1.00 17.37 ? 127 ILE A O   1 
ATOM   967  C  CB  . ILE A 1 128 ? -7.363  1.207   7.871   1.00 15.94 ? 127 ILE A CB  1 
ATOM   968  C  CG1 . ILE A 1 128 ? -7.044  0.022   8.829   1.00 13.46 ? 127 ILE A CG1 1 
ATOM   969  C  CG2 . ILE A 1 128 ? -7.107  2.541   8.514   1.00 13.08 ? 127 ILE A CG2 1 
ATOM   970  C  CD1 . ILE A 1 128 ? -6.397  -1.125  8.066   1.00 15.44 ? 127 ILE A CD1 1 
ATOM   971  N  N   . VAL A 1 129 ? -9.668  3.308   6.724   1.00 18.05 ? 128 VAL A N   1 
ATOM   972  C  CA  . VAL A 1 129 ? -9.733  4.552   5.923   1.00 17.89 ? 128 VAL A CA  1 
ATOM   973  C  C   . VAL A 1 129 ? -8.823  5.579   6.589   1.00 18.55 ? 128 VAL A C   1 
ATOM   974  O  O   . VAL A 1 129 ? -9.183  6.173   7.611   1.00 19.33 ? 128 VAL A O   1 
ATOM   975  C  CB  . VAL A 1 129 ? -11.193 5.056   5.805   1.00 17.36 ? 128 VAL A CB  1 
ATOM   976  C  CG1 . VAL A 1 129 ? -11.317 6.278   4.887   1.00 17.00 ? 128 VAL A CG1 1 
ATOM   977  C  CG2 . VAL A 1 129 ? -12.112 3.897   5.304   1.00 18.32 ? 128 VAL A CG2 1 
ATOM   978  N  N   . GLN A 1 130 ? -7.641  5.761   6.023   1.00 18.44 ? 129 GLN A N   1 
ATOM   979  C  CA  . GLN A 1 130 ? -6.605  6.595   6.603   1.00 18.26 ? 129 GLN A CA  1 
ATOM   980  C  C   . GLN A 1 130 ? -6.681  7.972   5.979   1.00 17.90 ? 129 GLN A C   1 
ATOM   981  O  O   . GLN A 1 130 ? -6.340  8.144   4.877   1.00 17.94 ? 129 GLN A O   1 
ATOM   982  C  CB  . GLN A 1 130 ? -5.201  5.966   6.447   1.00 17.61 ? 129 GLN A CB  1 
ATOM   983  C  CG  . GLN A 1 130 ? -4.053  6.672   7.112   1.00 18.44 ? 129 GLN A CG  1 
ATOM   984  C  CD  . GLN A 1 130 ? -3.682  6.047   8.452   1.00 17.73 ? 129 GLN A CD  1 
ATOM   985  O  OE1 . GLN A 1 130 ? -3.870  6.621   9.461   1.00 18.63 ? 129 GLN A OE1 1 
ATOM   986  N  NE2 . GLN A 1 130 ? -3.220  4.868   8.422   1.00 18.98 ? 129 GLN A NE2 1 
ATOM   987  N  N   . ARG A 1 131 ? -7.165  8.940   6.733   1.00 18.35 ? 130 ARG A N   1 
ATOM   988  C  CA  . ARG A 1 131 ? -7.513  10.277  6.205   1.00 18.77 ? 130 ARG A CA  1 
ATOM   989  C  C   . ARG A 1 131 ? -6.399  11.322  6.451   1.00 18.90 ? 130 ARG A C   1 
ATOM   990  O  O   . ARG A 1 131 ? -6.631  12.396  6.997   1.00 19.06 ? 130 ARG A O   1 
ATOM   991  C  CB  . ARG A 1 131 ? -8.889  10.708  6.732   1.00 19.44 ? 130 ARG A CB  1 
ATOM   992  C  CG  . ARG A 1 131 ? -10.030 9.804   6.198   1.00 18.72 ? 130 ARG A CG  1 
ATOM   993  C  CD  . ARG A 1 131 ? -11.376 10.148  6.756   1.00 21.33 ? 130 ARG A CD  1 
ATOM   994  N  NE  . ARG A 1 131 ? -11.680 11.559  6.498   1.00 22.23 ? 130 ARG A NE  1 
ATOM   995  C  CZ  . ARG A 1 131 ? -11.629 12.513  7.406   1.00 21.93 ? 130 ARG A CZ  1 
ATOM   996  N  NH1 . ARG A 1 131 ? -11.265 12.241  8.643   1.00 19.44 ? 130 ARG A NH1 1 
ATOM   997  N  NH2 . ARG A 1 131 ? -11.905 13.760  7.057   1.00 21.40 ? 130 ARG A NH2 1 
ATOM   998  N  N   . GLY A 1 132 ? -5.217  10.963  5.964   1.00 18.34 ? 131 GLY A N   1 
ATOM   999  C  CA  . GLY A 1 132 ? -4.012  11.850  5.916   1.00 18.87 ? 131 GLY A CA  1 
ATOM   1000 C  C   . GLY A 1 132 ? -3.404  12.054  7.286   1.00 18.59 ? 131 GLY A C   1 
ATOM   1001 O  O   . GLY A 1 132 ? -2.756  13.047  7.604   1.00 18.20 ? 131 GLY A O   1 
ATOM   1002 N  N   . THR A 1 133 ? -3.622  11.048  8.100   1.00 19.79 ? 132 THR A N   1 
ATOM   1003 C  CA  . THR A 1 133 ? -3.155  11.034  9.493   1.00 19.48 ? 132 THR A CA  1 
ATOM   1004 C  C   . THR A 1 133 ? -1.779  10.441  9.748   1.00 20.36 ? 132 THR A C   1 
ATOM   1005 O  O   . THR A 1 133 ? -1.388  9.389   9.199   1.00 20.61 ? 132 THR A O   1 
ATOM   1006 C  CB  . THR A 1 133 ? -4.189  10.295  10.346  1.00 19.33 ? 132 THR A CB  1 
ATOM   1007 O  OG1 . THR A 1 133 ? -4.659  9.153   9.639   1.00 20.59 ? 132 THR A OG1 1 
ATOM   1008 C  CG2 . THR A 1 133 ? -5.427  11.217  10.644  1.00 17.90 ? 132 THR A CG2 1 
ATOM   1009 N  N   . ASN A 1 134 ? -1.069  11.115  10.641  1.00 19.31 ? 133 ASN A N   1 
ATOM   1010 C  CA  . ASN A 1 134 ? 0.132   10.540  11.267  1.00 19.79 ? 133 ASN A CA  1 
ATOM   1011 C  C   . ASN A 1 134 ? -0.181  9.176   11.896  1.00 19.81 ? 133 ASN A C   1 
ATOM   1012 O  O   . ASN A 1 134 ? -1.162  9.023   12.641  1.00 18.83 ? 133 ASN A O   1 
ATOM   1013 C  CB  . ASN A 1 134 ? 0.710   11.505  12.314  1.00 19.92 ? 133 ASN A CB  1 
ATOM   1014 C  CG  . ASN A 1 134 ? 2.138   11.221  12.617  1.00 23.31 ? 133 ASN A CG  1 
ATOM   1015 O  OD1 . ASN A 1 134 ? 2.924   10.812  11.727  1.00 22.47 ? 133 ASN A OD1 1 
ATOM   1016 N  ND2 . ASN A 1 134 ? 2.518   11.436  13.886  1.00 25.09 ? 133 ASN A ND2 1 
ATOM   1017 N  N   . HIS A 1 135 ? 0.597   8.178   11.518  1.00 18.30 ? 134 HIS A N   1 
ATOM   1018 C  CA  . HIS A 1 135 ? 0.399   6.781   12.004  1.00 19.02 ? 134 HIS A CA  1 
ATOM   1019 C  C   . HIS A 1 135 ? 1.620   5.877   11.861  1.00 18.88 ? 134 HIS A C   1 
ATOM   1020 O  O   . HIS A 1 135 ? 2.540   6.127   11.066  1.00 18.83 ? 134 HIS A O   1 
ATOM   1021 C  CB  . HIS A 1 135 ? -0.737  6.104   11.208  1.00 19.42 ? 134 HIS A CB  1 
ATOM   1022 C  CG  . HIS A 1 135 ? -0.369  5.882   9.775   1.00 18.98 ? 134 HIS A CG  1 
ATOM   1023 N  ND1 . HIS A 1 135 ? -0.363  6.914   8.858   1.00 19.36 ? 134 HIS A ND1 1 
ATOM   1024 C  CD2 . HIS A 1 135 ? 0.184   4.813   9.149   1.00 20.14 ? 134 HIS A CD2 1 
ATOM   1025 C  CE1 . HIS A 1 135 ? 0.065   6.453   7.693   1.00 22.64 ? 134 HIS A CE1 1 
ATOM   1026 N  NE2 . HIS A 1 135 ? 0.432   5.192   7.851   1.00 19.01 ? 134 HIS A NE2 1 
ATOM   1027 N  N   . LEU A 1 136 ? 1.571   4.762   12.582  1.00 19.78 ? 135 LEU A N   1 
ATOM   1028 C  CA  . LEU A 1 136 ? 2.459   3.611   12.320  1.00 18.52 ? 135 LEU A CA  1 
ATOM   1029 C  C   . LEU A 1 136 ? 1.644   2.318   12.401  1.00 18.03 ? 135 LEU A C   1 
ATOM   1030 O  O   . LEU A 1 136 ? 0.554   2.270   12.993  1.00 16.52 ? 135 LEU A O   1 
ATOM   1031 C  CB  . LEU A 1 136 ? 3.659   3.584   13.324  1.00 19.85 ? 135 LEU A CB  1 
ATOM   1032 C  CG  . LEU A 1 136 ? 3.449   3.334   14.829  1.00 19.94 ? 135 LEU A CG  1 
ATOM   1033 C  CD1 . LEU A 1 136 ? 3.168   1.827   15.147  1.00 16.92 ? 135 LEU A CD1 1 
ATOM   1034 C  CD2 . LEU A 1 136 ? 4.640   3.807   15.616  1.00 19.93 ? 135 LEU A CD2 1 
ATOM   1035 N  N   . TRP A 1 137 ? 2.182   1.283   11.795  1.00 16.40 ? 136 TRP A N   1 
ATOM   1036 C  CA  . TRP A 1 137 ? 1.631   -0.076  11.872  1.00 16.44 ? 136 TRP A CA  1 
ATOM   1037 C  C   . TRP A 1 137 ? 2.566   -0.973  12.701  1.00 17.76 ? 136 TRP A C   1 
ATOM   1038 O  O   . TRP A 1 137 ? 3.768   -0.986  12.476  1.00 16.40 ? 136 TRP A O   1 
ATOM   1039 C  CB  . TRP A 1 137 ? 1.468   -0.692  10.479  1.00 16.85 ? 136 TRP A CB  1 
ATOM   1040 C  CG  . TRP A 1 137 ? 0.656   0.124   9.536   1.00 14.81 ? 136 TRP A CG  1 
ATOM   1041 C  CD1 . TRP A 1 137 ? 1.133   0.999   8.619   1.00 15.50 ? 136 TRP A CD1 1 
ATOM   1042 C  CD2 . TRP A 1 137 ? -0.774  0.220   9.476   1.00 17.29 ? 136 TRP A CD2 1 
ATOM   1043 N  NE1 . TRP A 1 137 ? 0.107   1.623   7.948   1.00 13.99 ? 136 TRP A NE1 1 
ATOM   1044 C  CE2 . TRP A 1 137 ? -1.081  1.179   8.459   1.00 18.69 ? 136 TRP A CE2 1 
ATOM   1045 C  CE3 . TRP A 1 137 ? -1.823  -0.385  10.174  1.00 18.82 ? 136 TRP A CE3 1 
ATOM   1046 C  CZ2 . TRP A 1 137 ? -2.372  1.503   8.108   1.00 19.00 ? 136 TRP A CZ2 1 
ATOM   1047 C  CZ3 . TRP A 1 137 ? -3.107  -0.063  9.816   1.00 15.10 ? 136 TRP A CZ3 1 
ATOM   1048 C  CH2 . TRP A 1 137 ? -3.374  0.876   8.792   1.00 16.14 ? 136 TRP A CH2 1 
ATOM   1049 N  N   . ARG A 1 138 ? 1.980   -1.702  13.631  1.00 18.31 ? 137 ARG A N   1 
ATOM   1050 C  CA  . ARG A 1 138 ? 2.716   -2.595  14.548  1.00 18.70 ? 137 ARG A CA  1 
ATOM   1051 C  C   . ARG A 1 138 ? 2.094   -3.966  14.606  1.00 18.85 ? 137 ARG A C   1 
ATOM   1052 O  O   . ARG A 1 138 ? 0.907   -4.106  14.813  1.00 18.35 ? 137 ARG A O   1 
ATOM   1053 C  CB  . ARG A 1 138 ? 2.801   -2.002  15.973  1.00 18.81 ? 137 ARG A CB  1 
ATOM   1054 C  CG  . ARG A 1 138 ? 3.638   -2.853  16.958  1.00 18.02 ? 137 ARG A CG  1 
ATOM   1055 C  CD  . ARG A 1 138 ? 3.673   -2.240  18.345  1.00 20.53 ? 137 ARG A CD  1 
ATOM   1056 N  NE  . ARG A 1 138 ? 4.364   -0.953  18.336  1.00 20.10 ? 137 ARG A NE  1 
ATOM   1057 C  CZ  . ARG A 1 138 ? 3.774   0.217   18.512  1.00 18.99 ? 137 ARG A CZ  1 
ATOM   1058 N  NH1 . ARG A 1 138 ? 2.477   0.284   18.736  1.00 20.45 ? 137 ARG A NH1 1 
ATOM   1059 N  NH2 . ARG A 1 138 ? 4.508   1.312   18.496  1.00 19.26 ? 137 ARG A NH2 1 
ATOM   1060 N  N   . ASN A 1 139 ? 2.924   -4.977  14.354  1.00 18.84 ? 138 ASN A N   1 
ATOM   1061 C  CA  . ASN A 1 139 ? 2.524   -6.380  14.477  1.00 19.22 ? 138 ASN A CA  1 
ATOM   1062 C  C   . ASN A 1 139 ? 2.974   -6.891  15.818  1.00 19.01 ? 138 ASN A C   1 
ATOM   1063 O  O   . ASN A 1 139 ? 4.165   -7.079  16.046  1.00 17.75 ? 138 ASN A O   1 
ATOM   1064 C  CB  . ASN A 1 139 ? 3.149   -7.224  13.371  1.00 19.45 ? 138 ASN A CB  1 
ATOM   1065 C  CG  . ASN A 1 139 ? 2.605   -8.633  13.306  1.00 18.12 ? 138 ASN A CG  1 
ATOM   1066 O  OD1 . ASN A 1 139 ? 2.019   -9.152  14.250  1.00 18.60 ? 138 ASN A OD1 1 
ATOM   1067 N  ND2 . ASN A 1 139 ? 2.794   -9.263  12.163  1.00 17.96 ? 138 ASN A ND2 1 
ATOM   1068 N  N   . THR A 1 140 ? 2.006   -7.066  16.714  1.00 19.46 ? 139 THR A N   1 
ATOM   1069 C  CA  . THR A 1 140 ? 2.291   -7.464  18.082  1.00 19.73 ? 139 THR A CA  1 
ATOM   1070 C  C   . THR A 1 140 ? 1.985   -8.963  18.225  1.00 19.39 ? 139 THR A C   1 
ATOM   1071 O  O   . THR A 1 140 ? 1.971   -9.510  19.323  1.00 20.51 ? 139 THR A O   1 
ATOM   1072 C  CB  . THR A 1 140 ? 1.428   -6.663  19.063  1.00 19.43 ? 139 THR A CB  1 
ATOM   1073 O  OG1 . THR A 1 140 ? 0.074   -7.024  18.837  1.00 19.43 ? 139 THR A OG1 1 
ATOM   1074 C  CG2 . THR A 1 140 ? 1.597   -5.170  18.847  1.00 19.46 ? 139 THR A CG2 1 
ATOM   1075 N  N   . THR A 1 141 ? 1.726   -9.605  17.099  1.00 18.90 ? 140 THR A N   1 
ATOM   1076 C  CA  . THR A 1 141 ? 1.492   -11.054 17.040  1.00 19.32 ? 140 THR A CA  1 
ATOM   1077 C  C   . THR A 1 141 ? 2.753   -11.852 16.659  1.00 20.70 ? 140 THR A C   1 
ATOM   1078 O  O   . THR A 1 141 ? 3.803   -11.286 16.394  1.00 20.54 ? 140 THR A O   1 
ATOM   1079 C  CB  . THR A 1 141 ? 0.360   -11.474 16.034  1.00 20.18 ? 140 THR A CB  1 
ATOM   1080 O  OG1 . THR A 1 141 ? 0.870   -11.528 14.689  1.00 18.89 ? 140 THR A OG1 1 
ATOM   1081 C  CG2 . THR A 1 141 ? -0.857  -10.505 16.081  1.00 18.05 ? 140 THR A CG2 1 
ATOM   1082 N  N   . ASP A 1 142 ? 2.598   -13.179 16.637  1.00 21.16 ? 141 ASP A N   1 
ATOM   1083 C  CA  . ASP A 1 142 ? 3.688   -14.141 16.288  1.00 22.22 ? 141 ASP A CA  1 
ATOM   1084 C  C   . ASP A 1 142 ? 3.624   -14.637 14.860  1.00 21.61 ? 141 ASP A C   1 
ATOM   1085 O  O   . ASP A 1 142 ? 4.401   -15.475 14.437  1.00 20.16 ? 141 ASP A O   1 
ATOM   1086 C  CB  . ASP A 1 142 ? 3.658   -15.324 17.251  1.00 23.32 ? 141 ASP A CB  1 
ATOM   1087 C  CG  . ASP A 1 142 ? 4.027   -14.879 18.684  1.00 28.54 ? 141 ASP A CG  1 
ATOM   1088 O  OD1 . ASP A 1 142 ? 4.876   -13.947 18.792  1.00 31.50 ? 141 ASP A OD1 1 
ATOM   1089 O  OD2 . ASP A 1 142 ? 3.440   -15.406 19.673  1.00 35.77 ? 141 ASP A OD2 1 
ATOM   1090 N  N   . LYS A 1 143 ? 2.745   -14.044 14.083  1.00 20.76 ? 142 LYS A N   1 
ATOM   1091 C  CA  . LYS A 1 143 ? 2.612   -14.402 12.689  1.00 20.65 ? 142 LYS A CA  1 
ATOM   1092 C  C   . LYS A 1 143 ? 2.662   -13.140 11.835  1.00 20.30 ? 142 LYS A C   1 
ATOM   1093 O  O   . LYS A 1 143 ? 2.266   -12.081 12.322  1.00 18.78 ? 142 LYS A O   1 
ATOM   1094 C  CB  . LYS A 1 143 ? 1.258   -15.066 12.449  1.00 21.24 ? 142 LYS A CB  1 
ATOM   1095 C  CG  . LYS A 1 143 ? 0.998   -16.371 13.181  1.00 25.88 ? 142 LYS A CG  1 
ATOM   1096 C  CD  . LYS A 1 143 ? -0.425  -16.885 12.957  1.00 27.15 ? 142 LYS A CD  1 
ATOM   1097 N  N   . PRO A 1 144 ? 3.102   -13.249 10.543  1.00 19.92 ? 143 PRO A N   1 
ATOM   1098 C  CA  . PRO A 1 144 ? 3.061   -12.057 9.690   1.00 20.34 ? 143 PRO A CA  1 
ATOM   1099 C  C   . PRO A 1 144 ? 1.610   -11.590 9.429   1.00 19.23 ? 143 PRO A C   1 
ATOM   1100 O  O   . PRO A 1 144 ? 0.663   -12.340 9.563   1.00 19.63 ? 143 PRO A O   1 
ATOM   1101 C  CB  . PRO A 1 144 ? 3.757   -12.511 8.374   1.00 20.84 ? 143 PRO A CB  1 
ATOM   1102 C  CG  . PRO A 1 144 ? 3.601   -14.047 8.362   1.00 21.12 ? 143 PRO A CG  1 
ATOM   1103 C  CD  . PRO A 1 144 ? 3.697   -14.406 9.846   1.00 21.06 ? 143 PRO A CD  1 
ATOM   1104 N  N   . CYS A 1 145 ? 1.489   -10.312 9.147   1.00 19.43 ? 144 CYS A N   1 
ATOM   1105 C  CA  . CYS A 1 145 ? 0.235   -9.704  8.761   1.00 18.43 ? 144 CYS A CA  1 
ATOM   1106 C  C   . CYS A 1 145 ? 0.371   -9.046  7.390   1.00 18.63 ? 144 CYS A C   1 
ATOM   1107 O  O   . CYS A 1 145 ? 1.254   -8.202  7.176   1.00 18.63 ? 144 CYS A O   1 
ATOM   1108 C  CB  . CYS A 1 145 ? -0.140  -8.619  9.783   1.00 18.56 ? 144 CYS A CB  1 
ATOM   1109 S  SG  . CYS A 1 145 ? -1.655  -7.752  9.362   1.00 17.49 ? 144 CYS A SG  1 
ATOM   1110 N  N   . ARG A 1 146 ? -0.484  -9.455  6.474   1.00 17.78 ? 145 ARG A N   1 
ATOM   1111 C  CA  . ARG A 1 146 ? -0.511  -8.910  5.109   1.00 17.12 ? 145 ARG A CA  1 
ATOM   1112 C  C   . ARG A 1 146 ? -1.632  -7.907  4.959   1.00 17.20 ? 145 ARG A C   1 
ATOM   1113 O  O   . ARG A 1 146 ? -2.787  -8.184  5.255   1.00 16.55 ? 145 ARG A O   1 
ATOM   1114 C  CB  . ARG A 1 146 ? -0.671  -10.007 4.063   1.00 15.83 ? 145 ARG A CB  1 
ATOM   1115 C  CG  . ARG A 1 146 ? -0.792  -9.450  2.642   1.00 15.96 ? 145 ARG A CG  1 
ATOM   1116 C  CD  . ARG A 1 146 ? -0.630  -10.522 1.569   1.00 17.85 ? 145 ARG A CD  1 
ATOM   1117 N  NE  . ARG A 1 146 ? 0.764   -10.936 1.499   1.00 16.95 ? 145 ARG A NE  1 
ATOM   1118 C  CZ  . ARG A 1 146 ? 1.241   -11.937 0.757   1.00 15.63 ? 145 ARG A CZ  1 
ATOM   1119 N  NH1 . ARG A 1 146 ? 0.458   -12.682 -0.032  1.00 16.27 ? 145 ARG A NH1 1 
ATOM   1120 N  NH2 . ARG A 1 146 ? 2.529   -12.199 0.821   1.00 13.55 ? 145 ARG A NH2 1 
ATOM   1121 N  N   . ILE A 1 147 ? -1.258  -6.728  4.476   1.00 17.41 ? 146 ILE A N   1 
ATOM   1122 C  CA  . ILE A 1 147 ? -2.213  -5.659  4.222   1.00 17.48 ? 146 ILE A CA  1 
ATOM   1123 C  C   . ILE A 1 147 ? -2.055  -5.136  2.794   1.00 18.21 ? 146 ILE A C   1 
ATOM   1124 O  O   . ILE A 1 147 ? -0.964  -4.924  2.314   1.00 15.46 ? 146 ILE A O   1 
ATOM   1125 C  CB  . ILE A 1 147 ? -2.055  -4.452  5.239   1.00 18.05 ? 146 ILE A CB  1 
ATOM   1126 C  CG1 . ILE A 1 147 ? -2.070  -4.935  6.699   1.00 19.00 ? 146 ILE A CG1 1 
ATOM   1127 C  CG2 . ILE A 1 147 ? -3.188  -3.422  5.027   1.00 17.98 ? 146 ILE A CG2 1 
ATOM   1128 C  CD1 . ILE A 1 147 ? -1.628  -3.881  7.750   1.00 19.37 ? 146 ILE A CD1 1 
ATOM   1129 N  N   . ALA A 1 148 ? -3.184  -5.004  2.115   1.00 17.93 ? 147 ALA A N   1 
ATOM   1130 C  CA  . ALA A 1 148 ? -3.227  -4.328  0.801   1.00 18.31 ? 147 ALA A CA  1 
ATOM   1131 C  C   . ALA A 1 148 ? -3.562  -2.874  1.047   1.00 17.60 ? 147 ALA A C   1 
ATOM   1132 O  O   . ALA A 1 148 ? -4.597  -2.547  1.691   1.00 17.82 ? 147 ALA A O   1 
ATOM   1133 C  CB  . ALA A 1 148 ? -4.321  -4.972  -0.115  1.00 18.02 ? 147 ALA A CB  1 
ATOM   1134 N  N   . PHE A 1 149 ? -2.709  -2.007  0.519   1.00 16.72 ? 148 PHE A N   1 
ATOM   1135 C  CA  . PHE A 1 149 ? -2.876  -0.573  0.655   1.00 17.29 ? 148 PHE A CA  1 
ATOM   1136 C  C   . PHE A 1 149 ? -3.075  0.104   -0.688  1.00 17.69 ? 148 PHE A C   1 
ATOM   1137 O  O   . PHE A 1 149 ? -2.283  -0.055  -1.627  1.00 18.46 ? 148 PHE A O   1 
ATOM   1138 C  CB  . PHE A 1 149 ? -1.645  0.079   1.299   1.00 17.62 ? 148 PHE A CB  1 
ATOM   1139 C  CG  . PHE A 1 149 ? -1.485  -0.195  2.749   1.00 18.31 ? 148 PHE A CG  1 
ATOM   1140 C  CD1 . PHE A 1 149 ? -2.351  0.353   3.673   1.00 17.80 ? 148 PHE A CD1 1 
ATOM   1141 C  CD2 . PHE A 1 149 ? -0.451  -0.981  3.198   1.00 18.32 ? 148 PHE A CD2 1 
ATOM   1142 C  CE1 . PHE A 1 149 ? -2.192  0.100   5.039   1.00 18.89 ? 148 PHE A CE1 1 
ATOM   1143 C  CE2 . PHE A 1 149 ? -0.269  -1.218  4.581   1.00 20.48 ? 148 PHE A CE2 1 
ATOM   1144 C  CZ  . PHE A 1 149 ? -1.132  -0.690  5.490   1.00 19.37 ? 148 PHE A CZ  1 
ATOM   1145 N  N   . ILE A 1 150 ? -4.121  0.916   -0.733  1.00 17.37 ? 149 ILE A N   1 
ATOM   1146 C  CA  . ILE A 1 150 ? -4.389  1.806   -1.846  1.00 16.97 ? 149 ILE A CA  1 
ATOM   1147 C  C   . ILE A 1 150 ? -4.296  3.271   -1.406  1.00 17.75 ? 149 ILE A C   1 
ATOM   1148 O  O   . ILE A 1 150 ? -5.065  3.739   -0.582  1.00 18.11 ? 149 ILE A O   1 
ATOM   1149 C  CB  . ILE A 1 150 ? -5.774  1.546   -2.478  1.00 15.48 ? 149 ILE A CB  1 
ATOM   1150 C  CG1 . ILE A 1 150 ? -5.924  0.091   -2.968  1.00 15.29 ? 149 ILE A CG1 1 
ATOM   1151 C  CG2 . ILE A 1 150 ? -6.019  2.497   -3.687  1.00 15.75 ? 149 ILE A CG2 1 
ATOM   1152 C  CD1 . ILE A 1 150 ? -6.262  -0.975  -1.896  1.00 15.64 ? 149 ILE A CD1 1 
ATOM   1153 N  N   . LEU A 1 151 ? -3.358  3.998   -1.997  1.00 17.82 ? 150 LEU A N   1 
ATOM   1154 C  CA  . LEU A 1 151 ? -3.102  5.365   -1.597  1.00 17.78 ? 150 LEU A CA  1 
ATOM   1155 C  C   . LEU A 1 151 ? -3.504  6.297   -2.721  1.00 18.62 ? 150 LEU A C   1 
ATOM   1156 O  O   . LEU A 1 151 ? -3.064  6.162   -3.842  1.00 18.96 ? 150 LEU A O   1 
ATOM   1157 C  CB  . LEU A 1 151 ? -1.608  5.576   -1.181  1.00 17.39 ? 150 LEU A CB  1 
ATOM   1158 C  CG  . LEU A 1 151 ? -1.055  4.656   -0.062  1.00 18.35 ? 150 LEU A CG  1 
ATOM   1159 C  CD1 . LEU A 1 151 ? -0.460  3.325   -0.614  1.00 16.71 ? 150 LEU A CD1 1 
ATOM   1160 C  CD2 . LEU A 1 151 ? -0.004  5.376   0.809   1.00 18.57 ? 150 LEU A CD2 1 
ATOM   1161 N  N   . ILE A 1 152 ? -4.346  7.264   -2.383  1.00 19.58 ? 151 ILE A N   1 
ATOM   1162 C  CA  . ILE A 1 152 ? -4.890  8.195   -3.363  1.00 18.63 ? 151 ILE A CA  1 
ATOM   1163 C  C   . ILE A 1 152 ? -4.557  9.625   -2.948  1.00 19.48 ? 151 ILE A C   1 
ATOM   1164 O  O   . ILE A 1 152 ? -4.819  10.042  -1.824  1.00 18.57 ? 151 ILE A O   1 
ATOM   1165 C  CB  . ILE A 1 152 ? -6.435  8.031   -3.499  1.00 19.14 ? 151 ILE A CB  1 
ATOM   1166 C  CG1 . ILE A 1 152 ? -6.826  6.634   -3.999  1.00 19.16 ? 151 ILE A CG1 1 
ATOM   1167 C  CG2 . ILE A 1 152 ? -7.026  9.091   -4.461  1.00 17.81 ? 151 ILE A CG2 1 
ATOM   1168 C  CD1 . ILE A 1 152 ? -8.296  6.277   -3.752  1.00 21.05 ? 151 ILE A CD1 1 
ATOM   1169 N  N   . GLU A 1 153 ? -3.865  10.319  -3.861  1.00 19.66 ? 152 GLU A N   1 
ATOM   1170 C  CA  . GLU A 1 153 ? -3.518  11.729  -3.739  1.00 18.82 ? 152 GLU A CA  1 
ATOM   1171 C  C   . GLU A 1 153 ? -4.601  12.570  -3.053  1.00 19.08 ? 152 GLU A C   1 
ATOM   1172 O  O   . GLU A 1 153 ? -5.786  12.447  -3.360  1.00 18.37 ? 152 GLU A O   1 
ATOM   1173 C  CB  . GLU A 1 153 ? -3.206  12.278  -5.155  1.00 19.51 ? 152 GLU A CB  1 
ATOM   1174 C  CG  . GLU A 1 153 ? -2.825  13.731  -5.166  1.00 20.78 ? 152 GLU A CG  1 
ATOM   1175 C  CD  . GLU A 1 153 ? -2.596  14.298  -6.565  1.00 23.17 ? 152 GLU A CD  1 
ATOM   1176 O  OE1 . GLU A 1 153 ? -2.521  13.520  -7.562  1.00 22.44 ? 152 GLU A OE1 1 
ATOM   1177 O  OE2 . GLU A 1 153 ? -2.522  15.543  -6.651  1.00 19.73 ? 152 GLU A OE2 1 
ATOM   1178 N  N   . ALA A 1 154 ? -4.176  13.364  -2.068  1.00 19.41 ? 153 ALA A N   1 
ATOM   1179 C  CA  . ALA A 1 154 ? -4.993  14.455  -1.510  1.00 20.00 ? 153 ALA A CA  1 
ATOM   1180 C  C   . ALA A 1 154 ? -4.058  15.571  -1.067  1.00 20.70 ? 153 ALA A C   1 
ATOM   1181 O  O   . ALA A 1 154 ? -2.883  15.331  -0.745  1.00 21.18 ? 153 ALA A O   1 
ATOM   1182 C  CB  . ALA A 1 154 ? -5.898  13.993  -0.337  1.00 19.37 ? 153 ALA A CB  1 
ATOM   1183 N  N   . PRO A 1 155 ? -4.551  16.804  -1.093  1.00 20.80 ? 154 PRO A N   1 
ATOM   1184 C  CA  . PRO A 1 155 ? -3.748  17.879  -0.524  1.00 21.51 ? 154 PRO A CA  1 
ATOM   1185 C  C   . PRO A 1 155 ? -3.401  17.648  0.951   1.00 21.38 ? 154 PRO A C   1 
ATOM   1186 O  O   . PRO A 1 155 ? -4.045  16.867  1.686   1.00 20.77 ? 154 PRO A O   1 
ATOM   1187 C  CB  . PRO A 1 155 ? -4.636  19.120  -0.689  1.00 22.06 ? 154 PRO A CB  1 
ATOM   1188 C  CG  . PRO A 1 155 ? -5.720  18.734  -1.608  1.00 21.33 ? 154 PRO A CG  1 
ATOM   1189 C  CD  . PRO A 1 155 ? -5.847  17.257  -1.597  1.00 20.89 ? 154 PRO A CD  1 
ATOM   1190 N  N   . ALA A 1 156 ? -2.397  18.376  1.371   1.00 20.57 ? 155 ALA A N   1 
ATOM   1191 C  CA  . ALA A 1 156 ? -2.065  18.446  2.768   1.00 20.77 ? 155 ALA A CA  1 
ATOM   1192 C  C   . ALA A 1 156 ? -3.287  18.818  3.541   1.00 21.00 ? 155 ALA A C   1 
ATOM   1193 O  O   . ALA A 1 156 ? -4.116  19.634  3.112   1.00 20.85 ? 155 ALA A O   1 
ATOM   1194 C  CB  . ALA A 1 156 ? -0.912  19.468  3.022   1.00 21.25 ? 155 ALA A CB  1 
ATOM   1195 N  N   . TYR A 1 157 ? -3.367  18.183  4.695   1.00 20.87 ? 156 TYR A N   1 
ATOM   1196 C  CA  . TYR A 1 157 ? -4.408  18.422  5.652   1.00 20.83 ? 156 TYR A CA  1 
ATOM   1197 C  C   . TYR A 1 157 ? -4.187  19.823  6.201   1.00 20.57 ? 156 TYR A C   1 
ATOM   1198 O  O   . TYR A 1 157 ? -3.058  20.216  6.553   1.00 20.11 ? 156 TYR A O   1 
ATOM   1199 C  CB  . TYR A 1 157 ? -4.416  17.376  6.791   1.00 20.19 ? 156 TYR A CB  1 
ATOM   1200 C  CG  . TYR A 1 157 ? -5.447  17.727  7.835   1.00 21.04 ? 156 TYR A CG  1 
ATOM   1201 C  CD1 . TYR A 1 157 ? -6.796  17.462  7.606   1.00 20.06 ? 156 TYR A CD1 1 
ATOM   1202 C  CD2 . TYR A 1 157 ? -5.096  18.406  9.004   1.00 22.03 ? 156 TYR A CD2 1 
ATOM   1203 C  CE1 . TYR A 1 157 ? -7.758  17.804  8.538   1.00 21.49 ? 156 TYR A CE1 1 
ATOM   1204 C  CE2 . TYR A 1 157 ? -6.068  18.778  9.936   1.00 19.92 ? 156 TYR A CE2 1 
ATOM   1205 C  CZ  . TYR A 1 157 ? -7.388  18.450  9.696   1.00 21.13 ? 156 TYR A CZ  1 
ATOM   1206 O  OH  . TYR A 1 157 ? -8.371  18.848  10.582  1.00 22.81 ? 156 TYR A OH  1 
ATOM   1207 N  N   . LEU A 1 158 ? -5.292  20.547  6.270   1.00 20.91 ? 157 LEU A N   1 
ATOM   1208 C  CA  . LEU A 1 158 ? -5.331  21.920  6.808   1.00 22.23 ? 157 LEU A CA  1 
ATOM   1209 C  C   . LEU A 1 158 ? -5.913  21.980  8.231   1.00 22.68 ? 157 LEU A C   1 
ATOM   1210 O  O   . LEU A 1 158 ? -7.088  21.689  8.490   1.00 19.61 ? 157 LEU A O   1 
ATOM   1211 C  CB  . LEU A 1 158 ? -6.096  22.866  5.868   1.00 22.09 ? 157 LEU A CB  1 
ATOM   1212 C  CG  . LEU A 1 158 ? -5.488  23.148  4.485   1.00 23.52 ? 157 LEU A CG  1 
ATOM   1213 C  CD1 . LEU A 1 158 ? -6.358  24.112  3.642   1.00 22.49 ? 157 LEU A CD1 1 
ATOM   1214 C  CD2 . LEU A 1 158 ? -4.083  23.652  4.622   1.00 19.73 ? 157 LEU A CD2 1 
ATOM   1215 N  N   . HIS A 1 159 ? -5.051  22.376  9.151   1.00 24.03 ? 158 HIS A N   1 
ATOM   1216 C  CA  . HIS A 1 159 ? -5.440  22.690  10.526  1.00 25.78 ? 158 HIS A CA  1 
ATOM   1217 C  C   . HIS A 1 159 ? -5.408  24.199  10.771  1.00 27.49 ? 158 HIS A C   1 
ATOM   1218 O  O   . HIS A 1 159 ? -4.366  24.829  10.659  1.00 28.01 ? 158 HIS A O   1 
ATOM   1219 C  CB  . HIS A 1 159 ? -4.494  22.010  11.494  1.00 26.08 ? 158 HIS A CB  1 
ATOM   1220 C  CG  . HIS A 1 159 ? -4.796  22.289  12.926  1.00 26.71 ? 158 HIS A CG  1 
ATOM   1221 N  ND1 . HIS A 1 159 ? -5.971  21.900  13.515  1.00 30.41 ? 158 HIS A ND1 1 
ATOM   1222 C  CD2 . HIS A 1 159 ? -4.078  22.909  13.889  1.00 30.75 ? 158 HIS A CD2 1 
ATOM   1223 C  CE1 . HIS A 1 159 ? -5.973  22.277  14.780  1.00 30.14 ? 158 HIS A CE1 1 
ATOM   1224 N  NE2 . HIS A 1 159 ? -4.844  22.903  15.028  1.00 29.64 ? 158 HIS A NE2 1 
ATOM   1225 N  N   . ASN A 1 160 ? -6.569  24.729  11.121  1.00 28.36 ? 159 ASN A N   1 
ATOM   1226 C  CA  . ASN A 1 160 ? -6.805  26.169  11.235  1.00 29.95 ? 159 ASN A CA  1 
ATOM   1227 C  C   . ASN A 1 160 ? -6.254  26.830  9.986   1.00 30.65 ? 159 ASN A C   1 
ATOM   1228 O  O   . ASN A 1 160 ? -5.471  27.783  10.060  1.00 31.28 ? 159 ASN A O   1 
ATOM   1229 C  CB  . ASN A 1 160 ? -6.105  26.739  12.465  1.00 30.14 ? 159 ASN A CB  1 
ATOM   1230 C  CG  . ASN A 1 160 ? -6.702  26.242  13.781  1.00 31.13 ? 159 ASN A CG  1 
ATOM   1231 O  OD1 . ASN A 1 160 ? -7.913  25.963  13.894  1.00 30.36 ? 159 ASN A OD1 1 
ATOM   1232 N  ND2 . ASN A 1 160 ? -5.829  26.123  14.792  1.00 31.34 ? 159 ASN A ND2 1 
ATOM   1233 N  N   . GLY A 1 161 ? -6.554  26.203  8.853   1.00 31.32 ? 160 GLY A N   1 
ATOM   1234 C  CA  . GLY A 1 161 ? -6.213  26.743  7.531   1.00 31.76 ? 160 GLY A CA  1 
ATOM   1235 C  C   . GLY A 1 161 ? -4.754  26.666  7.156   1.00 32.49 ? 160 GLY A C   1 
ATOM   1236 O  O   . GLY A 1 161 ? -4.335  27.229  6.157   1.00 32.42 ? 160 GLY A O   1 
ATOM   1237 N  N   . GLN A 1 162 ? -3.978  25.955  7.959   1.00 33.35 ? 161 GLN A N   1 
ATOM   1238 C  CA  . GLN A 1 162 ? -2.555  25.792  7.679   1.00 33.84 ? 161 GLN A CA  1 
ATOM   1239 C  C   . GLN A 1 162 ? -2.139  24.342  7.769   1.00 33.94 ? 161 GLN A C   1 
ATOM   1240 O  O   . GLN A 1 162 ? -2.754  23.571  8.495   1.00 32.92 ? 161 GLN A O   1 
ATOM   1241 C  CB  . GLN A 1 162 ? -1.698  26.553  8.688   1.00 34.51 ? 161 GLN A CB  1 
ATOM   1242 C  CG  . GLN A 1 162 ? -1.912  28.050  8.752   1.00 36.39 ? 161 GLN A CG  1 
ATOM   1243 C  CD  . GLN A 1 162 ? -1.671  28.736  7.432   1.00 39.22 ? 161 GLN A CD  1 
ATOM   1244 O  OE1 . GLN A 1 162 ? -0.657  28.515  6.765   1.00 41.61 ? 161 GLN A OE1 1 
ATOM   1245 N  NE2 . GLN A 1 162 ? -2.610  29.589  7.046   1.00 42.86 ? 161 GLN A NE2 1 
ATOM   1246 N  N   . PRO A 1 163 ? -1.077  23.976  7.050   1.00 34.62 ? 162 PRO A N   1 
ATOM   1247 C  CA  . PRO A 1 163 ? -0.467  22.652  7.159   1.00 34.96 ? 162 PRO A CA  1 
ATOM   1248 C  C   . PRO A 1 163 ? -0.038  22.355  8.581   1.00 35.76 ? 162 PRO A C   1 
ATOM   1249 O  O   . PRO A 1 163 ? 0.243   23.269  9.354   1.00 34.55 ? 162 PRO A O   1 
ATOM   1250 C  CB  . PRO A 1 163 ? 0.766   22.759  6.261   1.00 35.06 ? 162 PRO A CB  1 
ATOM   1251 C  CG  . PRO A 1 163 ? 0.442   23.800  5.292   1.00 35.09 ? 162 PRO A CG  1 
ATOM   1252 C  CD  . PRO A 1 163 ? -0.401  24.805  6.039   1.00 35.35 ? 162 PRO A CD  1 
ATOM   1253 N  N   . LEU A 1 164 ? -0.014  21.074  8.930   1.00 36.62 ? 163 LEU A N   1 
ATOM   1254 C  CA  . LEU A 1 164 ? 0.541   20.666  10.222  1.00 38.01 ? 163 LEU A CA  1 
ATOM   1255 C  C   . LEU A 1 164 ? 2.099   20.641  10.220  1.00 40.36 ? 163 LEU A C   1 
ATOM   1256 O  O   . LEU A 1 164 ? 2.741   20.356  9.213   1.00 40.16 ? 163 LEU A O   1 
ATOM   1257 C  CB  . LEU A 1 164 ? 0.069   19.270  10.609  1.00 37.45 ? 163 LEU A CB  1 
ATOM   1258 C  CG  . LEU A 1 164 ? -1.406  18.934  10.698  1.00 36.28 ? 163 LEU A CG  1 
ATOM   1259 C  CD1 . LEU A 1 164 ? -1.573  17.419  10.625  1.00 34.81 ? 163 LEU A CD1 1 
ATOM   1260 C  CD2 . LEU A 1 164 ? -1.953  19.503  11.994  1.00 35.11 ? 163 LEU A CD2 1 
ATOM   1261 N  N   . PRO A 1 165 ? 2.690   20.885  11.385  1.00 43.20 ? 164 PRO A N   1 
ATOM   1262 C  CA  . PRO A 1 165 ? 4.078   20.540  11.745  1.00 45.20 ? 164 PRO A CA  1 
ATOM   1263 C  C   . PRO A 1 165 ? 4.479   19.096  11.444  1.00 46.95 ? 164 PRO A C   1 
ATOM   1264 O  O   . PRO A 1 165 ? 3.716   18.172  11.700  1.00 47.67 ? 164 PRO A O   1 
ATOM   1265 C  CB  . PRO A 1 165 ? 4.071   20.681  13.252  1.00 45.19 ? 164 PRO A CB  1 
ATOM   1266 C  CG  . PRO A 1 165 ? 3.021   21.743  13.526  1.00 44.76 ? 164 PRO A CG  1 
ATOM   1267 C  CD  . PRO A 1 165 ? 1.962   21.541  12.481  1.00 43.59 ? 164 PRO A CD  1 
ATOM   1268 N  N   . GLU A 1 166 ? 5.699   18.900  10.949  1.00 48.81 ? 165 GLU A N   1 
ATOM   1269 C  CA  . GLU A 1 166 ? 6.277   17.546  10.859  1.00 49.35 ? 165 GLU A CA  1 
ATOM   1270 C  C   . GLU A 1 166 ? 7.496   17.436  11.778  1.00 50.00 ? 165 GLU A C   1 
ATOM   1271 O  O   . GLU A 1 166 ? 7.428   17.774  12.971  1.00 50.99 ? 165 GLU A O   1 
ATOM   1272 C  CB  . GLU A 1 166 ? 6.639   17.173  9.407   1.00 49.44 ? 165 GLU A CB  1 
HETATM 1273 CL CL  . CL  B 2 .   ? 0.755   -4.520  -17.606 1.00 42.37 ? 172 CL  A CL  1 
HETATM 1274 O  O   . HOH C 3 .   ? -0.896  9.614   6.391   1.00 14.36 ? 173 HOH A O   1 
HETATM 1275 O  O   . HOH C 3 .   ? 0.002   6.807   4.347   1.00 15.09 ? 174 HOH A O   1 
HETATM 1276 O  O   . HOH C 3 .   ? -4.869  2.385   5.559   1.00 15.84 ? 175 HOH A O   1 
HETATM 1277 O  O   . HOH C 3 .   ? 7.642   -4.226  -5.431  1.00 15.97 ? 176 HOH A O   1 
HETATM 1278 O  O   . HOH C 3 .   ? -2.826  2.973   -15.163 1.00 15.98 ? 177 HOH A O   1 
HETATM 1279 O  O   . HOH C 3 .   ? -1.652  13.757  11.450  1.00 16.53 ? 178 HOH A O   1 
HETATM 1280 O  O   . HOH C 3 .   ? -4.151  -2.424  19.353  1.00 16.56 ? 179 HOH A O   1 
HETATM 1281 O  O   . HOH C 3 .   ? -0.702  -7.114  15.493  1.00 17.02 ? 180 HOH A O   1 
HETATM 1282 O  O   . HOH C 3 .   ? -4.960  2.607   -16.958 1.00 17.12 ? 181 HOH A O   1 
HETATM 1283 O  O   . HOH C 3 .   ? -5.265  -6.461  20.410  0.50 17.14 ? 182 HOH A O   1 
HETATM 1284 O  O   . HOH C 3 .   ? -7.691  0.194   -21.113 1.00 17.36 ? 183 HOH A O   1 
HETATM 1285 O  O   . HOH C 3 .   ? -3.003  8.956   4.583   1.00 17.63 ? 184 HOH A O   1 
HETATM 1286 O  O   . HOH C 3 .   ? -7.958  -2.736  20.026  1.00 17.72 ? 185 HOH A O   1 
HETATM 1287 O  O   . HOH C 3 .   ? 9.048   -6.146  -4.084  1.00 17.99 ? 186 HOH A O   1 
HETATM 1288 O  O   . HOH C 3 .   ? -8.188  -12.039 3.173   0.50 18.05 ? 187 HOH A O   1 
HETATM 1289 O  O   . HOH C 3 .   ? 13.953  -6.830  -3.581  1.00 18.29 ? 188 HOH A O   1 
HETATM 1290 O  O   . HOH C 3 .   ? -3.654  5.845   -15.028 1.00 18.32 ? 189 HOH A O   1 
HETATM 1291 O  O   . HOH C 3 .   ? -0.783  2.723   -16.918 1.00 18.38 ? 190 HOH A O   1 
HETATM 1292 O  O   . HOH C 3 .   ? -1.491  -14.607 -2.460  1.00 18.52 ? 191 HOH A O   1 
HETATM 1293 O  O   . HOH C 3 .   ? -1.543  -14.239 2.778   1.00 18.66 ? 192 HOH A O   1 
HETATM 1294 O  O   . HOH C 3 .   ? -2.833  -6.317  17.123  1.00 18.92 ? 193 HOH A O   1 
HETATM 1295 O  O   . HOH C 3 .   ? 2.114   -9.916  -8.619  1.00 18.93 ? 194 HOH A O   1 
HETATM 1296 O  O   . HOH C 3 .   ? -2.272  -12.058 -1.345  1.00 18.93 ? 195 HOH A O   1 
HETATM 1297 O  O   . HOH C 3 .   ? 14.712  -7.599  -1.045  1.00 19.65 ? 196 HOH A O   1 
HETATM 1298 O  O   . HOH C 3 .   ? -2.494  4.005   5.481   1.00 19.72 ? 197 HOH A O   1 
HETATM 1299 O  O   . HOH C 3 .   ? -6.820  16.868  1.773   1.00 19.76 ? 198 HOH A O   1 
HETATM 1300 O  O   . HOH C 3 .   ? -8.622  8.306   19.132  1.00 19.98 ? 199 HOH A O   1 
HETATM 1301 O  O   . HOH C 3 .   ? 9.286   0.877   4.481   1.00 20.01 ? 200 HOH A O   1 
HETATM 1302 O  O   . HOH C 3 .   ? -6.847  9.898   20.565  1.00 20.12 ? 201 HOH A O   1 
HETATM 1303 O  O   . HOH C 3 .   ? -1.385  7.192   -15.612 1.00 20.30 ? 202 HOH A O   1 
HETATM 1304 O  O   . HOH C 3 .   ? -9.167  7.713   -21.921 1.00 20.50 ? 203 HOH A O   1 
HETATM 1305 O  O   . HOH C 3 .   ? 0.987   -16.203 -13.757 1.00 20.98 ? 204 HOH A O   1 
HETATM 1306 O  O   . HOH C 3 .   ? 1.577   7.702   19.157  1.00 21.03 ? 205 HOH A O   1 
HETATM 1307 O  O   . HOH C 3 .   ? -3.946  15.006  3.369   1.00 21.04 ? 206 HOH A O   1 
HETATM 1308 O  O   . HOH C 3 .   ? -4.646  10.585  19.295  1.00 21.18 ? 207 HOH A O   1 
HETATM 1309 O  O   . HOH C 3 .   ? -4.201  13.033  20.813  1.00 21.40 ? 208 HOH A O   1 
HETATM 1310 O  O   . HOH C 3 .   ? 8.957   -8.627  -5.636  1.00 21.56 ? 209 HOH A O   1 
HETATM 1311 O  O   . HOH C 3 .   ? 11.596  1.046   6.461   0.50 21.72 ? 210 HOH A O   1 
HETATM 1312 O  O   . HOH C 3 .   ? -1.926  9.765   -16.190 1.00 21.89 ? 211 HOH A O   1 
HETATM 1313 O  O   . HOH C 3 .   ? -0.061  3.044   5.476   1.00 22.34 ? 212 HOH A O   1 
HETATM 1314 O  O   . HOH C 3 .   ? 14.897  -10.222 -0.390  1.00 22.42 ? 213 HOH A O   1 
HETATM 1315 O  O   . HOH C 3 .   ? -2.696  -14.789 -5.160  1.00 22.50 ? 214 HOH A O   1 
HETATM 1316 O  O   . HOH C 3 .   ? -0.793  -11.517 12.397  1.00 22.68 ? 215 HOH A O   1 
HETATM 1317 O  O   . HOH C 3 .   ? 10.640  -0.272  8.439   1.00 22.69 ? 216 HOH A O   1 
HETATM 1318 O  O   . HOH C 3 .   ? 11.648  -5.576  -4.035  1.00 23.03 ? 217 HOH A O   1 
HETATM 1319 O  O   . HOH C 3 .   ? -11.286 -11.229 11.655  1.00 23.03 ? 218 HOH A O   1 
HETATM 1320 O  O   . HOH C 3 .   ? -1.976  14.378  5.304   1.00 23.16 ? 219 HOH A O   1 
HETATM 1321 O  O   . HOH C 3 .   ? -5.693  15.517  21.116  1.00 23.24 ? 220 HOH A O   1 
HETATM 1322 O  O   . HOH C 3 .   ? 0.098   -14.984 9.036   1.00 23.30 ? 221 HOH A O   1 
HETATM 1323 O  O   . HOH C 3 .   ? -1.119  15.151  13.649  1.00 23.79 ? 222 HOH A O   1 
HETATM 1324 O  O   . HOH C 3 .   ? -7.675  -11.335 12.949  1.00 24.00 ? 223 HOH A O   1 
HETATM 1325 O  O   . HOH C 3 .   ? 10.507  -2.879  14.187  1.00 24.06 ? 224 HOH A O   1 
HETATM 1326 O  O   . HOH C 3 .   ? 3.677   -14.662 -16.125 0.50 24.12 ? 225 HOH A O   1 
HETATM 1327 O  O   . HOH C 3 .   ? 8.164   2.947   14.560  1.00 24.28 ? 226 HOH A O   1 
HETATM 1328 O  O   . HOH C 3 .   ? -8.100  -16.556 4.866   0.50 24.44 ? 227 HOH A O   1 
HETATM 1329 O  O   . HOH C 3 .   ? 3.620   -16.056 -13.165 1.00 24.45 ? 228 HOH A O   1 
HETATM 1330 O  O   . HOH C 3 .   ? -14.524 -3.762  16.243  1.00 24.58 ? 229 HOH A O   1 
HETATM 1331 O  O   . HOH C 3 .   ? -6.855  10.988  -17.287 1.00 24.83 ? 230 HOH A O   1 
HETATM 1332 O  O   . HOH C 3 .   ? 3.932   7.876   -15.943 1.00 25.21 ? 231 HOH A O   1 
HETATM 1333 O  O   . HOH C 3 .   ? 5.490   -0.278  -19.018 1.00 25.22 ? 232 HOH A O   1 
HETATM 1334 O  O   . HOH C 3 .   ? 8.450   -2.453  -8.535  1.00 25.30 ? 233 HOH A O   1 
HETATM 1335 O  O   . HOH C 3 .   ? 1.725   -2.205  21.578  1.00 25.43 ? 234 HOH A O   1 
HETATM 1336 O  O   . HOH C 3 .   ? 0.537   4.491   -23.321 1.00 25.51 ? 235 HOH A O   1 
HETATM 1337 O  O   . HOH C 3 .   ? -2.965  13.477  -10.113 1.00 25.51 ? 236 HOH A O   1 
HETATM 1338 O  O   . HOH C 3 .   ? -3.418  21.669  1.504   1.00 25.90 ? 237 HOH A O   1 
HETATM 1339 O  O   . HOH C 3 .   ? 8.669   5.139   -9.738  1.00 26.33 ? 238 HOH A O   1 
HETATM 1340 O  O   . HOH C 3 .   ? -2.342  -14.276 16.050  1.00 26.43 ? 239 HOH A O   1 
HETATM 1341 O  O   . HOH C 3 .   ? 0.124   -9.139  -14.204 1.00 26.51 ? 240 HOH A O   1 
HETATM 1342 O  O   . HOH C 3 .   ? -5.566  -1.148  -22.559 1.00 26.55 ? 241 HOH A O   1 
HETATM 1343 O  O   . HOH C 3 .   ? 13.641  -9.475  9.369   1.00 26.56 ? 242 HOH A O   1 
HETATM 1344 O  O   . HOH C 3 .   ? -3.873  -12.875 0.815   1.00 26.87 ? 243 HOH A O   1 
HETATM 1345 O  O   . HOH C 3 .   ? -14.428 -8.004  12.603  1.00 27.35 ? 244 HOH A O   1 
HETATM 1346 O  O   . HOH C 3 .   ? -2.022  -5.206  19.661  1.00 27.49 ? 245 HOH A O   1 
HETATM 1347 O  O   . HOH C 3 .   ? -1.000  -9.236  19.702  1.00 27.91 ? 246 HOH A O   1 
HETATM 1348 O  O   . HOH C 3 .   ? -6.610  -9.517  -29.221 1.00 28.24 ? 247 HOH A O   1 
HETATM 1349 O  O   . HOH C 3 .   ? -3.426  17.000  -4.513  1.00 28.53 ? 248 HOH A O   1 
HETATM 1350 O  O   . HOH C 3 .   ? -2.639  -16.519 -1.130  1.00 28.73 ? 249 HOH A O   1 
HETATM 1351 O  O   . HOH C 3 .   ? -4.375  12.240  23.417  1.00 29.13 ? 250 HOH A O   1 
HETATM 1352 O  O   . HOH C 3 .   ? 5.594   -5.405  17.768  1.00 29.39 ? 251 HOH A O   1 
HETATM 1353 O  O   . HOH C 3 .   ? -0.653  8.252   -3.581  1.00 29.40 ? 252 HOH A O   1 
HETATM 1354 O  O   . HOH C 3 .   ? -7.686  20.080  12.793  1.00 29.62 ? 253 HOH A O   1 
HETATM 1355 O  O   . HOH C 3 .   ? -2.561  -13.358 13.527  1.00 29.84 ? 254 HOH A O   1 
HETATM 1356 O  O   . HOH C 3 .   ? 4.309   4.223   8.352   1.00 30.00 ? 255 HOH A O   1 
HETATM 1357 O  O   . HOH C 3 .   ? 6.528   -5.428  -14.084 1.00 30.29 ? 256 HOH A O   1 
HETATM 1358 O  O   . HOH C 3 .   ? 2.604   12.926  0.802   1.00 30.57 ? 257 HOH A O   1 
HETATM 1359 O  O   . HOH C 3 .   ? -5.516  3.784   22.538  1.00 30.60 ? 258 HOH A O   1 
HETATM 1360 O  O   . HOH C 3 .   ? -8.622  6.064   20.570  1.00 30.61 ? 259 HOH A O   1 
HETATM 1361 O  O   . HOH C 3 .   ? 2.128   11.511  18.515  1.00 30.81 ? 260 HOH A O   1 
HETATM 1362 O  O   . HOH C 3 .   ? -0.907  16.363  -2.648  1.00 30.82 ? 261 HOH A O   1 
HETATM 1363 O  O   . HOH C 3 .   ? -4.202  17.528  22.118  1.00 31.02 ? 262 HOH A O   1 
HETATM 1364 O  O   . HOH C 3 .   ? 5.920   2.126   -10.601 1.00 31.20 ? 263 HOH A O   1 
HETATM 1365 O  O   . HOH C 3 .   ? -8.054  3.458   21.011  1.00 31.49 ? 264 HOH A O   1 
HETATM 1366 O  O   . HOH C 3 .   ? -8.177  -9.170  17.703  1.00 31.69 ? 265 HOH A O   1 
HETATM 1367 O  O   . HOH C 3 .   ? 10.603  0.509   11.633  1.00 31.72 ? 266 HOH A O   1 
HETATM 1368 O  O   . HOH C 3 .   ? 9.981   -11.062 12.935  1.00 32.39 ? 267 HOH A O   1 
HETATM 1369 O  O   . HOH C 3 .   ? -0.800  19.050  7.099   1.00 32.43 ? 268 HOH A O   1 
HETATM 1370 O  O   . HOH C 3 .   ? -4.803  1.784   -25.417 1.00 32.51 ? 269 HOH A O   1 
HETATM 1371 O  O   . HOH C 3 .   ? 2.055   1.464   3.135   1.00 32.54 ? 270 HOH A O   1 
HETATM 1372 O  O   . HOH C 3 .   ? -1.016  16.627  5.681   1.00 32.56 ? 271 HOH A O   1 
HETATM 1373 O  O   . HOH C 3 .   ? 10.908  -10.503 -6.394  1.00 32.61 ? 272 HOH A O   1 
HETATM 1374 O  O   . HOH C 3 .   ? 1.626   7.167   -8.184  1.00 32.62 ? 273 HOH A O   1 
HETATM 1375 O  O   . HOH C 3 .   ? 2.389   -19.223 3.594   1.00 32.67 ? 274 HOH A O   1 
HETATM 1376 O  O   . HOH C 3 .   ? 0.027   -17.337 -4.706  1.00 32.86 ? 275 HOH A O   1 
HETATM 1377 O  O   . HOH C 3 .   ? 10.822  -14.142 -2.030  1.00 32.89 ? 276 HOH A O   1 
HETATM 1378 O  O   . HOH C 3 .   ? 11.804  8.382   10.349  1.00 32.97 ? 277 HOH A O   1 
HETATM 1379 O  O   . HOH C 3 .   ? -5.803  -14.855 4.765   1.00 33.08 ? 278 HOH A O   1 
HETATM 1380 O  O   . HOH C 3 .   ? 7.487   -4.770  -7.995  1.00 33.12 ? 279 HOH A O   1 
HETATM 1381 O  O   . HOH C 3 .   ? 6.098   -7.877  -12.935 1.00 33.69 ? 280 HOH A O   1 
HETATM 1382 O  O   . HOH C 3 .   ? 1.401   7.512   -2.637  1.00 33.92 ? 281 HOH A O   1 
HETATM 1383 O  O   . HOH C 3 .   ? 7.253   -3.445  17.530  1.00 34.50 ? 282 HOH A O   1 
HETATM 1384 O  O   . HOH C 3 .   ? 7.630   -13.593 9.121   1.00 34.71 ? 283 HOH A O   1 
HETATM 1385 O  O   . HOH C 3 .   ? -1.038  20.076  -0.608  1.00 34.92 ? 284 HOH A O   1 
HETATM 1386 O  O   . HOH C 3 .   ? 5.590   12.441  8.476   1.00 35.12 ? 285 HOH A O   1 
HETATM 1387 O  O   . HOH C 3 .   ? 1.718   4.847   4.478   1.00 35.22 ? 286 HOH A O   1 
HETATM 1388 O  O   . HOH C 3 .   ? 2.161   15.097  4.451   1.00 35.26 ? 287 HOH A O   1 
HETATM 1389 O  O   . HOH C 3 .   ? -8.460  24.312  8.283   1.00 35.32 ? 288 HOH A O   1 
HETATM 1390 O  O   . HOH C 3 .   ? -9.512  -10.906 4.552   1.00 35.32 ? 289 HOH A O   1 
HETATM 1391 O  O   . HOH C 3 .   ? 5.398   0.955   -3.185  1.00 35.47 ? 290 HOH A O   1 
HETATM 1392 O  O   . HOH C 3 .   ? -9.923  -13.197 5.760   1.00 35.53 ? 291 HOH A O   1 
HETATM 1393 O  O   . HOH C 3 .   ? -0.001  13.909  -2.839  1.00 35.59 ? 292 HOH A O   1 
HETATM 1394 O  O   . HOH C 3 .   ? -6.095  15.621  -11.268 1.00 35.69 ? 293 HOH A O   1 
HETATM 1395 O  O   . HOH C 3 .   ? -3.137  -8.905  -24.619 1.00 36.00 ? 294 HOH A O   1 
HETATM 1396 O  O   . HOH C 3 .   ? -2.014  10.195  -18.782 1.00 36.01 ? 295 HOH A O   1 
HETATM 1397 O  O   . HOH C 3 .   ? 5.798   -20.147 5.221   1.00 36.14 ? 296 HOH A O   1 
HETATM 1398 O  O   . HOH C 3 .   ? 5.023   4.988   19.121  1.00 36.48 ? 297 HOH A O   1 
HETATM 1399 O  O   . HOH C 3 .   ? 15.701  -9.310  7.646   1.00 36.51 ? 298 HOH A O   1 
HETATM 1400 O  O   . HOH C 3 .   ? -5.499  22.694  0.150   1.00 36.63 ? 299 HOH A O   1 
HETATM 1401 O  O   . HOH C 3 .   ? -2.799  16.986  -8.867  1.00 36.71 ? 300 HOH A O   1 
HETATM 1402 O  O   . HOH C 3 .   ? 5.264   -10.132 18.369  1.00 37.14 ? 301 HOH A O   1 
HETATM 1403 O  O   . HOH C 3 .   ? -3.902  -3.409  -23.640 1.00 37.25 ? 302 HOH A O   1 
HETATM 1404 O  O   . HOH C 3 .   ? 0.237   -14.571 17.456  1.00 37.55 ? 303 HOH A O   1 
HETATM 1405 O  O   . HOH C 3 .   ? 5.686   8.873   -14.060 1.00 37.93 ? 304 HOH A O   1 
HETATM 1406 O  O   . HOH C 3 .   ? -6.201  13.415  -14.527 1.00 37.99 ? 305 HOH A O   1 
HETATM 1407 O  O   . HOH C 3 .   ? -0.622  18.459  15.292  1.00 38.12 ? 306 HOH A O   1 
HETATM 1408 O  O   . HOH C 3 .   ? 8.413   5.415   14.578  1.00 38.23 ? 307 HOH A O   1 
HETATM 1409 O  O   . HOH C 3 .   ? -3.673  9.526   23.557  1.00 38.60 ? 308 HOH A O   1 
HETATM 1410 O  O   . HOH C 3 .   ? 6.927   -15.511 15.416  1.00 38.72 ? 309 HOH A O   1 
HETATM 1411 O  O   . HOH C 3 .   ? 9.790   -17.472 3.164   1.00 38.89 ? 310 HOH A O   1 
HETATM 1412 O  O   . HOH C 3 .   ? 1.607   -17.265 8.679   1.00 39.18 ? 311 HOH A O   1 
HETATM 1413 O  O   . HOH C 3 .   ? 12.335  5.423   11.627  1.00 39.46 ? 312 HOH A O   1 
HETATM 1414 O  O   . HOH C 3 .   ? 2.402   -21.054 1.765   1.00 39.53 ? 313 HOH A O   1 
HETATM 1415 O  O   . HOH C 3 .   ? -3.918  -8.842  18.521  1.00 40.12 ? 314 HOH A O   1 
HETATM 1416 O  O   . HOH C 3 .   ? -5.472  18.630  -5.325  1.00 40.21 ? 315 HOH A O   1 
HETATM 1417 O  O   . HOH C 3 .   ? 2.499   3.513   6.628   1.00 40.26 ? 316 HOH A O   1 
HETATM 1418 O  O   . HOH C 3 .   ? -8.778  23.318  11.834  1.00 40.47 ? 317 HOH A O   1 
HETATM 1419 O  O   . HOH C 3 .   ? -3.882  4.508   -25.637 1.00 40.88 ? 318 HOH A O   1 
HETATM 1420 O  O   . HOH C 3 .   ? 10.736  2.671   -12.311 1.00 40.99 ? 319 HOH A O   1 
HETATM 1421 O  O   . HOH C 3 .   ? -8.196  10.023  -21.954 1.00 41.43 ? 320 HOH A O   1 
HETATM 1422 O  O   . HOH C 3 .   ? 10.233  -13.468 7.566   1.00 41.86 ? 321 HOH A O   1 
HETATM 1423 O  O   . HOH C 3 .   ? 13.890  -5.451  11.846  1.00 41.95 ? 322 HOH A O   1 
HETATM 1424 O  O   . HOH C 3 .   ? 16.451  -7.256  5.840   1.00 42.15 ? 323 HOH A O   1 
HETATM 1425 O  O   . HOH C 3 .   ? 1.851   17.599  14.107  1.00 42.79 ? 324 HOH A O   1 
HETATM 1426 O  O   . HOH C 3 .   ? 2.603   2.683   21.665  1.00 43.20 ? 325 HOH A O   1 
HETATM 1427 O  O   . HOH C 3 .   ? 7.060   5.783   -16.727 1.00 43.23 ? 326 HOH A O   1 
HETATM 1428 O  O   . HOH C 3 .   ? 0.465   16.093  21.882  1.00 43.72 ? 327 HOH A O   1 
HETATM 1429 O  O   . HOH C 3 .   ? -4.039  -1.793  -27.631 1.00 43.73 ? 328 HOH A O   1 
HETATM 1430 O  O   . HOH C 3 .   ? -4.818  1.290   23.201  1.00 43.81 ? 329 HOH A O   1 
HETATM 1431 O  O   . HOH C 3 .   ? -0.925  4.319   -25.602 1.00 43.88 ? 330 HOH A O   1 
HETATM 1432 O  O   . HOH C 3 .   ? 5.425   11.816  15.162  1.00 44.01 ? 331 HOH A O   1 
HETATM 1433 O  O   . HOH C 3 .   ? 2.765   10.733  -10.659 1.00 44.37 ? 332 HOH A O   1 
HETATM 1434 O  O   . HOH C 3 .   ? -6.316  24.874  17.319  1.00 44.55 ? 333 HOH A O   1 
HETATM 1435 O  O   . HOH C 3 .   ? 7.415   -13.582 17.124  1.00 44.80 ? 334 HOH A O   1 
HETATM 1436 O  O   . HOH C 3 .   ? 3.594   6.257   0.358   1.00 44.86 ? 335 HOH A O   1 
HETATM 1437 O  O   . HOH C 3 .   ? -3.069  -15.626 10.985  1.00 45.76 ? 336 HOH A O   1 
HETATM 1438 O  O   . HOH C 3 .   ? 5.216   12.240  11.127  1.00 45.77 ? 337 HOH A O   1 
HETATM 1439 O  O   . HOH C 3 .   ? -1.723  -2.621  22.449  1.00 45.93 ? 338 HOH A O   1 
HETATM 1440 O  O   . HOH C 3 .   ? -0.383  3.677   23.617  1.00 46.06 ? 339 HOH A O   1 
HETATM 1441 O  O   . HOH C 3 .   ? -5.958  -16.950 7.817   1.00 46.23 ? 340 HOH A O   1 
HETATM 1442 O  O   . HOH C 3 .   ? 3.814   -11.769 20.496  1.00 46.40 ? 341 HOH A O   1 
HETATM 1443 O  O   . HOH C 3 .   ? 11.327  0.166   -13.490 1.00 46.80 ? 342 HOH A O   1 
HETATM 1444 O  O   . HOH C 3 .   ? 3.087   16.333  6.704   1.00 46.85 ? 343 HOH A O   1 
HETATM 1445 O  O   . HOH C 3 .   ? -3.725  -5.443  -30.142 1.00 46.89 ? 344 HOH A O   1 
HETATM 1446 O  O   . HOH C 3 .   ? -11.714 8.251   19.768  1.00 47.65 ? 345 HOH A O   1 
HETATM 1447 O  O   . HOH C 3 .   ? 13.003  -2.281  -13.330 1.00 48.23 ? 346 HOH A O   1 
HETATM 1448 O  O   . HOH C 3 .   ? 2.882   12.570  22.667  1.00 48.29 ? 347 HOH A O   1 
HETATM 1449 O  O   . HOH C 3 .   ? 2.687   14.530  15.425  1.00 49.02 ? 348 HOH A O   1 
HETATM 1450 O  O   . HOH C 3 .   ? -0.129  13.567  -10.597 1.00 49.31 ? 349 HOH A O   1 
HETATM 1451 O  O   . HOH C 3 .   ? -9.269  23.409  15.326  1.00 49.32 ? 350 HOH A O   1 
HETATM 1452 O  O   . HOH C 3 .   ? 3.361   9.407   19.332  1.00 50.35 ? 351 HOH A O   1 
HETATM 1453 O  O   . HOH C 3 .   ? 4.984   -17.148 12.396  1.00 50.52 ? 352 HOH A O   1 
HETATM 1454 O  O   . HOH C 3 .   ? -3.345  26.620  14.297  1.00 50.70 ? 353 HOH A O   1 
HETATM 1455 O  O   . HOH C 3 .   ? -1.353  23.657  11.274  1.00 50.90 ? 354 HOH A O   1 
HETATM 1456 O  O   . HOH C 3 .   ? 2.678   15.060  -1.131  1.00 51.67 ? 355 HOH A O   1 
HETATM 1457 O  O   . HOH C 3 .   ? -9.455  24.708  6.002   1.00 51.87 ? 356 HOH A O   1 
HETATM 1458 O  O   . HOH C 3 .   ? 6.638   -15.928 10.748  1.00 52.26 ? 357 HOH A O   1 
HETATM 1459 O  O   . HOH C 3 .   ? 2.559   24.288  9.476   1.00 53.19 ? 358 HOH A O   1 
HETATM 1460 O  O   . HOH C 3 .   ? 5.607   14.325  -12.433 1.00 54.47 ? 359 HOH A O   1 
HETATM 1461 O  O   . HOH C 3 .   ? 2.326   -9.191  22.257  1.00 55.37 ? 360 HOH A O   1 
# 
